data_3AZP
#
_entry.id   3AZP
#
_cell.length_a   84.110
_cell.length_b   142.620
_cell.length_c   156.300
_cell.angle_alpha   90.00
_cell.angle_beta   90.00
_cell.angle_gamma   90.00
#
_symmetry.space_group_name_H-M   'P 21 21 21'
#
loop_
_entity.id
_entity.type
_entity.pdbx_description
1 polymer Aminopeptidase
2 non-polymer 'SULFATE ION'
3 water water
#
_entity_poly.entity_id   1
_entity_poly.type   'polypeptide(L)'
_entity_poly.pdbx_seq_one_letter_code
;MVSTAPYGAWQSPIDAALVASRSGRPACVGAVGDEVWWVAPRPAEAGRATLVRRRADGAEESALPAPWNVRNRVFEYSGF
PWAGVPRPAGGPLLVFTHFGDQRLYAFEPDAPGGAVPRPLTPVSAVGGGLRWADPVLLPERGEVWCMAEEFTGEGPSDVR
RFLAAVPLDGSAAADRSAVRELSDDAHRFVTGPRLSPDGRQAVWLAWDHPRMPWEGTELKTARVTEDGRFADTRTLLGGP
EEAIAQAEWAPDGSLIVATDRTGWWNLHRVDPATGAATQLCRREEEFAGPLWTPGMRWFAPLANGLIAVVHGKGAAVLGI
LDPESGELVDAAGPWTEWAATLTVSGTRAVGVAASPRTAYEVVELDTVTGRARTIGARHTDPVDPAYYPEPQIRTFTAPD
GREIHAHIYPPHSPDFTGPADELPPYVVMAHGGPTSRVPAVLDLDVAYFTSRGIGVADVNYGGSTGYGRAYRERLRGRWG
VVDVEDCAAVATALAEEGTADRARLAVRGGAAGGWTAASSLVSTDVYACGTVLYPVLDLLGWADGGTHDFESRYLDFLIG
SFEEFPERYRDRAPLTRADRVRVPFLLLQGLEDPVCPPEQCDRFLEAVAGCGVPHAYLSFEGEGHGFRRKETMVRALEAE
LSLYAQVFGVEVAGVPLLKLGE
;
_entity_poly.pdbx_strand_id   A,B
#
loop_
_chem_comp.id
_chem_comp.type
_chem_comp.name
_chem_comp.formula
SO4 non-polymer 'SULFATE ION' 'O4 S -2'
#
# COMPACT_ATOMS: atom_id res chain seq x y z
N VAL A 2 -0.56 56.86 9.13
CA VAL A 2 -1.75 56.41 9.90
C VAL A 2 -2.52 57.61 10.42
N SER A 3 -3.85 57.53 10.36
CA SER A 3 -4.70 58.61 10.84
C SER A 3 -5.87 58.02 11.61
N THR A 4 -6.58 58.88 12.33
CA THR A 4 -7.73 58.44 13.11
C THR A 4 -9.03 58.65 12.34
N ALA A 5 -9.91 57.67 12.39
CA ALA A 5 -11.20 57.77 11.70
C ALA A 5 -12.22 56.91 12.44
N PRO A 6 -13.50 57.27 12.35
CA PRO A 6 -14.57 56.51 13.01
C PRO A 6 -14.53 55.04 12.60
N TYR A 7 -14.80 54.14 13.53
CA TYR A 7 -14.80 52.72 13.22
C TYR A 7 -15.84 52.41 12.16
N GLY A 8 -15.45 51.65 11.13
CA GLY A 8 -16.36 51.31 10.06
C GLY A 8 -16.24 52.22 8.84
N ALA A 9 -15.59 53.37 9.00
CA ALA A 9 -15.41 54.31 7.90
C ALA A 9 -14.01 54.29 7.30
N TRP A 10 -13.17 53.37 7.76
CA TRP A 10 -11.80 53.30 7.23
C TRP A 10 -11.76 52.89 5.76
N GLN A 11 -10.87 53.53 5.02
CA GLN A 11 -10.69 53.22 3.61
C GLN A 11 -9.99 51.86 3.53
N SER A 12 -10.56 50.95 2.77
CA SER A 12 -10.00 49.61 2.61
C SER A 12 -9.80 49.24 1.16
N PRO A 13 -8.67 48.59 0.84
CA PRO A 13 -8.38 48.18 -0.54
C PRO A 13 -9.15 46.91 -0.91
N ILE A 14 -9.89 46.37 0.04
CA ILE A 14 -10.66 45.15 -0.18
C ILE A 14 -12.11 45.42 -0.54
N ASP A 15 -12.45 45.33 -1.83
CA ASP A 15 -13.83 45.56 -2.23
C ASP A 15 -14.58 44.23 -2.39
N ALA A 16 -15.90 44.30 -2.42
CA ALA A 16 -16.74 43.11 -2.53
C ALA A 16 -16.42 42.29 -3.78
N ALA A 17 -15.97 42.96 -4.85
CA ALA A 17 -15.65 42.27 -6.08
C ALA A 17 -14.44 41.36 -5.86
N LEU A 18 -13.46 41.85 -5.10
CA LEU A 18 -12.27 41.05 -4.81
C LEU A 18 -12.72 39.87 -3.95
N VAL A 19 -13.53 40.15 -2.95
CA VAL A 19 -14.02 39.10 -2.06
C VAL A 19 -14.69 37.97 -2.85
N ALA A 20 -15.61 38.34 -3.75
CA ALA A 20 -16.32 37.35 -4.56
C ALA A 20 -15.34 36.56 -5.43
N SER A 21 -14.46 37.28 -6.10
CA SER A 21 -13.48 36.67 -6.98
C SER A 21 -12.64 35.58 -6.31
N ARG A 22 -12.27 35.81 -5.05
CA ARG A 22 -11.45 34.84 -4.32
C ARG A 22 -12.24 33.86 -3.45
N SER A 23 -13.57 33.90 -3.52
CA SER A 23 -14.36 32.99 -2.69
C SER A 23 -14.16 31.52 -3.06
N GLY A 24 -14.58 30.64 -2.16
CA GLY A 24 -14.44 29.22 -2.41
C GLY A 24 -13.05 28.67 -2.16
N ARG A 25 -12.86 27.39 -2.43
CA ARG A 25 -11.56 26.76 -2.22
C ARG A 25 -11.43 25.48 -3.03
N PRO A 26 -10.20 24.97 -3.17
CA PRO A 26 -10.06 23.73 -3.93
C PRO A 26 -10.86 22.70 -3.13
N ALA A 27 -11.46 21.74 -3.81
CA ALA A 27 -12.25 20.72 -3.12
C ALA A 27 -12.16 19.38 -3.82
N CYS A 28 -12.54 18.32 -3.11
CA CYS A 28 -12.53 16.97 -3.68
C CYS A 28 -11.24 16.64 -4.42
N VAL A 29 -10.12 16.75 -3.71
CA VAL A 29 -8.81 16.48 -4.30
C VAL A 29 -8.67 14.97 -4.57
N GLY A 30 -7.89 14.61 -5.57
CA GLY A 30 -7.71 13.20 -5.87
C GLY A 30 -6.57 12.95 -6.83
N ALA A 31 -5.80 11.91 -6.56
CA ALA A 31 -4.67 11.57 -7.43
C ALA A 31 -5.08 10.64 -8.55
N VAL A 32 -4.50 10.84 -9.73
CA VAL A 32 -4.78 10.01 -10.90
C VAL A 32 -3.41 9.75 -11.52
N GLY A 33 -2.81 8.61 -11.16
CA GLY A 33 -1.49 8.31 -11.67
C GLY A 33 -0.52 9.30 -11.02
N ASP A 34 0.25 10.01 -11.84
CA ASP A 34 1.20 10.99 -11.32
C ASP A 34 0.60 12.39 -11.37
N GLU A 35 -0.71 12.44 -11.53
CA GLU A 35 -1.42 13.72 -11.60
C GLU A 35 -2.25 13.93 -10.35
N VAL A 36 -2.63 15.17 -10.10
CA VAL A 36 -3.47 15.51 -8.96
C VAL A 36 -4.59 16.41 -9.50
N TRP A 37 -5.83 16.02 -9.24
CA TRP A 37 -6.98 16.78 -9.71
C TRP A 37 -7.85 17.23 -8.52
N TRP A 38 -8.61 18.28 -8.73
CA TRP A 38 -9.53 18.78 -7.71
C TRP A 38 -10.56 19.70 -8.33
N VAL A 39 -11.65 19.95 -7.60
CA VAL A 39 -12.70 20.82 -8.06
C VAL A 39 -12.42 22.25 -7.61
N ALA A 40 -12.53 23.20 -8.52
CA ALA A 40 -12.29 24.61 -8.20
C ALA A 40 -13.47 25.47 -8.65
N PRO A 41 -13.78 26.51 -7.87
CA PRO A 41 -14.89 27.41 -8.21
C PRO A 41 -14.50 28.43 -9.28
N ARG A 42 -15.49 28.85 -10.06
CA ARG A 42 -15.30 29.85 -11.10
C ARG A 42 -16.49 30.81 -11.00
N PRO A 43 -16.52 31.61 -9.92
CA PRO A 43 -17.60 32.57 -9.66
C PRO A 43 -17.95 33.51 -10.81
N ALA A 44 -16.96 33.90 -11.61
CA ALA A 44 -17.22 34.80 -12.73
C ALA A 44 -17.68 34.05 -13.99
N GLU A 45 -17.73 32.73 -13.90
CA GLU A 45 -18.19 31.91 -15.03
C GLU A 45 -19.54 31.28 -14.66
N ALA A 46 -20.53 32.15 -14.47
CA ALA A 46 -21.88 31.73 -14.09
C ALA A 46 -21.90 30.89 -12.81
N GLY A 47 -20.91 31.12 -11.95
CA GLY A 47 -20.84 30.39 -10.70
C GLY A 47 -20.60 28.90 -10.81
N ARG A 48 -20.05 28.45 -11.93
CA ARG A 48 -19.81 27.03 -12.14
C ARG A 48 -18.57 26.59 -11.38
N ALA A 49 -18.38 25.27 -11.31
CA ALA A 49 -17.19 24.71 -10.68
C ALA A 49 -16.52 23.93 -11.81
N THR A 50 -15.20 23.92 -11.85
CA THR A 50 -14.53 23.18 -12.91
C THR A 50 -13.55 22.18 -12.31
N LEU A 51 -12.94 21.38 -13.18
CA LEU A 51 -11.95 20.43 -12.74
C LEU A 51 -10.59 21.03 -13.09
N VAL A 52 -9.65 20.92 -12.17
CA VAL A 52 -8.30 21.42 -12.39
C VAL A 52 -7.36 20.22 -12.44
N ARG A 53 -6.46 20.21 -13.41
CA ARG A 53 -5.51 19.12 -13.59
C ARG A 53 -4.11 19.63 -13.32
N ARG A 54 -3.43 19.03 -12.35
CA ARG A 54 -2.07 19.42 -11.99
C ARG A 54 -1.11 18.30 -12.41
N ARG A 55 -0.27 18.58 -13.40
CA ARG A 55 0.67 17.59 -13.90
C ARG A 55 1.89 17.46 -13.00
N ALA A 56 2.57 16.32 -13.09
CA ALA A 56 3.75 16.05 -12.27
C ALA A 56 4.79 17.16 -12.34
N ASP A 57 4.93 17.76 -13.52
CA ASP A 57 5.91 18.82 -13.70
C ASP A 57 5.41 20.16 -13.19
N GLY A 58 4.26 20.17 -12.54
CA GLY A 58 3.73 21.42 -12.03
C GLY A 58 2.69 22.13 -12.87
N ALA A 59 2.53 21.72 -14.13
CA ALA A 59 1.53 22.34 -15.00
C ALA A 59 0.20 22.25 -14.25
N GLU A 60 -0.53 23.37 -14.21
CA GLU A 60 -1.80 23.44 -13.48
C GLU A 60 -2.81 24.25 -14.30
N GLU A 61 -3.84 23.60 -14.82
CA GLU A 61 -4.85 24.28 -15.63
C GLU A 61 -6.23 23.67 -15.49
N SER A 62 -7.27 24.45 -15.80
CA SER A 62 -8.64 23.97 -15.78
C SER A 62 -8.73 22.92 -16.88
N ALA A 63 -9.43 21.82 -16.63
CA ALA A 63 -9.55 20.76 -17.64
C ALA A 63 -10.86 20.80 -18.40
N LEU A 64 -11.81 21.58 -17.91
CA LEU A 64 -13.11 21.71 -18.56
C LEU A 64 -13.52 23.17 -18.72
N PRO A 65 -13.93 23.56 -19.92
CA PRO A 65 -14.33 24.94 -20.14
C PRO A 65 -15.80 25.14 -19.79
N ALA A 66 -16.23 26.39 -19.66
CA ALA A 66 -17.63 26.68 -19.39
C ALA A 66 -18.35 26.15 -20.63
N PRO A 67 -19.63 25.80 -20.52
CA PRO A 67 -20.50 25.82 -19.34
C PRO A 67 -20.49 24.57 -18.45
N TRP A 68 -19.55 23.65 -18.67
CA TRP A 68 -19.51 22.44 -17.84
C TRP A 68 -19.43 22.86 -16.37
N ASN A 69 -20.28 22.28 -15.55
CA ASN A 69 -20.36 22.62 -14.13
C ASN A 69 -20.19 21.35 -13.30
N VAL A 70 -19.04 21.19 -12.69
CA VAL A 70 -18.76 19.99 -11.89
C VAL A 70 -19.40 20.04 -10.50
N ARG A 71 -20.66 19.63 -10.43
CA ARG A 71 -21.39 19.61 -9.17
C ARG A 71 -22.67 18.81 -9.40
N ASN A 72 -23.18 18.16 -8.36
CA ASN A 72 -24.42 17.41 -8.49
C ASN A 72 -25.35 17.78 -7.34
N ARG A 73 -26.56 17.26 -7.37
CA ARG A 73 -27.53 17.57 -6.32
C ARG A 73 -27.81 16.43 -5.33
N VAL A 74 -26.88 15.47 -5.21
CA VAL A 74 -27.08 14.38 -4.27
C VAL A 74 -27.14 15.02 -2.87
N PHE A 75 -28.14 14.65 -2.07
CA PHE A 75 -28.32 15.20 -0.73
C PHE A 75 -28.43 16.72 -0.86
N GLU A 76 -28.66 17.18 -2.08
CA GLU A 76 -28.75 18.60 -2.40
C GLU A 76 -27.46 19.36 -2.07
N TYR A 77 -26.48 18.69 -1.47
CA TYR A 77 -25.22 19.35 -1.14
C TYR A 77 -24.08 18.97 -2.08
N SER A 78 -24.29 17.93 -2.88
CA SER A 78 -23.30 17.45 -3.86
C SER A 78 -22.27 16.44 -3.34
N GLY A 79 -22.43 15.18 -3.73
CA GLY A 79 -21.49 14.14 -3.31
C GLY A 79 -20.25 14.20 -4.19
N PHE A 80 -19.17 13.51 -3.81
CA PHE A 80 -17.93 13.54 -4.60
C PHE A 80 -18.37 13.41 -6.06
N PRO A 81 -18.16 14.48 -6.85
CA PRO A 81 -18.53 14.63 -8.25
C PRO A 81 -17.68 14.08 -9.40
N TRP A 82 -16.58 13.41 -9.11
CA TRP A 82 -15.75 12.92 -10.21
C TRP A 82 -14.86 11.77 -9.78
N ALA A 83 -14.23 11.15 -10.79
CA ALA A 83 -13.31 10.02 -10.57
C ALA A 83 -12.38 9.97 -11.78
N GLY A 84 -11.22 9.35 -11.61
CA GLY A 84 -10.28 9.26 -12.72
C GLY A 84 -9.23 8.19 -12.51
N VAL A 85 -8.84 7.52 -13.59
CA VAL A 85 -7.82 6.47 -13.53
C VAL A 85 -6.80 6.70 -14.62
N PRO A 86 -5.52 6.43 -14.32
CA PRO A 86 -4.48 6.61 -15.33
C PRO A 86 -4.56 5.41 -16.25
N ARG A 87 -4.03 5.52 -17.46
CA ARG A 87 -4.06 4.39 -18.38
C ARG A 87 -2.72 4.27 -19.08
N PRO A 88 -2.38 3.07 -19.56
CA PRO A 88 -1.10 2.86 -20.24
C PRO A 88 -0.94 3.76 -21.47
N ALA A 89 -2.05 4.01 -22.17
CA ALA A 89 -2.02 4.86 -23.36
C ALA A 89 -3.30 5.67 -23.52
N GLY A 90 -3.17 6.84 -24.13
CA GLY A 90 -4.32 7.71 -24.35
C GLY A 90 -4.63 8.71 -23.25
N GLY A 91 -3.78 8.75 -22.23
CA GLY A 91 -4.03 9.67 -21.13
C GLY A 91 -5.05 9.08 -20.17
N PRO A 92 -5.40 9.81 -19.11
CA PRO A 92 -6.37 9.29 -18.14
C PRO A 92 -7.84 9.34 -18.58
N LEU A 93 -8.65 8.49 -17.96
CA LEU A 93 -10.08 8.47 -18.22
C LEU A 93 -10.75 9.13 -17.01
N LEU A 94 -11.61 10.11 -17.26
CA LEU A 94 -12.29 10.78 -16.18
C LEU A 94 -13.79 10.82 -16.35
N VAL A 95 -14.50 10.94 -15.22
CA VAL A 95 -15.95 11.04 -15.24
C VAL A 95 -16.30 12.14 -14.24
N PHE A 96 -17.38 12.85 -14.51
CA PHE A 96 -17.80 13.91 -13.61
C PHE A 96 -19.29 14.12 -13.79
N THR A 97 -19.92 14.71 -12.78
CA THR A 97 -21.34 14.99 -12.85
C THR A 97 -21.52 16.43 -13.27
N HIS A 98 -22.29 16.66 -14.34
CA HIS A 98 -22.56 18.01 -14.82
C HIS A 98 -23.82 18.48 -14.13
N PHE A 99 -23.73 19.61 -13.44
CA PHE A 99 -24.86 20.18 -12.70
C PHE A 99 -26.10 20.48 -13.55
N GLY A 100 -25.86 20.99 -14.77
CA GLY A 100 -26.96 21.34 -15.65
C GLY A 100 -28.02 20.28 -15.87
N ASP A 101 -27.61 19.05 -16.14
CA ASP A 101 -28.56 17.98 -16.39
C ASP A 101 -28.38 16.81 -15.42
N GLN A 102 -27.51 17.00 -14.43
CA GLN A 102 -27.25 15.98 -13.42
C GLN A 102 -26.74 14.64 -13.97
N ARG A 103 -26.30 14.64 -15.23
CA ARG A 103 -25.80 13.40 -15.82
C ARG A 103 -24.32 13.19 -15.56
N LEU A 104 -23.92 11.92 -15.56
CA LEU A 104 -22.54 11.54 -15.36
C LEU A 104 -21.94 11.54 -16.77
N TYR A 105 -20.77 12.17 -16.92
CA TYR A 105 -20.09 12.24 -18.20
C TYR A 105 -18.69 11.65 -18.14
N ALA A 106 -18.21 11.19 -19.28
CA ALA A 106 -16.87 10.64 -19.38
C ALA A 106 -16.13 11.52 -20.38
N PHE A 107 -14.84 11.73 -20.14
CA PHE A 107 -14.04 12.50 -21.06
C PHE A 107 -12.57 12.13 -20.92
N GLU A 108 -11.82 12.32 -21.98
CA GLU A 108 -10.40 12.00 -22.00
C GLU A 108 -9.67 13.28 -22.38
N PRO A 109 -9.04 13.93 -21.38
CA PRO A 109 -8.31 15.19 -21.60
C PRO A 109 -7.21 15.14 -22.65
N ASP A 110 -6.57 13.99 -22.81
CA ASP A 110 -5.48 13.90 -23.79
C ASP A 110 -5.86 13.30 -25.13
N ALA A 111 -7.15 13.16 -25.38
CA ALA A 111 -7.60 12.60 -26.66
C ALA A 111 -7.38 13.66 -27.74
N PRO A 112 -7.04 13.22 -28.96
CA PRO A 112 -6.84 14.22 -30.01
C PRO A 112 -8.12 15.03 -30.13
N GLY A 113 -7.98 16.35 -30.15
CA GLY A 113 -9.15 17.21 -30.22
C GLY A 113 -9.42 17.81 -28.85
N GLY A 114 -8.97 17.12 -27.81
CA GLY A 114 -9.17 17.62 -26.46
C GLY A 114 -10.38 17.03 -25.75
N ALA A 115 -10.62 17.48 -24.53
CA ALA A 115 -11.74 17.01 -23.73
C ALA A 115 -13.09 17.20 -24.43
N VAL A 116 -13.79 16.10 -24.64
CA VAL A 116 -15.11 16.12 -25.25
C VAL A 116 -15.99 15.21 -24.40
N PRO A 117 -16.66 15.78 -23.39
CA PRO A 117 -17.52 15.00 -22.51
C PRO A 117 -18.62 14.23 -23.23
N ARG A 118 -18.80 12.96 -22.87
CA ARG A 118 -19.84 12.14 -23.45
C ARG A 118 -20.70 11.59 -22.31
N PRO A 119 -22.03 11.71 -22.42
CA PRO A 119 -22.97 11.24 -21.38
C PRO A 119 -23.02 9.72 -21.20
N LEU A 120 -23.14 9.29 -19.95
CA LEU A 120 -23.19 7.86 -19.63
C LEU A 120 -24.51 7.44 -18.98
N THR A 121 -25.24 8.41 -18.44
CA THR A 121 -26.48 8.13 -17.74
C THR A 121 -27.75 8.70 -18.36
N PRO A 122 -28.89 8.01 -18.15
CA PRO A 122 -30.20 8.43 -18.66
C PRO A 122 -30.85 9.46 -17.74
N VAL A 123 -31.84 10.17 -18.24
CA VAL A 123 -32.53 11.17 -17.45
C VAL A 123 -33.97 10.77 -17.16
N SER A 124 -34.60 11.47 -16.21
CA SER A 124 -35.98 11.17 -15.82
C SER A 124 -36.76 12.45 -15.50
N ALA A 125 -38.01 12.49 -15.94
CA ALA A 125 -38.88 13.64 -15.71
C ALA A 125 -39.73 13.45 -14.44
N VAL A 126 -39.45 12.39 -13.69
CA VAL A 126 -40.17 12.10 -12.46
C VAL A 126 -39.48 12.80 -11.29
N GLY A 127 -40.20 13.70 -10.63
CA GLY A 127 -39.65 14.41 -9.49
C GLY A 127 -38.29 15.03 -9.78
N GLY A 128 -37.33 14.75 -8.92
CA GLY A 128 -35.99 15.29 -9.09
C GLY A 128 -35.13 14.50 -10.08
N GLY A 129 -35.74 13.52 -10.74
CA GLY A 129 -35.01 12.72 -11.72
C GLY A 129 -33.93 11.79 -11.19
N LEU A 130 -32.82 11.73 -11.91
CA LEU A 130 -31.68 10.89 -11.55
C LEU A 130 -30.44 11.71 -11.17
N ARG A 131 -29.80 11.32 -10.07
CA ARG A 131 -28.59 11.99 -9.60
C ARG A 131 -27.55 10.92 -9.31
N TRP A 132 -26.27 11.26 -9.42
CA TRP A 132 -25.21 10.31 -9.17
C TRP A 132 -24.06 10.99 -8.41
N ALA A 133 -23.28 10.21 -7.68
CA ALA A 133 -22.16 10.76 -6.93
C ALA A 133 -21.28 9.68 -6.32
N ASP A 134 -20.08 10.09 -5.90
CA ASP A 134 -19.13 9.20 -5.23
C ASP A 134 -18.78 8.00 -6.12
N PRO A 135 -18.25 8.27 -7.33
CA PRO A 135 -17.88 7.20 -8.27
C PRO A 135 -16.51 6.58 -8.10
N VAL A 136 -16.38 5.37 -8.61
CA VAL A 136 -15.13 4.62 -8.61
C VAL A 136 -15.03 3.99 -9.99
N LEU A 137 -13.99 4.36 -10.73
CA LEU A 137 -13.80 3.82 -12.07
C LEU A 137 -13.20 2.41 -12.05
N LEU A 138 -13.83 1.51 -12.79
CA LEU A 138 -13.35 0.13 -12.87
C LEU A 138 -13.26 -0.27 -14.35
N PRO A 139 -12.25 0.25 -15.05
CA PRO A 139 -12.05 -0.04 -16.48
C PRO A 139 -11.98 -1.51 -16.85
N GLU A 140 -11.51 -2.36 -15.94
CA GLU A 140 -11.42 -3.78 -16.24
C GLU A 140 -12.81 -4.35 -16.47
N ARG A 141 -13.80 -3.82 -15.75
CA ARG A 141 -15.17 -4.27 -15.88
C ARG A 141 -15.92 -3.39 -16.88
N GLY A 142 -15.25 -2.35 -17.37
CA GLY A 142 -15.88 -1.45 -18.31
C GLY A 142 -17.05 -0.70 -17.67
N GLU A 143 -16.91 -0.40 -16.38
CA GLU A 143 -17.97 0.30 -15.67
C GLU A 143 -17.45 1.30 -14.64
N VAL A 144 -18.35 2.16 -14.19
CA VAL A 144 -18.05 3.13 -13.14
C VAL A 144 -19.12 2.81 -12.08
N TRP A 145 -18.70 2.60 -10.84
CA TRP A 145 -19.63 2.29 -9.76
C TRP A 145 -19.80 3.52 -8.89
N CYS A 146 -21.03 3.76 -8.43
CA CYS A 146 -21.31 4.93 -7.61
C CYS A 146 -22.60 4.71 -6.84
N MET A 147 -23.08 5.76 -6.19
CA MET A 147 -24.36 5.67 -5.49
C MET A 147 -25.29 6.50 -6.35
N ALA A 148 -26.58 6.19 -6.32
CA ALA A 148 -27.53 6.93 -7.15
C ALA A 148 -28.82 7.31 -6.45
N GLU A 149 -29.43 8.39 -6.92
CA GLU A 149 -30.71 8.86 -6.40
C GLU A 149 -31.69 8.78 -7.58
N GLU A 150 -32.83 8.14 -7.34
CA GLU A 150 -33.83 8.01 -8.39
C GLU A 150 -35.19 8.35 -7.79
N PHE A 151 -35.72 9.50 -8.18
CA PHE A 151 -37.02 9.91 -7.68
C PHE A 151 -38.11 9.05 -8.26
N THR A 152 -39.09 8.74 -7.42
CA THR A 152 -40.20 7.87 -7.79
C THR A 152 -41.53 8.62 -7.66
N GLY A 153 -41.45 9.86 -7.20
CA GLY A 153 -42.65 10.67 -7.04
C GLY A 153 -42.27 12.13 -7.12
N GLU A 154 -43.24 13.00 -6.86
CA GLU A 154 -43.01 14.44 -6.92
C GLU A 154 -42.64 15.07 -5.58
N GLY A 155 -42.78 14.29 -4.52
CA GLY A 155 -42.45 14.80 -3.20
C GLY A 155 -40.95 14.79 -2.99
N PRO A 156 -40.41 15.67 -2.13
CA PRO A 156 -38.96 15.70 -1.90
C PRO A 156 -38.38 14.41 -1.32
N SER A 157 -39.23 13.58 -0.73
CA SER A 157 -38.79 12.31 -0.16
C SER A 157 -39.25 11.11 -0.98
N ASP A 158 -39.84 11.37 -2.15
CA ASP A 158 -40.28 10.29 -3.03
C ASP A 158 -39.05 9.93 -3.85
N VAL A 159 -38.06 9.33 -3.19
CA VAL A 159 -36.83 8.96 -3.86
C VAL A 159 -36.22 7.69 -3.27
N ARG A 160 -35.55 6.92 -4.12
CA ARG A 160 -34.89 5.70 -3.69
C ARG A 160 -33.40 5.87 -4.01
N ARG A 161 -32.54 5.35 -3.15
CA ARG A 161 -31.11 5.45 -3.36
C ARG A 161 -30.50 4.06 -3.31
N PHE A 162 -29.46 3.84 -4.11
CA PHE A 162 -28.82 2.53 -4.17
C PHE A 162 -27.47 2.66 -4.86
N LEU A 163 -26.64 1.63 -4.77
CA LEU A 163 -25.35 1.64 -5.43
C LEU A 163 -25.56 1.12 -6.85
N ALA A 164 -24.93 1.77 -7.82
CA ALA A 164 -25.13 1.39 -9.21
C ALA A 164 -23.86 1.21 -10.02
N ALA A 165 -23.99 0.47 -11.11
CA ALA A 165 -22.90 0.24 -12.04
C ALA A 165 -23.35 0.83 -13.37
N VAL A 166 -22.57 1.77 -13.89
CA VAL A 166 -22.89 2.42 -15.17
C VAL A 166 -21.84 2.06 -16.23
N PRO A 167 -22.28 1.57 -17.39
CA PRO A 167 -21.34 1.19 -18.45
C PRO A 167 -20.58 2.38 -19.05
N LEU A 168 -19.25 2.26 -19.11
CA LEU A 168 -18.42 3.32 -19.64
C LEU A 168 -18.55 3.50 -21.14
N ASP A 169 -19.06 2.48 -21.83
CA ASP A 169 -19.21 2.56 -23.28
C ASP A 169 -20.39 3.44 -23.68
N GLY A 170 -21.10 3.97 -22.68
CA GLY A 170 -22.22 4.84 -22.96
C GLY A 170 -23.51 4.17 -23.37
N SER A 171 -23.58 2.85 -23.24
CA SER A 171 -24.79 2.12 -23.63
C SER A 171 -26.01 2.42 -22.76
N ALA A 172 -25.81 3.05 -21.60
CA ALA A 172 -26.93 3.39 -20.72
C ALA A 172 -27.33 4.87 -20.81
N ALA A 173 -26.68 5.62 -21.69
CA ALA A 173 -26.98 7.04 -21.85
C ALA A 173 -28.45 7.33 -22.10
N ALA A 174 -29.12 6.42 -22.82
CA ALA A 174 -30.55 6.56 -23.11
C ALA A 174 -31.24 5.23 -22.85
N ASP A 175 -30.75 4.49 -21.85
CA ASP A 175 -31.33 3.20 -21.53
C ASP A 175 -31.14 2.87 -20.06
N ARG A 176 -32.13 3.25 -19.27
CA ARG A 176 -32.10 3.03 -17.82
C ARG A 176 -31.91 1.56 -17.46
N SER A 177 -32.38 0.67 -18.32
CA SER A 177 -32.25 -0.77 -18.05
C SER A 177 -30.80 -1.22 -18.12
N ALA A 178 -29.95 -0.41 -18.75
CA ALA A 178 -28.53 -0.74 -18.86
C ALA A 178 -27.74 -0.36 -17.62
N VAL A 179 -28.40 0.27 -16.65
CA VAL A 179 -27.73 0.63 -15.40
C VAL A 179 -27.98 -0.54 -14.47
N ARG A 180 -26.93 -1.07 -13.86
CA ARG A 180 -27.09 -2.18 -12.94
C ARG A 180 -27.23 -1.71 -11.50
N GLU A 181 -28.14 -2.33 -10.78
CA GLU A 181 -28.36 -1.99 -9.38
C GLU A 181 -27.52 -2.99 -8.56
N LEU A 182 -26.41 -2.51 -7.99
CA LEU A 182 -25.53 -3.37 -7.22
C LEU A 182 -26.15 -3.75 -5.87
N SER A 183 -26.68 -2.76 -5.17
CA SER A 183 -27.32 -3.00 -3.89
C SER A 183 -28.81 -2.84 -4.13
N ASP A 184 -29.62 -3.07 -3.09
CA ASP A 184 -31.05 -2.87 -3.23
C ASP A 184 -31.31 -1.46 -2.68
N ASP A 185 -32.57 -1.08 -2.54
CA ASP A 185 -32.87 0.27 -2.05
C ASP A 185 -33.40 0.27 -0.63
N ALA A 186 -33.11 -0.79 0.12
CA ALA A 186 -33.57 -0.91 1.50
C ALA A 186 -33.25 0.29 2.37
N HIS A 187 -32.08 0.90 2.15
CA HIS A 187 -31.71 2.06 2.95
C HIS A 187 -31.93 3.34 2.17
N ARG A 188 -32.57 4.32 2.80
CA ARG A 188 -32.85 5.60 2.15
C ARG A 188 -31.58 6.34 1.75
N PHE A 189 -30.60 6.35 2.65
CA PHE A 189 -29.33 7.03 2.38
C PHE A 189 -28.14 6.06 2.34
N VAL A 190 -27.35 6.16 1.28
CA VAL A 190 -26.17 5.32 1.10
C VAL A 190 -25.07 6.14 0.43
N THR A 191 -23.84 5.66 0.55
CA THR A 191 -22.71 6.33 -0.05
C THR A 191 -22.16 5.42 -1.13
N GLY A 192 -21.18 5.91 -1.88
CA GLY A 192 -20.59 5.11 -2.95
C GLY A 192 -19.84 3.90 -2.40
N PRO A 193 -19.63 2.88 -3.22
CA PRO A 193 -18.92 1.67 -2.78
C PRO A 193 -17.39 1.85 -2.72
N ARG A 194 -16.77 1.03 -1.88
CA ARG A 194 -15.32 1.02 -1.73
C ARG A 194 -14.94 -0.45 -1.85
N LEU A 195 -14.16 -0.76 -2.88
CA LEU A 195 -13.72 -2.12 -3.17
C LEU A 195 -12.40 -2.53 -2.54
N SER A 196 -12.37 -3.74 -2.01
CA SER A 196 -11.17 -4.29 -1.41
C SER A 196 -10.14 -4.42 -2.54
N PRO A 197 -8.84 -4.43 -2.19
CA PRO A 197 -7.82 -4.55 -3.23
C PRO A 197 -7.99 -5.79 -4.13
N ASP A 198 -8.46 -6.91 -3.57
CA ASP A 198 -8.65 -8.10 -4.39
C ASP A 198 -9.95 -8.04 -5.19
N GLY A 199 -10.72 -6.98 -4.97
CA GLY A 199 -11.97 -6.80 -5.69
C GLY A 199 -13.06 -7.80 -5.37
N ARG A 200 -12.98 -8.44 -4.21
CA ARG A 200 -13.96 -9.43 -3.83
C ARG A 200 -14.93 -8.96 -2.74
N GLN A 201 -14.65 -7.80 -2.14
CA GLN A 201 -15.54 -7.29 -1.09
C GLN A 201 -15.78 -5.79 -1.20
N ALA A 202 -17.02 -5.38 -0.97
CA ALA A 202 -17.37 -3.97 -1.04
C ALA A 202 -18.02 -3.50 0.25
N VAL A 203 -17.79 -2.24 0.59
CA VAL A 203 -18.40 -1.66 1.77
C VAL A 203 -18.99 -0.31 1.40
N TRP A 204 -19.93 0.17 2.22
CA TRP A 204 -20.55 1.47 2.01
C TRP A 204 -21.35 1.81 3.26
N LEU A 205 -21.60 3.11 3.45
CA LEU A 205 -22.35 3.54 4.62
C LEU A 205 -23.83 3.64 4.29
N ALA A 206 -24.68 3.43 5.28
CA ALA A 206 -26.12 3.49 5.07
C ALA A 206 -26.86 3.90 6.34
N TRP A 207 -27.95 4.64 6.17
CA TRP A 207 -28.77 5.07 7.29
C TRP A 207 -30.14 5.51 6.81
N ASP A 208 -31.06 5.74 7.74
CA ASP A 208 -32.41 6.14 7.38
C ASP A 208 -32.96 7.20 8.31
N HIS A 209 -34.14 7.71 7.97
CA HIS A 209 -34.81 8.69 8.80
C HIS A 209 -35.15 7.95 10.08
N PRO A 210 -35.25 8.66 11.22
CA PRO A 210 -35.05 10.11 11.36
C PRO A 210 -33.63 10.47 11.80
N ARG A 211 -32.67 9.62 11.48
CA ARG A 211 -31.28 9.86 11.88
C ARG A 211 -30.42 10.60 10.88
N MET A 212 -29.50 11.42 11.40
CA MET A 212 -28.54 12.12 10.55
C MET A 212 -27.30 11.22 10.68
N PRO A 213 -26.46 11.15 9.65
CA PRO A 213 -25.27 10.28 9.74
C PRO A 213 -24.37 10.50 10.97
N TRP A 214 -24.31 11.71 11.48
CA TRP A 214 -23.48 11.97 12.64
C TRP A 214 -24.14 11.47 13.93
N GLU A 215 -25.38 10.98 13.82
CA GLU A 215 -26.05 10.42 14.99
C GLU A 215 -25.63 8.95 14.95
N GLY A 216 -25.82 8.32 13.79
CA GLY A 216 -25.43 6.93 13.63
C GLY A 216 -25.56 6.44 12.19
N THR A 217 -24.71 5.50 11.81
CA THR A 217 -24.75 4.91 10.48
C THR A 217 -24.33 3.45 10.61
N GLU A 218 -24.57 2.68 9.57
CA GLU A 218 -24.18 1.28 9.55
C GLU A 218 -23.24 1.08 8.37
N LEU A 219 -22.19 0.30 8.57
CA LEU A 219 -21.26 0.01 7.49
C LEU A 219 -21.77 -1.28 6.88
N LYS A 220 -22.22 -1.20 5.64
CA LYS A 220 -22.74 -2.37 4.93
C LYS A 220 -21.60 -3.02 4.17
N THR A 221 -21.75 -4.32 3.90
CA THR A 221 -20.72 -5.03 3.15
C THR A 221 -21.37 -6.11 2.32
N ALA A 222 -20.66 -6.55 1.28
CA ALA A 222 -21.14 -7.61 0.42
C ALA A 222 -20.01 -8.23 -0.39
N ARG A 223 -20.21 -9.47 -0.80
CA ARG A 223 -19.22 -10.17 -1.60
C ARG A 223 -19.46 -9.77 -3.05
N VAL A 224 -18.39 -9.40 -3.75
CA VAL A 224 -18.52 -9.00 -5.14
C VAL A 224 -18.29 -10.23 -6.01
N THR A 225 -19.34 -10.72 -6.63
CA THR A 225 -19.22 -11.91 -7.47
C THR A 225 -18.33 -11.62 -8.67
N GLU A 226 -18.07 -12.66 -9.46
CA GLU A 226 -17.23 -12.54 -10.64
C GLU A 226 -17.89 -11.72 -11.73
N ASP A 227 -19.21 -11.85 -11.87
CA ASP A 227 -19.90 -11.10 -12.91
C ASP A 227 -20.31 -9.69 -12.46
N GLY A 228 -19.74 -9.24 -11.34
CA GLY A 228 -20.01 -7.91 -10.86
C GLY A 228 -21.25 -7.63 -10.05
N ARG A 229 -21.77 -8.63 -9.36
CA ARG A 229 -22.97 -8.42 -8.55
C ARG A 229 -22.62 -8.48 -7.07
N PHE A 230 -23.52 -7.98 -6.23
CA PHE A 230 -23.32 -7.98 -4.79
C PHE A 230 -24.09 -9.15 -4.18
N ALA A 231 -23.44 -9.91 -3.32
CA ALA A 231 -24.10 -11.05 -2.68
C ALA A 231 -23.88 -11.03 -1.18
N ASP A 232 -24.81 -11.63 -0.45
CA ASP A 232 -24.69 -11.72 1.00
C ASP A 232 -24.58 -10.35 1.68
N THR A 233 -25.29 -9.36 1.17
CA THR A 233 -25.24 -8.03 1.79
C THR A 233 -25.59 -8.19 3.25
N ARG A 234 -24.89 -7.43 4.10
CA ARG A 234 -25.13 -7.51 5.53
C ARG A 234 -24.50 -6.32 6.22
N THR A 235 -24.92 -6.06 7.45
CA THR A 235 -24.38 -4.97 8.23
C THR A 235 -23.12 -5.53 8.89
N LEU A 236 -21.98 -4.88 8.63
CA LEU A 236 -20.71 -5.31 9.21
C LEU A 236 -20.56 -4.73 10.61
N LEU A 237 -21.00 -3.49 10.77
CA LEU A 237 -20.96 -2.82 12.07
C LEU A 237 -21.68 -1.48 12.03
N GLY A 238 -21.84 -0.86 13.19
CA GLY A 238 -22.52 0.41 13.25
C GLY A 238 -23.93 0.30 13.79
N GLY A 239 -24.60 1.44 13.94
CA GLY A 239 -25.94 1.45 14.48
C GLY A 239 -26.49 2.85 14.58
N PRO A 240 -27.73 2.99 15.07
CA PRO A 240 -28.38 4.30 15.22
C PRO A 240 -27.68 5.29 16.15
N GLU A 241 -26.71 4.81 16.92
CA GLU A 241 -26.01 5.70 17.84
C GLU A 241 -24.51 5.66 17.69
N GLU A 242 -24.02 4.96 16.68
CA GLU A 242 -22.59 4.90 16.40
C GLU A 242 -22.38 5.52 15.03
N ALA A 243 -21.74 6.68 15.02
CA ALA A 243 -21.49 7.40 13.79
C ALA A 243 -20.22 6.96 13.07
N ILE A 244 -20.39 6.18 12.01
CA ILE A 244 -19.25 5.76 11.20
C ILE A 244 -19.24 6.78 10.07
N ALA A 245 -18.22 7.63 10.07
CA ALA A 245 -18.10 8.72 9.10
C ALA A 245 -17.35 8.41 7.80
N GLN A 246 -16.55 7.35 7.82
CA GLN A 246 -15.77 6.99 6.64
C GLN A 246 -15.23 5.58 6.80
N ALA A 247 -15.07 4.88 5.67
CA ALA A 247 -14.55 3.53 5.67
C ALA A 247 -13.67 3.42 4.42
N GLU A 248 -12.50 2.81 4.57
CA GLU A 248 -11.55 2.67 3.46
C GLU A 248 -10.82 1.34 3.54
N TRP A 249 -10.41 0.81 2.39
CA TRP A 249 -9.63 -0.42 2.36
C TRP A 249 -8.19 0.03 2.26
N ALA A 250 -7.31 -0.56 3.06
CA ALA A 250 -5.89 -0.22 2.98
C ALA A 250 -5.36 -1.10 1.85
N PRO A 251 -4.27 -0.69 1.20
CA PRO A 251 -3.70 -1.47 0.10
C PRO A 251 -3.38 -2.93 0.46
N ASP A 252 -3.21 -3.23 1.75
CA ASP A 252 -2.90 -4.60 2.14
C ASP A 252 -4.15 -5.45 2.34
N GLY A 253 -5.32 -4.88 2.09
CA GLY A 253 -6.55 -5.65 2.26
C GLY A 253 -7.29 -5.47 3.57
N SER A 254 -6.71 -4.76 4.53
CA SER A 254 -7.41 -4.57 5.80
C SER A 254 -8.46 -3.46 5.64
N LEU A 255 -9.38 -3.38 6.60
CA LEU A 255 -10.43 -2.38 6.55
C LEU A 255 -10.24 -1.38 7.69
N ILE A 256 -10.35 -0.10 7.36
CA ILE A 256 -10.20 0.96 8.36
C ILE A 256 -11.44 1.85 8.33
N VAL A 257 -11.94 2.20 9.52
CA VAL A 257 -13.10 3.05 9.60
C VAL A 257 -12.91 4.08 10.69
N ALA A 258 -13.59 5.21 10.55
CA ALA A 258 -13.53 6.27 11.56
C ALA A 258 -14.90 6.20 12.24
N THR A 259 -14.90 5.90 13.53
CA THR A 259 -16.14 5.80 14.31
C THR A 259 -16.02 6.60 15.60
N ASP A 260 -17.14 7.07 16.12
CA ASP A 260 -17.11 7.86 17.34
C ASP A 260 -17.56 7.08 18.58
N ARG A 261 -17.49 5.75 18.50
CA ARG A 261 -17.90 4.91 19.64
C ARG A 261 -17.21 5.28 20.95
N THR A 262 -16.00 5.82 20.90
CA THR A 262 -15.30 6.21 22.13
C THR A 262 -15.66 7.63 22.55
N GLY A 263 -16.52 8.29 21.79
CA GLY A 263 -16.90 9.65 22.12
C GLY A 263 -16.27 10.65 21.17
N TRP A 264 -15.27 10.18 20.42
CA TRP A 264 -14.57 11.00 19.43
C TRP A 264 -14.38 10.14 18.19
N TRP A 265 -14.37 10.76 17.02
CA TRP A 265 -14.13 9.99 15.81
C TRP A 265 -12.66 9.57 15.87
N ASN A 266 -12.43 8.27 15.98
CA ASN A 266 -11.07 7.71 16.05
C ASN A 266 -10.97 6.59 15.00
N LEU A 267 -9.77 6.34 14.50
CA LEU A 267 -9.59 5.29 13.49
C LEU A 267 -9.50 3.90 14.10
N HIS A 268 -10.25 2.97 13.52
CA HIS A 268 -10.29 1.57 13.98
C HIS A 268 -10.09 0.59 12.84
N ARG A 269 -9.28 -0.45 13.08
CA ARG A 269 -9.09 -1.47 12.07
C ARG A 269 -10.29 -2.40 12.27
N VAL A 270 -10.86 -2.87 11.16
CA VAL A 270 -12.05 -3.74 11.24
C VAL A 270 -11.87 -5.08 10.54
N ASP A 271 -12.24 -6.16 11.24
CA ASP A 271 -12.16 -7.49 10.66
C ASP A 271 -13.27 -7.53 9.60
N PRO A 272 -12.90 -7.67 8.33
CA PRO A 272 -13.82 -7.71 7.19
C PRO A 272 -14.87 -8.82 7.25
N ALA A 273 -14.71 -9.72 8.21
CA ALA A 273 -15.65 -10.82 8.35
C ALA A 273 -16.53 -10.69 9.58
N THR A 274 -15.91 -10.52 10.74
CA THR A 274 -16.67 -10.41 11.98
C THR A 274 -17.14 -8.99 12.29
N GLY A 275 -16.40 -8.00 11.79
CA GLY A 275 -16.77 -6.63 12.05
C GLY A 275 -16.11 -6.10 13.30
N ALA A 276 -15.36 -6.97 13.98
CA ALA A 276 -14.66 -6.58 15.19
C ALA A 276 -13.71 -5.42 14.89
N ALA A 277 -13.72 -4.40 15.73
CA ALA A 277 -12.89 -3.23 15.52
C ALA A 277 -11.78 -3.11 16.57
N THR A 278 -10.64 -2.58 16.15
CA THR A 278 -9.50 -2.39 17.04
C THR A 278 -9.01 -0.96 16.92
N GLN A 279 -8.75 -0.31 18.05
CA GLN A 279 -8.28 1.07 18.05
C GLN A 279 -6.90 1.19 17.42
N LEU A 280 -6.68 2.25 16.65
CA LEU A 280 -5.39 2.45 16.01
C LEU A 280 -4.68 3.68 16.58
N CYS A 281 -5.46 4.59 17.16
CA CYS A 281 -4.90 5.80 17.74
C CYS A 281 -5.96 6.47 18.62
N ARG A 282 -6.02 6.06 19.88
CA ARG A 282 -7.01 6.63 20.78
C ARG A 282 -6.63 8.04 21.20
N ARG A 283 -7.53 8.98 20.94
CA ARG A 283 -7.28 10.38 21.28
C ARG A 283 -8.54 11.19 21.42
N GLU A 284 -8.49 12.20 22.27
CA GLU A 284 -9.62 13.09 22.45
C GLU A 284 -9.45 14.15 21.37
N GLU A 285 -9.51 13.68 20.11
CA GLU A 285 -9.39 14.54 18.93
C GLU A 285 -10.28 13.90 17.87
N GLU A 286 -10.80 14.70 16.94
CA GLU A 286 -11.65 14.16 15.89
C GLU A 286 -10.79 13.75 14.71
N PHE A 287 -11.01 12.54 14.20
CA PHE A 287 -10.27 12.06 13.05
C PHE A 287 -11.22 11.97 11.87
N ALA A 288 -12.38 12.59 12.02
CA ALA A 288 -13.41 12.63 10.99
C ALA A 288 -14.37 13.77 11.32
N GLY A 289 -15.51 13.84 10.63
CA GLY A 289 -16.47 14.90 10.90
C GLY A 289 -17.89 14.56 10.44
N PRO A 290 -18.77 15.56 10.37
CA PRO A 290 -20.15 15.30 9.94
C PRO A 290 -20.20 14.99 8.45
N LEU A 291 -20.73 13.82 8.12
CA LEU A 291 -20.82 13.38 6.74
C LEU A 291 -22.01 14.04 6.04
N TRP A 292 -21.82 15.25 5.52
CA TRP A 292 -22.88 15.97 4.84
C TRP A 292 -23.11 15.52 3.40
N THR A 293 -22.07 14.94 2.79
CA THR A 293 -22.18 14.46 1.42
C THR A 293 -21.39 13.18 1.21
N PRO A 294 -21.89 12.27 0.38
CA PRO A 294 -21.18 11.01 0.14
C PRO A 294 -19.79 11.28 -0.46
N GLY A 295 -18.77 10.60 0.04
CA GLY A 295 -17.44 10.77 -0.50
C GLY A 295 -16.44 11.60 0.29
N MET A 296 -16.85 12.18 1.41
CA MET A 296 -15.91 12.96 2.20
C MET A 296 -14.82 12.05 2.73
N ARG A 297 -13.58 12.54 2.73
CA ARG A 297 -12.46 11.76 3.23
C ARG A 297 -11.62 12.56 4.22
N TRP A 298 -11.36 11.95 5.37
CA TRP A 298 -10.56 12.59 6.42
C TRP A 298 -9.22 11.84 6.58
N PHE A 299 -9.22 10.54 6.30
CA PHE A 299 -8.00 9.76 6.40
C PHE A 299 -7.82 8.99 5.11
N ALA A 300 -6.58 8.64 4.81
CA ALA A 300 -6.27 7.91 3.59
C ALA A 300 -5.09 6.99 3.82
N PRO A 301 -5.29 5.68 3.64
CA PRO A 301 -4.23 4.68 3.82
C PRO A 301 -3.22 4.77 2.69
N LEU A 302 -1.93 4.75 3.01
CA LEU A 302 -0.88 4.81 1.99
C LEU A 302 -0.39 3.40 1.65
N ALA A 303 0.12 3.25 0.42
CA ALA A 303 0.62 1.97 -0.03
C ALA A 303 1.70 1.41 0.89
N ASN A 304 2.44 2.29 1.56
CA ASN A 304 3.50 1.82 2.45
C ASN A 304 3.05 1.46 3.86
N GLY A 305 1.74 1.38 4.09
CA GLY A 305 1.26 1.00 5.41
C GLY A 305 0.97 2.13 6.38
N LEU A 306 1.42 3.34 6.03
CA LEU A 306 1.16 4.49 6.88
C LEU A 306 -0.24 4.99 6.54
N ILE A 307 -0.78 5.84 7.41
CA ILE A 307 -2.12 6.40 7.19
C ILE A 307 -2.12 7.92 7.35
N ALA A 308 -2.56 8.62 6.31
CA ALA A 308 -2.64 10.07 6.34
C ALA A 308 -3.95 10.40 7.05
N VAL A 309 -3.92 11.35 7.97
CA VAL A 309 -5.12 11.71 8.71
C VAL A 309 -5.24 13.18 9.06
N VAL A 310 -6.39 13.77 8.76
CA VAL A 310 -6.67 15.16 9.12
C VAL A 310 -7.31 15.00 10.49
N HIS A 311 -6.67 15.54 11.52
CA HIS A 311 -7.17 15.35 12.88
C HIS A 311 -6.91 16.53 13.80
N GLY A 312 -7.59 16.52 14.94
CA GLY A 312 -7.41 17.57 15.93
C GLY A 312 -8.67 17.85 16.72
N LYS A 313 -8.49 18.52 17.86
CA LYS A 313 -9.62 18.92 18.69
C LYS A 313 -9.78 20.37 18.28
N GLY A 314 -10.90 20.71 17.66
CA GLY A 314 -11.10 22.06 17.19
C GLY A 314 -10.46 22.13 15.81
N ALA A 315 -9.32 22.80 15.69
CA ALA A 315 -8.63 22.89 14.41
C ALA A 315 -8.15 21.50 13.99
N ALA A 316 -8.28 21.19 12.70
CA ALA A 316 -7.86 19.91 12.16
C ALA A 316 -6.63 20.10 11.27
N VAL A 317 -5.63 19.25 11.48
CA VAL A 317 -4.38 19.33 10.74
C VAL A 317 -4.01 17.96 10.18
N LEU A 318 -3.40 17.95 8.99
CA LEU A 318 -2.98 16.70 8.38
C LEU A 318 -1.73 16.17 9.05
N GLY A 319 -1.77 14.88 9.38
CA GLY A 319 -0.63 14.24 10.01
C GLY A 319 -0.45 12.85 9.45
N ILE A 320 0.66 12.19 9.80
CA ILE A 320 0.91 10.85 9.31
C ILE A 320 0.94 9.88 10.49
N LEU A 321 0.07 8.88 10.44
CA LEU A 321 -0.02 7.89 11.48
C LEU A 321 0.64 6.56 11.12
N ASP A 322 1.47 6.06 12.02
CA ASP A 322 2.11 4.77 11.84
C ASP A 322 1.27 3.87 12.77
N PRO A 323 0.33 3.13 12.21
CA PRO A 323 -0.54 2.24 13.01
C PRO A 323 0.17 1.16 13.81
N GLU A 324 1.45 0.98 13.55
CA GLU A 324 2.23 -0.03 14.26
C GLU A 324 2.79 0.55 15.56
N SER A 325 3.34 1.75 15.47
CA SER A 325 3.94 2.41 16.62
C SER A 325 2.98 3.38 17.30
N GLY A 326 1.86 3.67 16.64
CA GLY A 326 0.89 4.59 17.21
C GLY A 326 1.38 6.03 17.09
N GLU A 327 2.57 6.20 16.51
CA GLU A 327 3.16 7.53 16.32
C GLU A 327 2.41 8.36 15.27
N LEU A 328 2.23 9.64 15.55
CA LEU A 328 1.52 10.56 14.65
C LEU A 328 2.32 11.85 14.50
N VAL A 329 2.78 12.15 13.29
CA VAL A 329 3.56 13.37 13.04
C VAL A 329 2.83 14.30 12.08
N ASP A 330 2.48 15.48 12.56
CA ASP A 330 1.76 16.46 11.75
C ASP A 330 2.61 17.24 10.77
N ALA A 331 1.94 17.80 9.77
CA ALA A 331 2.61 18.62 8.78
C ALA A 331 2.98 19.91 9.50
N ALA A 332 4.03 20.59 9.04
CA ALA A 332 4.42 21.84 9.64
C ALA A 332 3.94 22.93 8.68
N GLY A 333 4.80 23.86 8.29
CA GLY A 333 4.38 24.91 7.37
C GLY A 333 3.44 25.90 8.03
N PRO A 334 2.93 26.89 7.27
CA PRO A 334 2.03 27.88 7.86
C PRO A 334 0.57 27.44 8.04
N TRP A 335 0.18 26.38 7.35
CA TRP A 335 -1.21 25.90 7.39
C TRP A 335 -1.68 25.47 8.78
N THR A 336 -2.80 26.02 9.22
CA THR A 336 -3.35 25.72 10.54
C THR A 336 -4.66 24.95 10.48
N GLU A 337 -5.29 24.92 9.31
CA GLU A 337 -6.55 24.23 9.14
C GLU A 337 -6.58 23.49 7.82
N TRP A 338 -6.97 22.23 7.87
CA TRP A 338 -7.05 21.38 6.69
C TRP A 338 -8.50 20.97 6.51
N ALA A 339 -8.97 21.01 5.26
CA ALA A 339 -10.35 20.66 4.93
C ALA A 339 -10.55 19.14 4.87
N ALA A 340 -11.81 18.71 4.88
CA ALA A 340 -12.16 17.29 4.83
C ALA A 340 -12.07 16.65 3.45
N THR A 341 -10.91 16.77 2.81
CA THR A 341 -10.67 16.19 1.50
C THR A 341 -9.23 15.69 1.51
N LEU A 342 -9.00 14.49 0.97
CA LEU A 342 -7.66 13.93 1.02
C LEU A 342 -7.42 12.81 0.02
N THR A 343 -6.18 12.70 -0.45
CA THR A 343 -5.82 11.66 -1.40
C THR A 343 -4.33 11.35 -1.23
N VAL A 344 -3.93 10.16 -1.66
CA VAL A 344 -2.52 9.76 -1.54
C VAL A 344 -1.98 9.23 -2.87
N SER A 345 -0.66 9.33 -3.02
CA SER A 345 0.03 8.86 -4.21
C SER A 345 1.45 8.58 -3.75
N GLY A 346 1.94 7.36 -4.00
CA GLY A 346 3.27 7.03 -3.55
C GLY A 346 3.38 7.27 -2.05
N THR A 347 4.43 7.98 -1.64
CA THR A 347 4.66 8.27 -0.24
C THR A 347 4.10 9.63 0.12
N ARG A 348 3.28 10.18 -0.78
CA ARG A 348 2.70 11.50 -0.58
C ARG A 348 1.22 11.51 -0.23
N ALA A 349 0.85 12.45 0.64
CA ALA A 349 -0.53 12.65 1.04
C ALA A 349 -0.82 14.09 0.59
N VAL A 350 -1.94 14.30 -0.07
CA VAL A 350 -2.32 15.62 -0.56
C VAL A 350 -3.66 16.07 0.01
N GLY A 351 -3.69 17.27 0.57
CA GLY A 351 -4.93 17.79 1.12
C GLY A 351 -5.13 19.25 0.71
N VAL A 352 -6.08 19.91 1.36
CA VAL A 352 -6.36 21.31 1.08
C VAL A 352 -6.30 22.02 2.43
N ALA A 353 -5.43 23.02 2.54
CA ALA A 353 -5.25 23.73 3.81
C ALA A 353 -5.05 25.24 3.66
N ALA A 354 -5.30 25.96 4.75
CA ALA A 354 -5.16 27.41 4.79
C ALA A 354 -4.57 27.86 6.12
N SER A 355 -4.32 29.17 6.22
CA SER A 355 -3.79 29.78 7.44
C SER A 355 -4.46 31.13 7.59
N PRO A 356 -4.25 31.81 8.73
CA PRO A 356 -4.86 33.12 8.93
C PRO A 356 -4.35 34.15 7.92
N ARG A 357 -3.24 33.84 7.28
CA ARG A 357 -2.61 34.74 6.30
C ARG A 357 -2.68 34.27 4.85
N THR A 358 -3.15 33.04 4.63
CA THR A 358 -3.22 32.52 3.28
C THR A 358 -4.49 31.73 3.00
N ALA A 359 -5.02 31.88 1.79
CA ALA A 359 -6.24 31.18 1.37
C ALA A 359 -5.92 29.70 1.19
N TYR A 360 -6.97 28.88 1.12
CA TYR A 360 -6.78 27.44 0.94
C TYR A 360 -5.94 27.10 -0.30
N GLU A 361 -4.95 26.24 -0.08
CA GLU A 361 -4.05 25.80 -1.15
C GLU A 361 -4.03 24.28 -1.16
N VAL A 362 -3.57 23.70 -2.27
CA VAL A 362 -3.46 22.25 -2.37
C VAL A 362 -2.06 21.99 -1.81
N VAL A 363 -2.02 21.25 -0.71
CA VAL A 363 -0.76 20.97 -0.02
C VAL A 363 -0.38 19.49 0.04
N GLU A 364 0.89 19.23 -0.24
CA GLU A 364 1.42 17.88 -0.23
C GLU A 364 2.33 17.61 0.96
N LEU A 365 2.10 16.49 1.64
CA LEU A 365 2.94 16.09 2.77
C LEU A 365 3.61 14.76 2.39
N ASP A 366 4.93 14.76 2.29
CA ASP A 366 5.65 13.54 1.94
C ASP A 366 6.08 12.77 3.18
N THR A 367 5.72 11.49 3.26
CA THR A 367 6.08 10.69 4.42
C THR A 367 7.57 10.39 4.55
N VAL A 368 8.31 10.34 3.44
CA VAL A 368 9.73 10.05 3.55
C VAL A 368 10.51 11.19 4.22
N THR A 369 10.14 12.44 3.92
CA THR A 369 10.84 13.58 4.49
C THR A 369 10.07 14.32 5.58
N GLY A 370 8.75 14.20 5.57
CA GLY A 370 7.94 14.91 6.55
C GLY A 370 7.72 16.33 6.06
N ARG A 371 8.22 16.63 4.86
CA ARG A 371 8.10 17.95 4.27
C ARG A 371 6.72 18.21 3.68
N ALA A 372 6.18 19.39 3.94
CA ALA A 372 4.88 19.80 3.41
C ALA A 372 5.12 20.96 2.45
N ARG A 373 4.47 20.95 1.29
CA ARG A 373 4.67 22.01 0.32
C ARG A 373 3.42 22.24 -0.53
N THR A 374 3.26 23.47 -0.98
CA THR A 374 2.13 23.86 -1.83
C THR A 374 2.37 23.32 -3.24
N ILE A 375 1.38 22.62 -3.80
CA ILE A 375 1.52 22.09 -5.16
C ILE A 375 0.41 22.55 -6.09
N GLY A 376 -0.57 23.26 -5.55
CA GLY A 376 -1.68 23.74 -6.37
C GLY A 376 -2.39 24.93 -5.73
N ALA A 377 -3.04 25.73 -6.57
CA ALA A 377 -3.78 26.90 -6.10
C ALA A 377 -2.96 27.79 -5.17
N ARG A 378 -1.68 27.97 -5.49
CA ARG A 378 -0.79 28.79 -4.67
C ARG A 378 -1.37 30.18 -4.41
N HIS A 379 -1.45 30.54 -3.13
CA HIS A 379 -2.00 31.82 -2.70
C HIS A 379 -1.08 33.02 -2.92
N THR A 380 -1.62 34.08 -3.51
CA THR A 380 -0.87 35.33 -3.70
C THR A 380 -1.74 36.37 -3.01
N ASP A 381 -1.12 37.31 -2.31
CA ASP A 381 -1.88 38.34 -1.61
C ASP A 381 -2.49 39.37 -2.56
N PRO A 382 -3.82 39.51 -2.54
CA PRO A 382 -4.52 40.48 -3.40
C PRO A 382 -4.32 41.91 -2.88
N VAL A 383 -3.93 42.00 -1.61
CA VAL A 383 -3.67 43.28 -0.96
C VAL A 383 -2.59 42.98 0.08
N ASP A 384 -1.97 44.02 0.62
CA ASP A 384 -0.94 43.84 1.64
C ASP A 384 -1.59 43.03 2.78
N PRO A 385 -0.93 41.95 3.22
CA PRO A 385 -1.50 41.14 4.31
C PRO A 385 -1.71 41.91 5.60
N ALA A 386 -1.21 43.14 5.65
CA ALA A 386 -1.40 43.99 6.83
C ALA A 386 -2.89 44.32 6.96
N TYR A 387 -3.66 44.13 5.88
CA TYR A 387 -5.10 44.41 5.93
C TYR A 387 -5.90 43.20 6.42
N TYR A 388 -5.22 42.10 6.70
CA TYR A 388 -5.90 40.92 7.20
C TYR A 388 -5.94 41.00 8.72
N PRO A 389 -7.05 40.60 9.34
CA PRO A 389 -7.12 40.66 10.80
C PRO A 389 -6.28 39.55 11.43
N GLU A 390 -5.95 39.73 12.70
CA GLU A 390 -5.16 38.74 13.43
C GLU A 390 -6.13 37.98 14.33
N PRO A 391 -6.49 36.75 13.94
CA PRO A 391 -7.43 35.96 14.75
C PRO A 391 -6.96 35.57 16.13
N GLN A 392 -7.89 35.64 17.08
CA GLN A 392 -7.65 35.26 18.45
C GLN A 392 -8.58 34.09 18.75
N ILE A 393 -8.02 32.90 18.85
CA ILE A 393 -8.79 31.70 19.14
C ILE A 393 -9.08 31.76 20.65
N ARG A 394 -10.33 32.03 21.00
CA ARG A 394 -10.73 32.14 22.41
C ARG A 394 -11.86 31.24 22.84
N THR A 395 -11.87 30.94 24.13
CA THR A 395 -12.89 30.11 24.75
C THR A 395 -13.51 30.97 25.84
N PHE A 396 -14.78 31.31 25.66
CA PHE A 396 -15.51 32.12 26.64
C PHE A 396 -16.20 31.22 27.65
N THR A 397 -16.34 31.70 28.88
CA THR A 397 -17.00 30.94 29.94
C THR A 397 -18.40 31.49 30.18
N ALA A 398 -19.41 30.69 29.85
CA ALA A 398 -20.81 31.09 30.04
C ALA A 398 -21.22 31.06 31.52
N PRO A 399 -22.46 31.49 31.83
CA PRO A 399 -22.96 31.50 33.21
C PRO A 399 -22.79 30.22 34.03
N ASP A 400 -22.97 29.06 33.39
CA ASP A 400 -22.82 27.80 34.12
C ASP A 400 -21.43 27.20 34.03
N GLY A 401 -20.46 28.00 33.58
CA GLY A 401 -19.10 27.52 33.47
C GLY A 401 -18.74 26.79 32.18
N ARG A 402 -19.72 26.54 31.32
CA ARG A 402 -19.44 25.84 30.07
C ARG A 402 -18.53 26.64 29.15
N GLU A 403 -17.74 25.94 28.35
CA GLU A 403 -16.84 26.59 27.42
C GLU A 403 -17.54 26.86 26.09
N ILE A 404 -17.32 28.05 25.55
CA ILE A 404 -17.88 28.42 24.25
C ILE A 404 -16.67 28.80 23.40
N HIS A 405 -16.44 28.04 22.34
CA HIS A 405 -15.30 28.30 21.45
C HIS A 405 -15.63 29.34 20.40
N ALA A 406 -14.76 30.33 20.24
CA ALA A 406 -14.97 31.40 19.26
C ALA A 406 -13.68 31.94 18.66
N HIS A 407 -13.81 32.59 17.50
CA HIS A 407 -12.67 33.21 16.82
C HIS A 407 -12.97 34.70 16.81
N ILE A 408 -12.08 35.49 17.43
CA ILE A 408 -12.28 36.93 17.50
C ILE A 408 -11.35 37.66 16.53
N TYR A 409 -11.94 38.47 15.66
CA TYR A 409 -11.19 39.22 14.66
C TYR A 409 -11.39 40.71 14.91
N PRO A 410 -10.47 41.33 15.65
CA PRO A 410 -10.55 42.77 15.94
C PRO A 410 -10.32 43.62 14.71
N PRO A 411 -10.82 44.87 14.71
CA PRO A 411 -10.61 45.73 13.54
C PRO A 411 -9.10 45.81 13.33
N HIS A 412 -8.66 45.85 12.08
CA HIS A 412 -7.23 45.88 11.82
C HIS A 412 -6.93 46.59 10.50
N SER A 413 -6.04 47.57 10.57
CA SER A 413 -5.64 48.34 9.41
C SER A 413 -4.34 49.07 9.66
N PRO A 414 -3.43 49.03 8.69
CA PRO A 414 -2.14 49.72 8.85
C PRO A 414 -2.28 51.23 8.61
N ASP A 415 -3.46 51.66 8.18
CA ASP A 415 -3.69 53.07 7.89
C ASP A 415 -4.59 53.82 8.84
N PHE A 416 -5.34 53.10 9.68
CA PHE A 416 -6.23 53.77 10.60
C PHE A 416 -6.30 53.19 12.00
N THR A 417 -6.86 53.98 12.90
CA THR A 417 -7.09 53.60 14.29
C THR A 417 -8.38 54.35 14.59
N GLY A 418 -9.19 53.83 15.51
CA GLY A 418 -10.44 54.49 15.82
C GLY A 418 -10.35 55.59 16.85
N PRO A 419 -11.41 56.40 17.02
CA PRO A 419 -11.42 57.49 18.00
C PRO A 419 -11.14 56.98 19.41
N ALA A 420 -10.28 57.70 20.12
CA ALA A 420 -9.92 57.33 21.48
C ALA A 420 -11.12 57.02 22.35
N ASP A 421 -12.14 57.88 22.29
CA ASP A 421 -13.34 57.70 23.10
C ASP A 421 -14.44 56.88 22.44
N GLU A 422 -14.06 55.94 21.57
CA GLU A 422 -15.05 55.11 20.89
C GLU A 422 -14.59 53.67 20.86
N LEU A 423 -15.56 52.76 20.75
CA LEU A 423 -15.25 51.35 20.64
C LEU A 423 -15.83 50.91 19.29
N PRO A 424 -15.22 49.90 18.67
CA PRO A 424 -15.70 49.42 17.38
C PRO A 424 -16.96 48.56 17.42
N PRO A 425 -17.79 48.65 16.37
CA PRO A 425 -19.01 47.84 16.33
C PRO A 425 -18.48 46.43 16.08
N TYR A 426 -19.28 45.41 16.35
CA TYR A 426 -18.84 44.04 16.10
C TYR A 426 -19.94 43.23 15.44
N VAL A 427 -19.56 42.43 14.46
CA VAL A 427 -20.51 41.57 13.79
C VAL A 427 -20.31 40.15 14.30
N VAL A 428 -21.34 39.59 14.92
CA VAL A 428 -21.29 38.24 15.45
C VAL A 428 -21.86 37.30 14.41
N MET A 429 -21.08 36.29 14.03
CA MET A 429 -21.50 35.34 13.01
C MET A 429 -21.78 33.95 13.53
N ALA A 430 -22.84 33.33 13.02
CA ALA A 430 -23.21 31.99 13.41
C ALA A 430 -23.14 31.12 12.15
N HIS A 431 -22.28 30.12 12.16
CA HIS A 431 -22.13 29.25 11.00
C HIS A 431 -23.36 28.43 10.69
N GLY A 432 -23.38 27.85 9.50
CA GLY A 432 -24.50 27.03 9.08
C GLY A 432 -24.38 25.62 9.62
N GLY A 433 -25.27 24.73 9.18
CA GLY A 433 -25.26 23.37 9.65
C GLY A 433 -26.56 23.02 10.36
N PRO A 434 -26.65 23.20 11.69
CA PRO A 434 -25.61 23.72 12.60
C PRO A 434 -24.52 22.72 12.97
N THR A 435 -24.69 21.46 12.60
CA THR A 435 -23.69 20.46 12.94
C THR A 435 -22.44 20.53 12.05
N SER A 436 -21.56 21.48 12.38
CA SER A 436 -20.29 21.70 11.69
C SER A 436 -19.52 22.75 12.47
N ARG A 437 -18.41 23.21 11.92
CA ARG A 437 -17.61 24.23 12.60
C ARG A 437 -16.93 25.13 11.60
N VAL A 438 -16.60 26.33 12.03
CA VAL A 438 -15.92 27.29 11.16
C VAL A 438 -14.45 27.34 11.54
N PRO A 439 -13.54 27.22 10.56
CA PRO A 439 -12.09 27.27 10.83
C PRO A 439 -11.62 28.72 11.00
N ALA A 440 -10.43 28.90 11.58
CA ALA A 440 -9.88 30.23 11.78
C ALA A 440 -8.79 30.47 10.73
N VAL A 441 -9.21 30.79 9.52
CA VAL A 441 -8.28 31.02 8.43
C VAL A 441 -8.61 32.32 7.70
N LEU A 442 -7.73 32.72 6.78
CA LEU A 442 -7.98 33.95 6.02
C LEU A 442 -9.32 33.83 5.31
N ASP A 443 -10.16 34.85 5.50
CA ASP A 443 -11.47 34.90 4.88
C ASP A 443 -11.72 36.36 4.53
N LEU A 444 -11.69 36.68 3.23
CA LEU A 444 -11.88 38.07 2.81
C LEU A 444 -13.25 38.64 3.21
N ASP A 445 -14.24 37.77 3.36
CA ASP A 445 -15.56 38.22 3.80
C ASP A 445 -15.44 38.82 5.21
N VAL A 446 -14.51 38.27 5.99
CA VAL A 446 -14.28 38.76 7.35
C VAL A 446 -13.41 40.02 7.29
N ALA A 447 -12.31 39.92 6.55
CA ALA A 447 -11.37 41.04 6.39
C ALA A 447 -12.08 42.26 5.79
N TYR A 448 -13.10 42.01 4.98
CA TYR A 448 -13.88 43.06 4.36
C TYR A 448 -14.38 44.00 5.46
N PHE A 449 -14.82 43.41 6.57
CA PHE A 449 -15.33 44.18 7.69
C PHE A 449 -14.25 44.72 8.61
N THR A 450 -13.33 43.85 9.02
CA THR A 450 -12.28 44.26 9.93
C THR A 450 -11.37 45.34 9.37
N SER A 451 -11.10 45.30 8.05
CA SER A 451 -10.24 46.31 7.46
C SER A 451 -10.91 47.68 7.39
N ARG A 452 -12.22 47.72 7.64
CA ARG A 452 -12.97 48.98 7.61
C ARG A 452 -13.20 49.52 9.02
N GLY A 453 -12.77 48.76 10.02
CA GLY A 453 -12.93 49.21 11.39
C GLY A 453 -14.03 48.51 12.16
N ILE A 454 -14.61 47.46 11.56
CA ILE A 454 -15.67 46.70 12.22
C ILE A 454 -15.18 45.31 12.64
N GLY A 455 -15.23 45.04 13.94
CA GLY A 455 -14.78 43.75 14.43
C GLY A 455 -15.72 42.61 14.07
N VAL A 456 -15.20 41.38 14.11
CA VAL A 456 -15.97 40.20 13.80
C VAL A 456 -15.72 39.12 14.84
N ALA A 457 -16.78 38.43 15.23
CA ALA A 457 -16.68 37.35 16.21
C ALA A 457 -17.40 36.14 15.64
N ASP A 458 -16.63 35.13 15.26
CA ASP A 458 -17.17 33.91 14.68
C ASP A 458 -17.32 32.89 15.79
N VAL A 459 -18.56 32.53 16.13
CA VAL A 459 -18.80 31.60 17.22
C VAL A 459 -19.11 30.15 16.87
N ASN A 460 -18.34 29.23 17.44
CA ASN A 460 -18.59 27.81 17.22
C ASN A 460 -19.40 27.38 18.43
N TYR A 461 -20.67 27.77 18.43
CA TYR A 461 -21.61 27.48 19.50
C TYR A 461 -21.84 26.01 19.79
N GLY A 462 -22.52 25.72 20.89
CA GLY A 462 -22.81 24.35 21.25
C GLY A 462 -23.45 23.65 20.07
N GLY A 463 -22.99 22.43 19.78
CA GLY A 463 -23.54 21.69 18.66
C GLY A 463 -22.52 21.65 17.53
N SER A 464 -21.50 22.49 17.62
CA SER A 464 -20.47 22.51 16.58
C SER A 464 -19.68 21.21 16.64
N THR A 465 -19.06 20.85 15.53
CA THR A 465 -18.27 19.64 15.45
C THR A 465 -16.80 19.93 15.77
N GLY A 466 -15.98 18.89 15.81
CA GLY A 466 -14.57 19.08 16.10
C GLY A 466 -14.19 18.99 17.57
N TYR A 467 -15.18 18.89 18.44
CA TYR A 467 -14.91 18.80 19.87
C TYR A 467 -15.54 17.59 20.55
N GLY A 468 -15.75 16.52 19.81
CA GLY A 468 -16.32 15.33 20.39
C GLY A 468 -17.84 15.22 20.25
N ARG A 469 -18.35 13.99 20.40
CA ARG A 469 -19.76 13.74 20.29
C ARG A 469 -20.58 14.53 21.30
N ALA A 470 -20.13 14.54 22.55
CA ALA A 470 -20.83 15.26 23.62
C ALA A 470 -21.12 16.70 23.25
N TYR A 471 -20.10 17.40 22.78
CA TYR A 471 -20.25 18.80 22.40
C TYR A 471 -21.21 18.96 21.22
N ARG A 472 -21.19 17.98 20.32
CA ARG A 472 -22.07 18.00 19.16
C ARG A 472 -23.51 17.77 19.62
N GLU A 473 -23.65 16.95 20.66
CA GLU A 473 -24.96 16.60 21.21
C GLU A 473 -25.59 17.70 22.05
N ARG A 474 -24.80 18.68 22.49
CA ARG A 474 -25.33 19.77 23.31
C ARG A 474 -26.53 20.44 22.63
N LEU A 475 -26.60 20.33 21.32
CA LEU A 475 -27.68 20.97 20.57
C LEU A 475 -28.94 20.13 20.36
N ARG A 476 -28.87 18.83 20.64
CA ARG A 476 -30.03 17.96 20.47
C ARG A 476 -31.22 18.50 21.25
N GLY A 477 -32.31 18.77 20.54
CA GLY A 477 -33.51 19.29 21.17
C GLY A 477 -33.38 20.73 21.65
N ARG A 478 -32.23 21.35 21.42
CA ARG A 478 -32.01 22.72 21.90
C ARG A 478 -31.83 23.79 20.83
N TRP A 479 -32.07 23.47 19.56
CA TRP A 479 -31.90 24.46 18.51
C TRP A 479 -32.79 25.66 18.81
N GLY A 480 -32.24 26.86 18.62
CA GLY A 480 -33.01 28.06 18.90
C GLY A 480 -32.77 28.60 20.31
N VAL A 481 -32.04 27.83 21.12
CA VAL A 481 -31.72 28.26 22.48
C VAL A 481 -30.21 28.26 22.70
N VAL A 482 -29.58 27.08 22.55
CA VAL A 482 -28.14 26.97 22.72
C VAL A 482 -27.35 27.83 21.73
N ASP A 483 -27.67 27.72 20.45
CA ASP A 483 -26.98 28.51 19.44
C ASP A 483 -27.17 30.01 19.69
N VAL A 484 -28.38 30.39 20.07
CA VAL A 484 -28.66 31.81 20.33
C VAL A 484 -27.92 32.32 21.57
N GLU A 485 -28.06 31.62 22.68
CA GLU A 485 -27.41 32.03 23.92
C GLU A 485 -25.89 32.07 23.84
N ASP A 486 -25.30 31.06 23.22
CA ASP A 486 -23.84 31.01 23.11
C ASP A 486 -23.33 32.20 22.30
N CYS A 487 -23.98 32.49 21.18
CA CYS A 487 -23.56 33.62 20.37
C CYS A 487 -23.71 34.92 21.14
N ALA A 488 -24.79 35.06 21.90
CA ALA A 488 -25.02 36.27 22.68
C ALA A 488 -24.01 36.38 23.82
N ALA A 489 -23.63 35.24 24.40
CA ALA A 489 -22.67 35.23 25.49
C ALA A 489 -21.35 35.85 25.03
N VAL A 490 -20.90 35.46 23.83
CA VAL A 490 -19.65 36.01 23.31
C VAL A 490 -19.79 37.50 23.03
N ALA A 491 -20.89 37.89 22.42
CA ALA A 491 -21.14 39.29 22.11
C ALA A 491 -21.04 40.17 23.36
N THR A 492 -21.91 39.93 24.33
CA THR A 492 -21.91 40.71 25.57
C THR A 492 -20.61 40.61 26.35
N ALA A 493 -19.90 39.49 26.24
CA ALA A 493 -18.63 39.35 26.95
C ALA A 493 -17.63 40.31 26.29
N LEU A 494 -17.67 40.39 24.97
CA LEU A 494 -16.77 41.29 24.27
C LEU A 494 -17.04 42.73 24.68
N ALA A 495 -18.31 43.08 24.79
CA ALA A 495 -18.68 44.44 25.18
C ALA A 495 -18.24 44.76 26.61
N GLU A 496 -18.51 43.84 27.52
CA GLU A 496 -18.15 44.04 28.92
C GLU A 496 -16.64 44.19 29.10
N GLU A 497 -15.87 43.46 28.30
CA GLU A 497 -14.43 43.52 28.37
C GLU A 497 -13.92 44.86 27.83
N GLY A 498 -14.82 45.64 27.23
CA GLY A 498 -14.42 46.92 26.68
C GLY A 498 -13.62 46.82 25.39
N THR A 499 -13.96 45.85 24.55
CA THR A 499 -13.28 45.69 23.27
C THR A 499 -14.28 45.89 22.13
N ALA A 500 -15.56 45.93 22.48
CA ALA A 500 -16.63 46.12 21.50
C ALA A 500 -17.68 47.09 22.02
N ASP A 501 -18.29 47.85 21.12
CA ASP A 501 -19.32 48.82 21.46
C ASP A 501 -20.63 48.06 21.70
N ARG A 502 -21.06 48.01 22.96
CA ARG A 502 -22.28 47.31 23.35
C ARG A 502 -23.50 47.70 22.54
N ALA A 503 -23.55 48.96 22.12
CA ALA A 503 -24.70 49.45 21.36
C ALA A 503 -24.61 49.19 19.87
N ARG A 504 -23.44 48.76 19.39
CA ARG A 504 -23.28 48.51 17.97
C ARG A 504 -22.85 47.08 17.66
N LEU A 505 -23.71 46.14 18.02
CA LEU A 505 -23.46 44.73 17.77
C LEU A 505 -24.46 44.17 16.76
N ALA A 506 -23.95 43.53 15.72
CA ALA A 506 -24.83 42.94 14.72
C ALA A 506 -24.69 41.42 14.76
N VAL A 507 -25.73 40.73 14.33
CA VAL A 507 -25.72 39.27 14.27
C VAL A 507 -26.03 38.88 12.82
N ARG A 508 -25.32 37.89 12.29
CA ARG A 508 -25.55 37.45 10.92
C ARG A 508 -25.24 35.96 10.75
N GLY A 509 -25.83 35.36 9.72
CA GLY A 509 -25.62 33.96 9.44
C GLY A 509 -26.46 33.47 8.26
N GLY A 510 -26.03 32.38 7.64
CA GLY A 510 -26.76 31.83 6.51
C GLY A 510 -27.24 30.43 6.84
N ALA A 511 -28.35 30.02 6.21
CA ALA A 511 -28.91 28.70 6.46
C ALA A 511 -29.19 28.55 7.96
N ALA A 512 -28.62 27.52 8.60
CA ALA A 512 -28.83 27.32 10.03
C ALA A 512 -28.41 28.60 10.75
N GLY A 513 -27.34 29.23 10.24
CA GLY A 513 -26.87 30.47 10.80
C GLY A 513 -27.89 31.57 10.61
N GLY A 514 -28.69 31.49 9.55
CA GLY A 514 -29.72 32.49 9.31
C GLY A 514 -30.80 32.34 10.36
N TRP A 515 -31.11 31.09 10.68
CA TRP A 515 -32.10 30.78 11.71
C TRP A 515 -31.61 31.38 13.03
N THR A 516 -30.34 31.13 13.35
CA THR A 516 -29.78 31.63 14.59
C THR A 516 -29.85 33.15 14.66
N ALA A 517 -29.53 33.82 13.55
CA ALA A 517 -29.56 35.28 13.49
C ALA A 517 -30.99 35.80 13.64
N ALA A 518 -31.91 35.19 12.89
CA ALA A 518 -33.31 35.59 12.97
C ALA A 518 -33.80 35.38 14.40
N SER A 519 -33.52 34.19 14.95
CA SER A 519 -33.94 33.86 16.32
C SER A 519 -33.39 34.86 17.31
N SER A 520 -32.17 35.32 17.08
CA SER A 520 -31.52 36.28 17.97
C SER A 520 -32.25 37.62 17.95
N LEU A 521 -32.69 38.02 16.77
CA LEU A 521 -33.39 39.30 16.66
C LEU A 521 -34.77 39.18 17.27
N VAL A 522 -35.32 37.97 17.25
CA VAL A 522 -36.66 37.71 17.79
C VAL A 522 -36.71 37.43 19.29
N SER A 523 -35.80 36.60 19.78
CA SER A 523 -35.81 36.25 21.20
C SER A 523 -34.84 36.99 22.10
N THR A 524 -34.14 38.01 21.58
CA THR A 524 -33.23 38.78 22.41
C THR A 524 -33.19 40.22 21.90
N ASP A 525 -32.65 41.13 22.70
CA ASP A 525 -32.52 42.51 22.29
C ASP A 525 -31.07 42.95 22.41
N VAL A 526 -30.17 41.99 22.20
CA VAL A 526 -28.74 42.23 22.26
C VAL A 526 -28.21 42.99 21.06
N TYR A 527 -28.70 42.65 19.88
CA TYR A 527 -28.20 43.26 18.65
C TYR A 527 -28.95 44.48 18.12
N ALA A 528 -28.18 45.36 17.46
CA ALA A 528 -28.72 46.59 16.89
C ALA A 528 -29.29 46.32 15.50
N CYS A 529 -28.88 45.21 14.89
CA CYS A 529 -29.36 44.82 13.57
C CYS A 529 -28.86 43.44 13.22
N GLY A 530 -29.27 42.92 12.07
CA GLY A 530 -28.84 41.60 11.68
C GLY A 530 -29.03 41.28 10.21
N THR A 531 -28.23 40.34 9.72
CA THR A 531 -28.31 39.92 8.32
C THR A 531 -28.62 38.42 8.29
N VAL A 532 -29.73 38.09 7.63
CA VAL A 532 -30.20 36.72 7.53
C VAL A 532 -30.13 36.21 6.10
N LEU A 533 -29.40 35.13 5.88
CA LEU A 533 -29.27 34.54 4.54
C LEU A 533 -29.94 33.16 4.46
N TYR A 534 -30.76 32.97 3.42
CA TYR A 534 -31.48 31.71 3.18
C TYR A 534 -31.62 30.90 4.47
N PRO A 535 -32.39 31.42 5.42
CA PRO A 535 -32.65 30.81 6.73
C PRO A 535 -33.84 29.88 6.81
N VAL A 536 -33.98 29.27 7.99
CA VAL A 536 -35.12 28.41 8.29
C VAL A 536 -35.86 29.32 9.25
N LEU A 537 -37.09 29.69 8.91
CA LEU A 537 -37.88 30.58 9.75
C LEU A 537 -39.24 29.99 10.10
N ASP A 538 -39.70 29.07 9.25
CA ASP A 538 -41.00 28.42 9.41
C ASP A 538 -40.78 26.92 9.64
N LEU A 539 -40.79 26.50 10.91
CA LEU A 539 -40.59 25.09 11.25
C LEU A 539 -41.70 24.17 10.77
N LEU A 540 -42.95 24.58 11.02
CA LEU A 540 -44.09 23.78 10.62
C LEU A 540 -44.07 23.60 9.12
N GLY A 541 -43.79 24.68 8.39
CA GLY A 541 -43.74 24.58 6.94
C GLY A 541 -42.60 23.67 6.54
N TRP A 542 -41.45 23.86 7.17
CA TRP A 542 -40.26 23.09 6.86
C TRP A 542 -40.47 21.60 7.11
N ALA A 543 -41.09 21.27 8.24
CA ALA A 543 -41.35 19.88 8.60
C ALA A 543 -42.41 19.25 7.72
N ASP A 544 -43.24 20.07 7.10
CA ASP A 544 -44.31 19.56 6.26
C ASP A 544 -43.91 19.53 4.79
N GLY A 545 -42.92 18.69 4.48
CA GLY A 545 -42.45 18.56 3.11
C GLY A 545 -41.82 19.85 2.61
N GLY A 546 -41.31 20.66 3.52
CA GLY A 546 -40.72 21.94 3.16
C GLY A 546 -39.22 22.00 2.92
N THR A 547 -38.55 20.85 2.83
CA THR A 547 -37.12 20.85 2.57
C THR A 547 -36.71 19.51 1.92
N HIS A 548 -35.49 19.45 1.40
CA HIS A 548 -35.01 18.23 0.74
C HIS A 548 -34.99 17.03 1.68
N ASP A 549 -35.00 15.84 1.07
CA ASP A 549 -35.03 14.59 1.82
C ASP A 549 -33.94 14.45 2.91
N PHE A 550 -32.69 14.73 2.55
CA PHE A 550 -31.58 14.61 3.50
C PHE A 550 -31.77 15.28 4.87
N GLU A 551 -32.49 16.39 4.91
CA GLU A 551 -32.73 17.08 6.17
C GLU A 551 -34.21 17.15 6.54
N SER A 552 -35.02 16.32 5.90
CA SER A 552 -36.45 16.33 6.17
C SER A 552 -36.85 15.88 7.57
N ARG A 553 -35.91 15.30 8.32
CA ARG A 553 -36.16 14.85 9.68
C ARG A 553 -35.07 15.33 10.64
N TYR A 554 -34.28 16.29 10.18
CA TYR A 554 -33.19 16.87 10.98
C TYR A 554 -33.77 17.59 12.20
N LEU A 555 -35.01 18.06 12.09
CA LEU A 555 -35.63 18.75 13.22
C LEU A 555 -35.85 17.82 14.41
N ASP A 556 -35.93 16.50 14.15
CA ASP A 556 -36.10 15.55 15.24
C ASP A 556 -34.93 15.68 16.19
N PHE A 557 -33.76 15.92 15.62
CA PHE A 557 -32.54 16.08 16.40
C PHE A 557 -32.46 17.47 17.00
N LEU A 558 -32.76 18.47 16.18
CA LEU A 558 -32.68 19.86 16.58
C LEU A 558 -33.67 20.35 17.63
N ILE A 559 -34.94 19.98 17.49
CA ILE A 559 -35.95 20.43 18.45
C ILE A 559 -36.78 19.31 19.07
N GLY A 560 -36.60 18.09 18.58
CA GLY A 560 -37.34 16.96 19.11
C GLY A 560 -38.37 16.50 18.08
N SER A 561 -38.83 15.26 18.20
CA SER A 561 -39.80 14.75 17.24
C SER A 561 -41.08 15.57 17.32
N PHE A 562 -41.84 15.55 16.23
CA PHE A 562 -43.09 16.28 16.17
C PHE A 562 -44.11 15.53 17.02
N GLU A 563 -43.92 14.22 17.13
CA GLU A 563 -44.83 13.38 17.92
C GLU A 563 -44.73 13.70 19.39
N GLU A 564 -43.51 13.96 19.86
CA GLU A 564 -43.27 14.26 21.26
C GLU A 564 -43.32 15.73 21.64
N PHE A 565 -42.79 16.60 20.78
CA PHE A 565 -42.80 18.03 21.09
C PHE A 565 -43.39 18.87 19.97
N PRO A 566 -44.65 18.58 19.57
CA PRO A 566 -45.26 19.38 18.51
C PRO A 566 -45.32 20.87 18.82
N GLU A 567 -45.44 21.21 20.10
CA GLU A 567 -45.52 22.60 20.51
C GLU A 567 -44.25 23.41 20.20
N ARG A 568 -43.10 22.73 20.17
CA ARG A 568 -41.86 23.43 19.88
C ARG A 568 -41.80 23.91 18.44
N TYR A 569 -42.45 23.16 17.54
CA TYR A 569 -42.46 23.52 16.14
C TYR A 569 -43.09 24.88 15.89
N ARG A 570 -43.86 25.37 16.85
CA ARG A 570 -44.48 26.67 16.68
C ARG A 570 -43.81 27.70 17.59
N ASP A 571 -43.46 27.29 18.80
CA ASP A 571 -42.82 28.20 19.73
C ASP A 571 -41.41 28.60 19.33
N ARG A 572 -40.64 27.65 18.82
CA ARG A 572 -39.26 27.91 18.41
C ARG A 572 -39.13 28.67 17.09
N ALA A 573 -40.17 28.60 16.27
CA ALA A 573 -40.16 29.25 14.96
C ALA A 573 -40.07 30.78 14.98
N PRO A 574 -39.05 31.35 14.31
CA PRO A 574 -38.87 32.80 14.24
C PRO A 574 -40.11 33.48 13.66
N LEU A 575 -40.73 32.82 12.69
CA LEU A 575 -41.94 33.33 12.05
C LEU A 575 -43.03 33.63 13.06
N THR A 576 -43.19 32.73 14.05
CA THR A 576 -44.20 32.89 15.07
C THR A 576 -44.07 34.21 15.84
N ARG A 577 -42.84 34.64 16.09
CA ARG A 577 -42.60 35.87 16.82
C ARG A 577 -41.95 36.93 15.95
N ALA A 578 -42.22 36.91 14.66
CA ALA A 578 -41.65 37.87 13.73
C ALA A 578 -41.91 39.31 14.17
N ASP A 579 -43.03 39.51 14.86
CA ASP A 579 -43.41 40.83 15.34
C ASP A 579 -42.53 41.36 16.47
N ARG A 580 -41.70 40.50 17.04
CA ARG A 580 -40.84 40.90 18.14
C ARG A 580 -39.50 41.47 17.69
N VAL A 581 -39.27 41.53 16.38
CA VAL A 581 -38.04 42.07 15.85
C VAL A 581 -38.16 43.60 15.92
N ARG A 582 -37.32 44.23 16.74
CA ARG A 582 -37.38 45.67 16.90
C ARG A 582 -36.23 46.43 16.25
N VAL A 583 -35.39 45.74 15.49
CA VAL A 583 -34.27 46.40 14.85
C VAL A 583 -34.21 46.12 13.35
N PRO A 584 -33.51 46.97 12.60
CA PRO A 584 -33.38 46.80 11.15
C PRO A 584 -32.70 45.48 10.79
N PHE A 585 -33.08 44.90 9.66
CA PHE A 585 -32.46 43.65 9.23
C PHE A 585 -32.46 43.52 7.72
N LEU A 586 -31.61 42.63 7.22
CA LEU A 586 -31.49 42.37 5.79
C LEU A 586 -31.69 40.87 5.56
N LEU A 587 -32.61 40.54 4.67
CA LEU A 587 -32.90 39.15 4.32
C LEU A 587 -32.34 38.92 2.92
N LEU A 588 -31.55 37.87 2.76
CA LEU A 588 -30.97 37.53 1.46
C LEU A 588 -31.40 36.11 1.11
N GLN A 589 -31.82 35.89 -0.14
CA GLN A 589 -32.30 34.58 -0.53
C GLN A 589 -32.08 34.18 -1.99
N GLY A 590 -31.83 32.88 -2.22
CA GLY A 590 -31.65 32.37 -3.58
C GLY A 590 -33.00 31.80 -3.99
N LEU A 591 -33.51 32.17 -5.16
CA LEU A 591 -34.83 31.69 -5.57
C LEU A 591 -34.94 30.22 -6.00
N GLU A 592 -33.82 29.57 -6.29
CA GLU A 592 -33.85 28.16 -6.69
C GLU A 592 -33.43 27.27 -5.52
N ASP A 593 -33.49 27.83 -4.31
CA ASP A 593 -33.07 27.10 -3.11
C ASP A 593 -34.00 25.95 -2.69
N PRO A 594 -33.51 24.70 -2.80
CA PRO A 594 -34.28 23.50 -2.43
C PRO A 594 -34.14 23.12 -0.95
N VAL A 595 -33.18 23.73 -0.26
CA VAL A 595 -32.95 23.44 1.15
C VAL A 595 -33.79 24.39 2.00
N CYS A 596 -33.71 25.68 1.70
CA CYS A 596 -34.49 26.69 2.38
C CYS A 596 -35.27 27.45 1.29
N PRO A 597 -36.45 26.93 0.91
CA PRO A 597 -37.29 27.55 -0.11
C PRO A 597 -37.56 29.01 0.21
N PRO A 598 -37.59 29.87 -0.82
CA PRO A 598 -37.84 31.30 -0.63
C PRO A 598 -39.17 31.61 0.05
N GLU A 599 -40.09 30.65 0.04
CA GLU A 599 -41.39 30.84 0.69
C GLU A 599 -41.16 31.19 2.16
N GLN A 600 -40.12 30.61 2.75
CA GLN A 600 -39.76 30.88 4.14
C GLN A 600 -39.71 32.39 4.36
N CYS A 601 -38.98 33.08 3.50
CA CYS A 601 -38.83 34.53 3.60
C CYS A 601 -40.15 35.27 3.42
N ASP A 602 -40.87 34.94 2.35
CA ASP A 602 -42.14 35.60 2.07
C ASP A 602 -43.03 35.63 3.29
N ARG A 603 -43.23 34.47 3.89
CA ARG A 603 -44.08 34.39 5.07
C ARG A 603 -43.56 35.29 6.19
N PHE A 604 -42.23 35.31 6.38
CA PHE A 604 -41.66 36.13 7.43
C PHE A 604 -41.92 37.61 7.15
N LEU A 605 -41.67 38.02 5.91
CA LEU A 605 -41.87 39.40 5.50
C LEU A 605 -43.32 39.85 5.63
N GLU A 606 -44.24 38.92 5.42
CA GLU A 606 -45.66 39.25 5.51
C GLU A 606 -46.01 39.43 6.99
N ALA A 607 -45.32 38.70 7.85
CA ALA A 607 -45.56 38.77 9.29
C ALA A 607 -45.00 40.02 9.95
N VAL A 608 -44.07 40.71 9.30
CA VAL A 608 -43.48 41.91 9.89
C VAL A 608 -43.96 43.18 9.21
N ALA A 609 -44.67 43.03 8.11
CA ALA A 609 -45.18 44.17 7.36
C ALA A 609 -46.03 45.06 8.25
N GLY A 610 -45.82 46.36 8.16
CA GLY A 610 -46.59 47.30 8.95
C GLY A 610 -46.16 47.45 10.40
N CYS A 611 -45.19 46.66 10.85
CA CYS A 611 -44.72 46.76 12.23
C CYS A 611 -43.79 47.97 12.39
N GLY A 612 -43.55 48.68 11.30
CA GLY A 612 -42.69 49.84 11.34
C GLY A 612 -41.22 49.55 11.59
N VAL A 613 -40.76 48.37 11.20
CA VAL A 613 -39.37 47.99 11.38
C VAL A 613 -38.60 48.09 10.07
N PRO A 614 -37.63 49.02 9.99
CA PRO A 614 -36.84 49.20 8.78
C PRO A 614 -36.15 47.90 8.34
N HIS A 615 -36.38 47.48 7.11
CA HIS A 615 -35.77 46.26 6.61
C HIS A 615 -35.67 46.21 5.09
N ALA A 616 -35.01 45.18 4.58
CA ALA A 616 -34.84 45.00 3.15
C ALA A 616 -34.76 43.52 2.82
N TYR A 617 -35.12 43.19 1.59
CA TYR A 617 -35.10 41.81 1.13
C TYR A 617 -34.62 41.75 -0.31
N LEU A 618 -33.54 41.00 -0.54
CA LEU A 618 -32.99 40.85 -1.88
C LEU A 618 -32.94 39.38 -2.23
N SER A 619 -33.73 38.98 -3.22
CA SER A 619 -33.72 37.58 -3.64
C SER A 619 -32.98 37.56 -4.97
N PHE A 620 -32.41 36.41 -5.32
CA PHE A 620 -31.66 36.32 -6.56
C PHE A 620 -32.09 35.14 -7.39
N GLU A 621 -32.46 35.43 -8.63
CA GLU A 621 -32.88 34.41 -9.57
C GLU A 621 -31.59 33.70 -9.98
N GLY A 622 -31.68 32.41 -10.27
CA GLY A 622 -30.48 31.69 -10.69
C GLY A 622 -29.49 31.31 -9.59
N GLU A 623 -29.90 31.45 -8.34
CA GLU A 623 -29.05 31.07 -7.21
C GLU A 623 -29.79 30.07 -6.36
N GLY A 624 -29.10 29.00 -5.95
CA GLY A 624 -29.73 27.99 -5.11
C GLY A 624 -29.47 28.27 -3.65
N HIS A 625 -29.08 27.24 -2.89
CA HIS A 625 -28.78 27.40 -1.48
C HIS A 625 -27.33 27.87 -1.41
N GLY A 626 -27.12 29.13 -1.04
CA GLY A 626 -25.75 29.63 -1.00
C GLY A 626 -25.47 30.29 -2.36
N PHE A 627 -24.86 31.47 -2.34
CA PHE A 627 -24.58 32.19 -3.57
C PHE A 627 -23.28 31.79 -4.24
N ARG A 628 -23.34 31.51 -5.54
CA ARG A 628 -22.18 31.08 -6.31
C ARG A 628 -21.71 32.04 -7.42
N ARG A 629 -22.61 32.88 -7.92
CA ARG A 629 -22.24 33.83 -8.97
C ARG A 629 -21.56 35.05 -8.38
N LYS A 630 -20.47 35.47 -9.02
CA LYS A 630 -19.74 36.64 -8.56
C LYS A 630 -20.64 37.86 -8.38
N GLU A 631 -21.46 38.17 -9.38
CA GLU A 631 -22.33 39.35 -9.30
C GLU A 631 -23.30 39.26 -8.11
N THR A 632 -23.74 38.05 -7.78
CA THR A 632 -24.65 37.88 -6.66
C THR A 632 -23.95 38.20 -5.34
N MET A 633 -22.78 37.64 -5.14
CA MET A 633 -22.00 37.85 -3.93
C MET A 633 -21.68 39.34 -3.72
N VAL A 634 -21.25 40.01 -4.78
CA VAL A 634 -20.93 41.43 -4.68
C VAL A 634 -22.13 42.22 -4.16
N ARG A 635 -23.29 41.98 -4.75
CA ARG A 635 -24.48 42.69 -4.32
C ARG A 635 -24.92 42.31 -2.91
N ALA A 636 -24.73 41.05 -2.55
CA ALA A 636 -25.12 40.58 -1.22
C ALA A 636 -24.25 41.16 -0.13
N LEU A 637 -22.94 41.19 -0.37
CA LEU A 637 -21.99 41.71 0.60
C LEU A 637 -22.09 43.22 0.77
N GLU A 638 -22.19 43.95 -0.33
CA GLU A 638 -22.28 45.40 -0.25
C GLU A 638 -23.58 45.82 0.43
N ALA A 639 -24.62 45.01 0.25
CA ALA A 639 -25.91 45.31 0.87
C ALA A 639 -25.79 45.18 2.38
N GLU A 640 -25.13 44.10 2.83
CA GLU A 640 -24.95 43.87 4.25
C GLU A 640 -24.12 44.99 4.90
N LEU A 641 -23.07 45.44 4.21
CA LEU A 641 -22.22 46.51 4.74
C LEU A 641 -23.01 47.81 4.87
N SER A 642 -23.84 48.10 3.88
CA SER A 642 -24.67 49.30 3.90
C SER A 642 -25.60 49.28 5.10
N LEU A 643 -26.17 48.11 5.39
CA LEU A 643 -27.06 47.98 6.55
C LEU A 643 -26.30 48.39 7.81
N TYR A 644 -25.09 47.87 7.95
CA TYR A 644 -24.26 48.17 9.11
C TYR A 644 -23.86 49.64 9.16
N ALA A 645 -23.56 50.20 8.00
CA ALA A 645 -23.17 51.61 7.93
C ALA A 645 -24.29 52.50 8.42
N GLN A 646 -25.51 52.19 7.98
CA GLN A 646 -26.67 52.97 8.36
C GLN A 646 -27.03 52.79 9.83
N VAL A 647 -27.07 51.56 10.30
CA VAL A 647 -27.41 51.31 11.69
C VAL A 647 -26.32 51.77 12.66
N PHE A 648 -25.05 51.57 12.31
CA PHE A 648 -23.95 51.97 13.19
C PHE A 648 -23.58 53.44 13.08
N GLY A 649 -24.34 54.20 12.28
CA GLY A 649 -24.05 55.61 12.13
C GLY A 649 -22.68 55.92 11.56
N VAL A 650 -22.23 55.12 10.61
CA VAL A 650 -20.92 55.34 9.99
C VAL A 650 -21.12 55.53 8.48
N GLU A 651 -20.16 56.17 7.83
CA GLU A 651 -20.26 56.44 6.40
C GLU A 651 -19.43 55.52 5.51
N VAL A 652 -20.06 54.97 4.47
CA VAL A 652 -19.38 54.11 3.51
C VAL A 652 -19.93 54.41 2.12
N ALA A 653 -19.11 55.06 1.29
CA ALA A 653 -19.53 55.43 -0.07
C ALA A 653 -19.08 54.41 -1.10
N GLY A 654 -18.26 53.46 -0.68
CA GLY A 654 -17.78 52.45 -1.60
C GLY A 654 -18.88 51.52 -2.06
N VAL A 655 -19.97 51.45 -1.29
CA VAL A 655 -21.10 50.60 -1.63
C VAL A 655 -22.39 51.40 -1.73
N PRO A 656 -23.33 50.94 -2.57
CA PRO A 656 -24.61 51.64 -2.74
C PRO A 656 -25.42 51.60 -1.45
N LEU A 657 -26.19 52.65 -1.20
CA LEU A 657 -27.00 52.73 0.01
C LEU A 657 -28.21 51.79 -0.06
N LEU A 658 -28.24 50.79 0.81
CA LEU A 658 -29.34 49.84 0.84
C LEU A 658 -30.62 50.55 1.27
N LYS A 659 -31.69 50.37 0.49
CA LYS A 659 -32.96 50.99 0.78
C LYS A 659 -33.75 50.19 1.80
N LEU A 660 -33.79 50.69 3.04
CA LEU A 660 -34.52 50.02 4.12
C LEU A 660 -35.95 50.55 4.23
N GLY A 661 -36.91 49.64 4.38
CA GLY A 661 -38.30 50.03 4.49
C GLY A 661 -39.06 49.28 5.57
N GLU A 662 -40.08 49.91 6.13
CA GLU A 662 -40.87 49.31 7.20
C GLU A 662 -42.11 48.59 6.66
N VAL B 2 21.29 16.09 5.00
CA VAL B 2 20.57 15.45 3.87
C VAL B 2 20.34 16.47 2.76
N SER B 3 20.61 16.06 1.52
CA SER B 3 20.41 16.97 0.40
C SER B 3 19.55 16.33 -0.67
N THR B 4 19.11 17.15 -1.61
CA THR B 4 18.26 16.67 -2.70
C THR B 4 19.07 16.39 -3.95
N ALA B 5 18.75 15.29 -4.63
CA ALA B 5 19.46 14.92 -5.84
C ALA B 5 18.60 13.96 -6.66
N PRO B 6 18.83 13.90 -7.97
CA PRO B 6 18.06 13.02 -8.87
C PRO B 6 18.12 11.56 -8.43
N TYR B 7 16.97 10.89 -8.48
CA TYR B 7 16.90 9.48 -8.13
C TYR B 7 17.87 8.70 -9.02
N GLY B 8 18.77 7.95 -8.39
CA GLY B 8 19.74 7.17 -9.14
C GLY B 8 21.14 7.76 -9.11
N ALA B 9 21.23 9.06 -8.83
CA ALA B 9 22.52 9.74 -8.79
C ALA B 9 23.07 9.95 -7.38
N TRP B 10 22.42 9.36 -6.38
CA TRP B 10 22.89 9.53 -5.01
C TRP B 10 24.23 8.84 -4.77
N GLN B 11 25.10 9.51 -4.03
CA GLN B 11 26.41 8.94 -3.71
C GLN B 11 26.21 7.89 -2.63
N SER B 12 26.85 6.74 -2.80
CA SER B 12 26.73 5.66 -1.83
C SER B 12 28.05 4.99 -1.49
N PRO B 13 28.25 4.66 -0.21
CA PRO B 13 29.49 4.02 0.20
C PRO B 13 29.47 2.53 -0.11
N ILE B 14 28.38 2.06 -0.71
CA ILE B 14 28.27 0.66 -1.08
C ILE B 14 28.64 0.47 -2.54
N ASP B 15 29.89 0.11 -2.82
CA ASP B 15 30.27 -0.11 -4.21
C ASP B 15 30.17 -1.60 -4.54
N ALA B 16 30.31 -1.91 -5.82
CA ALA B 16 30.23 -3.29 -6.29
C ALA B 16 31.19 -4.24 -5.57
N ALA B 17 32.41 -3.77 -5.31
CA ALA B 17 33.43 -4.58 -4.63
C ALA B 17 32.94 -5.03 -3.27
N LEU B 18 32.32 -4.12 -2.53
CA LEU B 18 31.81 -4.47 -1.20
C LEU B 18 30.67 -5.48 -1.38
N VAL B 19 29.79 -5.25 -2.35
CA VAL B 19 28.69 -6.16 -2.60
C VAL B 19 29.24 -7.57 -2.83
N ALA B 20 30.21 -7.66 -3.73
CA ALA B 20 30.83 -8.94 -4.05
C ALA B 20 31.48 -9.60 -2.82
N SER B 21 32.27 -8.83 -2.07
CA SER B 21 32.96 -9.35 -0.89
C SER B 21 32.01 -9.95 0.14
N ARG B 22 30.82 -9.36 0.25
CA ARG B 22 29.84 -9.79 1.23
C ARG B 22 28.79 -10.75 0.68
N SER B 23 28.94 -11.19 -0.56
CA SER B 23 27.96 -12.09 -1.14
C SER B 23 27.92 -13.46 -0.49
N GLY B 24 26.80 -14.15 -0.66
CA GLY B 24 26.67 -15.48 -0.09
C GLY B 24 26.32 -15.48 1.39
N ARG B 25 26.41 -16.64 2.00
CA ARG B 25 26.07 -16.80 3.41
C ARG B 25 26.57 -18.14 3.89
N PRO B 26 26.63 -18.36 5.22
CA PRO B 26 27.08 -19.65 5.71
C PRO B 26 26.09 -20.68 5.18
N ALA B 27 26.55 -21.90 4.92
CA ALA B 27 25.65 -22.93 4.41
C ALA B 27 26.05 -24.32 4.87
N CYS B 28 25.11 -25.25 4.80
CA CYS B 28 25.35 -26.63 5.18
C CYS B 28 26.06 -26.68 6.53
N VAL B 29 25.40 -26.13 7.55
CA VAL B 29 25.95 -26.11 8.90
C VAL B 29 25.89 -27.51 9.50
N GLY B 30 26.78 -27.81 10.43
CA GLY B 30 26.78 -29.12 11.03
C GLY B 30 27.59 -29.23 12.30
N ALA B 31 27.04 -29.95 13.27
CA ALA B 31 27.73 -30.14 14.54
C ALA B 31 28.69 -31.33 14.45
N VAL B 32 29.86 -31.16 15.03
CA VAL B 32 30.89 -32.21 15.06
C VAL B 32 31.45 -32.15 16.47
N GLY B 33 30.99 -33.06 17.33
CA GLY B 33 31.45 -33.05 18.70
C GLY B 33 31.01 -31.73 19.31
N ASP B 34 31.93 -31.00 19.94
CA ASP B 34 31.60 -29.71 20.54
C ASP B 34 31.95 -28.57 19.58
N GLU B 35 32.06 -28.92 18.30
CA GLU B 35 32.40 -27.94 17.26
C GLU B 35 31.21 -27.75 16.32
N VAL B 36 31.22 -26.61 15.61
CA VAL B 36 30.18 -26.32 14.63
C VAL B 36 30.89 -25.91 13.34
N TRP B 37 30.53 -26.56 12.24
CA TRP B 37 31.15 -26.24 10.94
C TRP B 37 30.08 -25.80 9.95
N TRP B 38 30.54 -25.21 8.85
CA TRP B 38 29.65 -24.77 7.78
C TRP B 38 30.48 -24.36 6.57
N VAL B 39 29.82 -24.28 5.42
CA VAL B 39 30.49 -23.88 4.20
C VAL B 39 30.29 -22.38 4.04
N ALA B 40 31.34 -21.67 3.65
CA ALA B 40 31.27 -20.23 3.44
C ALA B 40 31.99 -19.87 2.15
N PRO B 41 31.50 -18.83 1.46
CA PRO B 41 32.13 -18.41 0.20
C PRO B 41 33.41 -17.61 0.42
N ARG B 42 34.29 -17.68 -0.56
CA ARG B 42 35.54 -16.94 -0.53
C ARG B 42 35.67 -16.32 -1.92
N PRO B 43 34.79 -15.35 -2.22
CA PRO B 43 34.74 -14.62 -3.50
C PRO B 43 36.09 -14.17 -4.04
N ALA B 44 36.95 -13.66 -3.15
CA ALA B 44 38.26 -13.16 -3.56
C ALA B 44 39.31 -14.26 -3.71
N GLU B 45 38.94 -15.50 -3.40
CA GLU B 45 39.86 -16.62 -3.53
C GLU B 45 39.40 -17.50 -4.68
N ALA B 46 39.32 -16.88 -5.86
CA ALA B 46 38.91 -17.56 -7.08
C ALA B 46 37.52 -18.14 -6.96
N GLY B 47 36.68 -17.48 -6.16
CA GLY B 47 35.31 -17.93 -5.98
C GLY B 47 35.11 -19.30 -5.37
N ARG B 48 36.09 -19.77 -4.61
CA ARG B 48 35.98 -21.08 -3.99
C ARG B 48 35.07 -20.97 -2.76
N ALA B 49 34.72 -22.13 -2.22
CA ALA B 49 33.93 -22.21 -1.01
C ALA B 49 34.84 -22.95 -0.04
N THR B 50 34.81 -22.57 1.23
CA THR B 50 35.67 -23.24 2.19
C THR B 50 34.85 -23.77 3.36
N LEU B 51 35.51 -24.51 4.23
CA LEU B 51 34.86 -25.06 5.43
C LEU B 51 35.33 -24.21 6.59
N VAL B 52 34.39 -23.67 7.35
CA VAL B 52 34.72 -22.86 8.50
C VAL B 52 34.52 -23.73 9.74
N ARG B 53 35.50 -23.69 10.65
CA ARG B 53 35.45 -24.47 11.88
C ARG B 53 35.28 -23.53 13.08
N ARG B 54 34.22 -23.76 13.84
CA ARG B 54 33.95 -22.93 15.02
C ARG B 54 34.12 -23.77 16.28
N ARG B 55 35.16 -23.50 17.04
CA ARG B 55 35.45 -24.25 18.26
C ARG B 55 34.59 -23.84 19.45
N ALA B 56 34.50 -24.74 20.43
CA ALA B 56 33.70 -24.51 21.63
C ALA B 56 34.11 -23.22 22.34
N ASP B 57 35.36 -22.84 22.24
CA ASP B 57 35.85 -21.63 22.90
C ASP B 57 35.64 -20.40 22.02
N GLY B 58 34.92 -20.57 20.91
CA GLY B 58 34.66 -19.45 20.02
C GLY B 58 35.62 -19.25 18.87
N ALA B 59 36.75 -19.96 18.89
CA ALA B 59 37.72 -19.83 17.80
C ALA B 59 36.96 -20.11 16.51
N GLU B 60 37.08 -19.22 15.53
CA GLU B 60 36.35 -19.37 14.28
C GLU B 60 37.24 -18.97 13.10
N GLU B 61 37.44 -19.88 12.16
CA GLU B 61 38.25 -19.58 10.99
C GLU B 61 38.20 -20.68 9.93
N SER B 62 38.58 -20.35 8.70
CA SER B 62 38.60 -21.32 7.61
C SER B 62 39.52 -22.49 7.98
N ALA B 63 39.07 -23.72 7.69
CA ALA B 63 39.87 -24.90 8.00
C ALA B 63 40.65 -25.43 6.80
N LEU B 64 40.30 -24.95 5.60
CA LEU B 64 40.97 -25.39 4.37
C LEU B 64 41.40 -24.18 3.55
N PRO B 65 42.69 -24.11 3.21
CA PRO B 65 43.21 -22.99 2.42
C PRO B 65 42.94 -23.18 0.92
N ALA B 66 43.08 -22.10 0.17
CA ALA B 66 42.91 -22.20 -1.28
C ALA B 66 44.05 -23.12 -1.71
N PRO B 67 43.91 -23.82 -2.84
CA PRO B 67 42.74 -23.80 -3.73
C PRO B 67 41.65 -24.83 -3.45
N TRP B 68 41.62 -25.41 -2.25
CA TRP B 68 40.55 -26.37 -1.96
C TRP B 68 39.20 -25.66 -2.14
N ASN B 69 38.25 -26.35 -2.76
CA ASN B 69 36.95 -25.77 -3.08
C ASN B 69 35.80 -26.71 -2.70
N VAL B 70 35.17 -26.44 -1.56
CA VAL B 70 34.09 -27.28 -1.03
C VAL B 70 32.78 -27.12 -1.80
N ARG B 71 32.65 -27.86 -2.90
CA ARG B 71 31.46 -27.81 -3.74
C ARG B 71 31.55 -28.97 -4.71
N ASN B 72 30.41 -29.47 -5.18
CA ASN B 72 30.41 -30.55 -6.16
C ASN B 72 29.41 -30.22 -7.26
N ARG B 73 29.37 -31.04 -8.30
CA ARG B 73 28.45 -30.82 -9.41
C ARG B 73 27.24 -31.77 -9.47
N VAL B 74 26.88 -32.35 -8.34
CA VAL B 74 25.71 -33.24 -8.29
C VAL B 74 24.50 -32.37 -8.60
N PHE B 75 23.67 -32.81 -9.57
CA PHE B 75 22.49 -32.06 -10.02
C PHE B 75 22.95 -30.70 -10.55
N GLU B 76 24.25 -30.55 -10.73
CA GLU B 76 24.87 -29.30 -11.19
C GLU B 76 24.60 -28.15 -10.23
N TYR B 77 23.98 -28.45 -9.10
CA TYR B 77 23.70 -27.42 -8.10
C TYR B 77 24.46 -27.67 -6.80
N SER B 78 25.07 -28.86 -6.69
CA SER B 78 25.88 -29.24 -5.52
C SER B 78 25.10 -29.70 -4.29
N GLY B 79 25.22 -30.97 -3.95
CA GLY B 79 24.55 -31.51 -2.78
C GLY B 79 25.45 -31.33 -1.57
N PHE B 80 24.91 -31.56 -0.37
CA PHE B 80 25.69 -31.41 0.87
C PHE B 80 27.08 -31.97 0.56
N PRO B 81 28.10 -31.09 0.58
CA PRO B 81 29.49 -31.43 0.28
C PRO B 81 30.43 -31.92 1.35
N TRP B 82 29.95 -32.11 2.57
CA TRP B 82 30.84 -32.55 3.63
C TRP B 82 30.14 -33.31 4.76
N ALA B 83 30.95 -33.91 5.63
CA ALA B 83 30.48 -34.64 6.79
C ALA B 83 31.66 -34.71 7.74
N GLY B 84 31.39 -34.82 9.03
CA GLY B 84 32.46 -34.89 9.99
C GLY B 84 32.04 -35.58 11.28
N VAL B 85 33.01 -36.13 12.00
CA VAL B 85 32.75 -36.79 13.27
C VAL B 85 33.89 -36.49 14.22
N PRO B 86 33.61 -36.37 15.51
CA PRO B 86 34.65 -36.08 16.51
C PRO B 86 35.41 -37.34 16.90
N ARG B 87 36.58 -37.15 17.52
CA ARG B 87 37.41 -38.27 17.96
C ARG B 87 38.02 -37.97 19.33
N PRO B 88 38.27 -39.01 20.13
CA PRO B 88 38.85 -38.85 21.47
C PRO B 88 40.18 -38.09 21.49
N ALA B 89 41.00 -38.29 20.47
CA ALA B 89 42.29 -37.61 20.35
C ALA B 89 42.68 -37.53 18.88
N GLY B 90 43.43 -36.50 18.52
CA GLY B 90 43.82 -36.33 17.14
C GLY B 90 42.87 -35.40 16.41
N GLY B 91 41.71 -35.15 17.01
CA GLY B 91 40.75 -34.27 16.41
C GLY B 91 39.71 -34.97 15.55
N PRO B 92 38.77 -34.21 14.98
CA PRO B 92 37.72 -34.76 14.12
C PRO B 92 38.20 -35.27 12.78
N LEU B 93 37.39 -36.13 12.18
CA LEU B 93 37.67 -36.69 10.87
C LEU B 93 36.61 -36.16 9.92
N LEU B 94 37.05 -35.45 8.89
CA LEU B 94 36.10 -34.90 7.91
C LEU B 94 36.37 -35.35 6.49
N VAL B 95 35.31 -35.33 5.69
CA VAL B 95 35.40 -35.67 4.28
C VAL B 95 34.66 -34.55 3.57
N PHE B 96 35.07 -34.24 2.34
CA PHE B 96 34.44 -33.19 1.57
C PHE B 96 34.72 -33.40 0.09
N THR B 97 33.83 -32.87 -0.75
CA THR B 97 33.99 -32.99 -2.20
C THR B 97 34.73 -31.75 -2.68
N HIS B 98 35.83 -31.96 -3.41
CA HIS B 98 36.61 -30.85 -3.94
C HIS B 98 36.12 -30.56 -5.36
N PHE B 99 35.69 -29.33 -5.61
CA PHE B 99 35.16 -28.95 -6.92
C PHE B 99 36.13 -29.19 -8.08
N GLY B 100 37.41 -28.91 -7.86
CA GLY B 100 38.41 -29.06 -8.90
C GLY B 100 38.42 -30.37 -9.66
N ASP B 101 38.39 -31.49 -8.95
CA ASP B 101 38.40 -32.80 -9.59
C ASP B 101 37.15 -33.63 -9.24
N GLN B 102 36.25 -33.02 -8.48
CA GLN B 102 35.00 -33.68 -8.08
C GLN B 102 35.22 -34.92 -7.24
N ARG B 103 36.40 -35.05 -6.65
CA ARG B 103 36.72 -36.21 -5.83
C ARG B 103 36.35 -35.98 -4.37
N LEU B 104 36.06 -37.06 -3.66
CA LEU B 104 35.75 -36.96 -2.23
C LEU B 104 37.07 -37.10 -1.48
N TYR B 105 37.34 -36.17 -0.58
CA TYR B 105 38.58 -36.19 0.20
C TYR B 105 38.34 -36.32 1.70
N ALA B 106 39.35 -36.85 2.39
CA ALA B 106 39.28 -36.99 3.85
C ALA B 106 40.41 -36.15 4.42
N PHE B 107 40.21 -35.58 5.60
CA PHE B 107 41.27 -34.81 6.23
C PHE B 107 41.02 -34.64 7.72
N GLU B 108 42.09 -34.43 8.47
CA GLU B 108 42.01 -34.25 9.92
C GLU B 108 42.81 -32.99 10.24
N PRO B 109 42.11 -31.90 10.58
CA PRO B 109 42.76 -30.62 10.89
C PRO B 109 43.80 -30.63 12.01
N ASP B 110 43.67 -31.55 12.96
CA ASP B 110 44.62 -31.59 14.07
C ASP B 110 45.68 -32.67 14.01
N ALA B 111 45.74 -33.40 12.90
CA ALA B 111 46.73 -34.46 12.75
C ALA B 111 48.10 -33.79 12.58
N PRO B 112 49.19 -34.51 12.91
CA PRO B 112 50.51 -33.90 12.75
C PRO B 112 50.73 -33.63 11.27
N GLY B 113 51.04 -32.38 10.95
CA GLY B 113 51.22 -31.99 9.57
C GLY B 113 50.01 -31.22 9.09
N GLY B 114 49.06 -31.03 10.00
CA GLY B 114 47.85 -30.29 9.69
C GLY B 114 46.90 -30.92 8.67
N ALA B 115 45.98 -30.11 8.18
CA ALA B 115 44.99 -30.55 7.20
C ALA B 115 45.64 -30.85 5.86
N VAL B 116 45.73 -32.13 5.52
CA VAL B 116 46.33 -32.56 4.27
C VAL B 116 45.31 -33.49 3.61
N PRO B 117 44.36 -32.93 2.85
CA PRO B 117 43.32 -33.72 2.18
C PRO B 117 43.86 -34.88 1.34
N ARG B 118 43.26 -36.06 1.51
CA ARG B 118 43.68 -37.22 0.73
C ARG B 118 42.46 -37.79 0.02
N PRO B 119 42.61 -38.08 -1.28
CA PRO B 119 41.51 -38.63 -2.10
C PRO B 119 41.00 -40.01 -1.68
N LEU B 120 39.68 -40.19 -1.80
CA LEU B 120 39.04 -41.44 -1.44
C LEU B 120 38.38 -42.08 -2.66
N THR B 121 38.14 -41.28 -3.69
CA THR B 121 37.47 -41.76 -4.89
C THR B 121 38.28 -41.67 -6.17
N PRO B 122 37.98 -42.55 -7.14
CA PRO B 122 38.67 -42.57 -8.43
C PRO B 122 38.03 -41.60 -9.41
N VAL B 123 38.70 -41.35 -10.53
CA VAL B 123 38.17 -40.43 -11.54
C VAL B 123 37.85 -41.17 -12.83
N SER B 124 37.07 -40.54 -13.69
CA SER B 124 36.70 -41.16 -14.96
C SER B 124 36.72 -40.15 -16.09
N ALA B 125 37.17 -40.59 -17.26
CA ALA B 125 37.23 -39.73 -18.44
C ALA B 125 35.96 -39.88 -19.28
N VAL B 126 34.99 -40.62 -18.76
CA VAL B 126 33.73 -40.81 -19.48
C VAL B 126 32.73 -39.72 -19.13
N GLY B 127 32.30 -38.97 -20.15
CA GLY B 127 31.36 -37.88 -19.94
C GLY B 127 31.72 -37.00 -18.76
N GLY B 128 30.73 -36.76 -17.89
CA GLY B 128 30.95 -35.93 -16.72
C GLY B 128 31.70 -36.61 -15.59
N GLY B 129 32.18 -37.82 -15.84
CA GLY B 129 32.94 -38.54 -14.82
C GLY B 129 32.16 -38.97 -13.60
N LEU B 130 32.83 -38.99 -12.46
CA LEU B 130 32.21 -39.39 -11.19
C LEU B 130 31.98 -38.20 -10.26
N ARG B 131 30.85 -38.19 -9.56
CA ARG B 131 30.52 -37.09 -8.65
C ARG B 131 29.88 -37.65 -7.39
N TRP B 132 30.07 -36.97 -6.26
CA TRP B 132 29.54 -37.45 -5.00
C TRP B 132 28.94 -36.34 -4.12
N ALA B 133 28.02 -36.71 -3.24
CA ALA B 133 27.40 -35.73 -2.34
C ALA B 133 26.55 -36.35 -1.23
N ASP B 134 26.17 -35.52 -0.26
CA ASP B 134 25.32 -35.94 0.85
C ASP B 134 25.91 -37.15 1.58
N PRO B 135 27.12 -36.99 2.15
CA PRO B 135 27.79 -38.08 2.87
C PRO B 135 27.43 -38.27 4.34
N VAL B 136 27.65 -39.48 4.81
CA VAL B 136 27.43 -39.86 6.20
C VAL B 136 28.67 -40.67 6.58
N LEU B 137 29.45 -40.16 7.53
CA LEU B 137 30.66 -40.83 7.98
C LEU B 137 30.35 -41.98 8.94
N LEU B 138 30.83 -43.18 8.61
CA LEU B 138 30.60 -44.35 9.45
C LEU B 138 31.96 -44.95 9.80
N PRO B 139 32.75 -44.22 10.61
CA PRO B 139 34.09 -44.68 11.02
C PRO B 139 34.13 -46.09 11.57
N GLU B 140 33.11 -46.48 12.32
CA GLU B 140 33.04 -47.82 12.89
C GLU B 140 33.24 -48.88 11.83
N ARG B 141 32.76 -48.62 10.62
CA ARG B 141 32.91 -49.58 9.54
C ARG B 141 33.90 -49.12 8.48
N GLY B 142 34.71 -48.12 8.84
CA GLY B 142 35.70 -47.60 7.93
C GLY B 142 35.17 -47.11 6.59
N GLU B 143 33.92 -46.70 6.54
CA GLU B 143 33.35 -46.23 5.29
C GLU B 143 32.58 -44.93 5.44
N VAL B 144 32.32 -44.31 4.30
CA VAL B 144 31.53 -43.09 4.24
C VAL B 144 30.46 -43.47 3.22
N TRP B 145 29.20 -43.31 3.58
CA TRP B 145 28.11 -43.64 2.65
C TRP B 145 27.58 -42.35 2.05
N CYS B 146 27.16 -42.40 0.79
CA CYS B 146 26.65 -41.21 0.12
C CYS B 146 25.95 -41.61 -1.15
N MET B 147 25.58 -40.62 -1.96
CA MET B 147 24.96 -40.90 -3.24
C MET B 147 26.02 -40.53 -4.27
N ALA B 148 25.88 -41.04 -5.48
CA ALA B 148 26.88 -40.76 -6.49
C ALA B 148 26.31 -40.65 -7.88
N GLU B 149 27.08 -39.98 -8.75
CA GLU B 149 26.69 -39.83 -10.14
C GLU B 149 27.86 -40.40 -10.92
N GLU B 150 27.55 -41.20 -11.92
CA GLU B 150 28.58 -41.81 -12.74
C GLU B 150 28.10 -41.77 -14.18
N PHE B 151 28.80 -41.01 -15.01
CA PHE B 151 28.40 -40.93 -16.41
C PHE B 151 28.81 -42.20 -17.14
N THR B 152 27.97 -42.60 -18.08
CA THR B 152 28.20 -43.82 -18.86
C THR B 152 28.27 -43.45 -20.32
N GLY B 153 28.09 -42.18 -20.62
CA GLY B 153 28.14 -41.74 -22.00
C GLY B 153 28.55 -40.29 -22.06
N GLU B 154 28.52 -39.72 -23.26
CA GLU B 154 28.93 -38.34 -23.41
C GLU B 154 27.79 -37.32 -23.32
N GLY B 155 26.55 -37.81 -23.34
CA GLY B 155 25.41 -36.92 -23.25
C GLY B 155 25.10 -36.51 -21.82
N PRO B 156 24.42 -35.37 -21.61
CA PRO B 156 24.07 -34.88 -20.27
C PRO B 156 23.24 -35.87 -19.45
N SER B 157 22.48 -36.72 -20.12
CA SER B 157 21.67 -37.69 -19.41
C SER B 157 22.24 -39.11 -19.38
N ASP B 158 23.44 -39.28 -19.95
CA ASP B 158 24.07 -40.59 -19.92
C ASP B 158 24.77 -40.72 -18.59
N VAL B 159 23.96 -40.81 -17.54
CA VAL B 159 24.49 -40.91 -16.18
C VAL B 159 23.59 -41.79 -15.34
N ARG B 160 24.19 -42.47 -14.36
CA ARG B 160 23.45 -43.34 -13.46
C ARG B 160 23.76 -42.84 -12.07
N ARG B 161 22.79 -42.94 -11.16
CA ARG B 161 23.00 -42.51 -9.79
C ARG B 161 22.61 -43.65 -8.87
N PHE B 162 23.25 -43.72 -7.72
CA PHE B 162 23.00 -44.80 -6.77
C PHE B 162 23.63 -44.43 -5.45
N LEU B 163 23.32 -45.20 -4.40
CA LEU B 163 23.91 -44.95 -3.09
C LEU B 163 25.17 -45.80 -3.01
N ALA B 164 26.24 -45.25 -2.45
CA ALA B 164 27.49 -45.99 -2.37
C ALA B 164 28.20 -45.93 -1.03
N ALA B 165 29.11 -46.88 -0.85
CA ALA B 165 29.94 -46.97 0.35
C ALA B 165 31.35 -46.78 -0.15
N VAL B 166 32.05 -45.79 0.39
CA VAL B 166 33.43 -45.51 0.00
C VAL B 166 34.36 -45.77 1.18
N PRO B 167 35.43 -46.57 0.95
CA PRO B 167 36.42 -46.91 1.97
C PRO B 167 37.17 -45.68 2.44
N LEU B 168 37.27 -45.49 3.76
CA LEU B 168 37.98 -44.35 4.32
C LEU B 168 39.50 -44.50 4.26
N ASP B 169 39.98 -45.70 3.96
CA ASP B 169 41.42 -45.93 3.92
C ASP B 169 42.09 -45.51 2.62
N GLY B 170 41.27 -45.11 1.64
CA GLY B 170 41.80 -44.66 0.36
C GLY B 170 41.95 -45.75 -0.69
N SER B 171 41.61 -46.97 -0.34
CA SER B 171 41.74 -48.08 -1.28
C SER B 171 40.97 -47.87 -2.59
N ALA B 172 40.01 -46.97 -2.59
CA ALA B 172 39.23 -46.73 -3.81
C ALA B 172 39.72 -45.51 -4.59
N ALA B 173 40.70 -44.79 -4.03
CA ALA B 173 41.23 -43.59 -4.69
C ALA B 173 41.62 -43.82 -6.14
N ALA B 174 42.06 -45.03 -6.46
CA ALA B 174 42.46 -45.37 -7.83
C ALA B 174 41.88 -46.72 -8.25
N ASP B 175 40.74 -47.09 -7.69
CA ASP B 175 40.10 -48.37 -8.00
C ASP B 175 38.58 -48.25 -7.88
N ARG B 176 37.91 -48.08 -9.00
CA ARG B 176 36.45 -47.96 -9.01
C ARG B 176 35.75 -49.16 -8.39
N SER B 177 36.33 -50.35 -8.50
CA SER B 177 35.73 -51.56 -7.96
C SER B 177 35.76 -51.61 -6.44
N ALA B 178 36.53 -50.71 -5.82
CA ALA B 178 36.62 -50.68 -4.36
C ALA B 178 35.45 -49.86 -3.81
N VAL B 179 34.65 -49.28 -4.69
CA VAL B 179 33.48 -48.52 -4.25
C VAL B 179 32.33 -49.52 -4.30
N ARG B 180 31.61 -49.64 -3.19
CA ARG B 180 30.50 -50.58 -3.15
C ARG B 180 29.16 -49.91 -3.41
N GLU B 181 28.38 -50.50 -4.31
CA GLU B 181 27.06 -49.98 -4.64
C GLU B 181 26.01 -50.52 -3.68
N LEU B 182 25.52 -49.65 -2.80
CA LEU B 182 24.51 -50.02 -1.81
C LEU B 182 23.15 -50.25 -2.47
N SER B 183 22.71 -49.29 -3.27
CA SER B 183 21.43 -49.43 -3.96
C SER B 183 21.71 -49.75 -5.41
N ASP B 184 20.66 -49.97 -6.19
CA ASP B 184 20.84 -50.21 -7.60
C ASP B 184 20.69 -48.84 -8.24
N ASP B 185 20.71 -48.78 -9.56
CA ASP B 185 20.58 -47.52 -10.25
C ASP B 185 19.22 -47.43 -10.96
N ALA B 186 18.22 -48.07 -10.38
CA ALA B 186 16.87 -48.08 -10.98
C ALA B 186 16.25 -46.68 -11.09
N HIS B 187 16.48 -45.84 -10.08
CA HIS B 187 15.96 -44.47 -10.07
C HIS B 187 17.04 -43.50 -10.54
N ARG B 188 16.69 -42.63 -11.48
CA ARG B 188 17.63 -41.65 -12.01
C ARG B 188 18.17 -40.66 -10.98
N PHE B 189 17.31 -40.21 -10.07
CA PHE B 189 17.71 -39.25 -9.06
C PHE B 189 17.51 -39.83 -7.66
N VAL B 190 18.50 -39.64 -6.79
CA VAL B 190 18.44 -40.14 -5.42
C VAL B 190 19.24 -39.23 -4.48
N THR B 191 18.95 -39.32 -3.19
CA THR B 191 19.66 -38.52 -2.19
C THR B 191 20.50 -39.46 -1.34
N GLY B 192 21.27 -38.89 -0.42
CA GLY B 192 22.10 -39.71 0.44
C GLY B 192 21.29 -40.57 1.39
N PRO B 193 21.84 -41.69 1.87
CA PRO B 193 21.08 -42.55 2.78
C PRO B 193 21.04 -42.00 4.20
N ARG B 194 20.02 -42.40 4.95
CA ARG B 194 19.88 -42.00 6.34
C ARG B 194 19.63 -43.27 7.13
N LEU B 195 20.54 -43.56 8.07
CA LEU B 195 20.48 -44.76 8.90
C LEU B 195 19.69 -44.64 10.19
N SER B 196 18.83 -45.62 10.43
CA SER B 196 18.00 -45.66 11.62
C SER B 196 18.90 -45.78 12.85
N PRO B 197 18.37 -45.41 14.02
CA PRO B 197 19.17 -45.50 15.25
C PRO B 197 19.74 -46.89 15.54
N ASP B 198 19.05 -47.95 15.10
CA ASP B 198 19.56 -49.30 15.36
C ASP B 198 20.45 -49.80 14.23
N GLY B 199 20.58 -49.00 13.18
CA GLY B 199 21.43 -49.38 12.07
C GLY B 199 20.89 -50.49 11.19
N ARG B 200 19.62 -50.84 11.38
CA ARG B 200 19.02 -51.92 10.59
C ARG B 200 18.18 -51.45 9.43
N GLN B 201 17.93 -50.15 9.34
CA GLN B 201 17.13 -49.64 8.24
C GLN B 201 17.69 -48.34 7.67
N ALA B 202 17.49 -48.16 6.37
CA ALA B 202 17.95 -46.96 5.70
C ALA B 202 16.83 -46.41 4.82
N VAL B 203 16.78 -45.09 4.67
CA VAL B 203 15.80 -44.45 3.80
C VAL B 203 16.51 -43.39 2.97
N TRP B 204 15.90 -43.03 1.85
CA TRP B 204 16.44 -42.01 0.97
C TRP B 204 15.33 -41.63 -0.01
N LEU B 205 15.51 -40.51 -0.71
CA LEU B 205 14.50 -40.04 -1.67
C LEU B 205 14.92 -40.35 -3.09
N ALA B 206 13.93 -40.65 -3.94
CA ALA B 206 14.21 -40.99 -5.33
C ALA B 206 13.06 -40.58 -6.24
N TRP B 207 13.40 -40.28 -7.49
CA TRP B 207 12.42 -39.90 -8.48
C TRP B 207 13.03 -40.03 -9.87
N ASP B 208 12.22 -39.88 -10.90
CA ASP B 208 12.72 -40.01 -12.26
C ASP B 208 12.06 -39.01 -13.19
N HIS B 209 12.52 -38.99 -14.43
CA HIS B 209 11.94 -38.10 -15.42
C HIS B 209 10.52 -38.58 -15.65
N PRO B 210 9.62 -37.68 -16.08
CA PRO B 210 9.91 -36.27 -16.36
C PRO B 210 9.42 -35.42 -15.19
N ARG B 211 9.66 -35.89 -13.97
CA ARG B 211 9.22 -35.19 -12.77
C ARG B 211 10.32 -34.47 -12.00
N MET B 212 9.98 -33.33 -11.42
CA MET B 212 10.91 -32.59 -10.57
C MET B 212 10.49 -33.09 -9.20
N PRO B 213 11.38 -33.00 -8.19
CA PRO B 213 11.01 -33.49 -6.87
C PRO B 213 9.82 -32.80 -6.18
N TRP B 214 9.56 -31.55 -6.52
CA TRP B 214 8.44 -30.84 -5.91
C TRP B 214 7.10 -31.24 -6.53
N GLU B 215 7.15 -32.07 -7.56
CA GLU B 215 5.93 -32.58 -8.18
C GLU B 215 5.63 -33.86 -7.41
N GLY B 216 6.66 -34.68 -7.22
CA GLY B 216 6.50 -35.91 -6.48
C GLY B 216 7.77 -36.71 -6.33
N THR B 217 7.92 -37.39 -5.19
CA THR B 217 9.07 -38.25 -4.94
C THR B 217 8.61 -39.51 -4.20
N GLU B 218 9.48 -40.52 -4.19
CA GLU B 218 9.19 -41.76 -3.50
C GLU B 218 10.18 -41.90 -2.36
N LEU B 219 9.69 -42.23 -1.17
CA LEU B 219 10.56 -42.44 -0.03
C LEU B 219 10.96 -43.90 -0.12
N LYS B 220 12.23 -44.14 -0.44
CA LYS B 220 12.72 -45.50 -0.55
C LYS B 220 13.27 -45.98 0.78
N THR B 221 13.21 -47.29 1.00
CA THR B 221 13.73 -47.85 2.22
C THR B 221 14.27 -49.24 1.95
N ALA B 222 15.24 -49.66 2.75
CA ALA B 222 15.84 -50.98 2.61
C ALA B 222 16.34 -51.45 3.95
N ARG B 223 16.43 -52.77 4.10
CA ARG B 223 16.95 -53.35 5.34
C ARG B 223 18.46 -53.35 5.24
N VAL B 224 19.13 -52.92 6.30
CA VAL B 224 20.58 -52.90 6.30
C VAL B 224 21.07 -54.19 6.95
N THR B 225 21.65 -55.07 6.14
CA THR B 225 22.12 -56.36 6.62
C THR B 225 23.34 -56.22 7.54
N GLU B 226 23.67 -57.31 8.23
CA GLU B 226 24.81 -57.30 9.13
C GLU B 226 26.10 -57.04 8.37
N ASP B 227 26.18 -57.50 7.12
CA ASP B 227 27.38 -57.27 6.34
C ASP B 227 27.32 -55.97 5.52
N GLY B 228 26.37 -55.11 5.87
CA GLY B 228 26.26 -53.82 5.21
C GLY B 228 25.65 -53.67 3.84
N ARG B 229 24.73 -54.55 3.48
CA ARG B 229 24.08 -54.46 2.19
C ARG B 229 22.65 -53.94 2.38
N PHE B 230 22.03 -53.51 1.28
CA PHE B 230 20.66 -53.02 1.32
C PHE B 230 19.79 -54.14 0.78
N ALA B 231 18.93 -54.69 1.63
CA ALA B 231 18.06 -55.77 1.18
C ALA B 231 16.59 -55.37 1.14
N ASP B 232 15.87 -55.91 0.18
CA ASP B 232 14.44 -55.63 0.06
C ASP B 232 14.10 -54.16 -0.14
N THR B 233 14.81 -53.49 -1.04
CA THR B 233 14.54 -52.09 -1.31
C THR B 233 13.09 -51.97 -1.78
N ARG B 234 12.40 -50.96 -1.28
CA ARG B 234 11.00 -50.75 -1.66
C ARG B 234 10.57 -49.32 -1.41
N THR B 235 9.44 -48.95 -2.00
CA THR B 235 8.88 -47.61 -1.81
C THR B 235 8.01 -47.65 -0.56
N LEU B 236 8.42 -46.91 0.47
CA LEU B 236 7.65 -46.87 1.71
C LEU B 236 6.42 -46.01 1.52
N LEU B 237 6.59 -44.89 0.80
CA LEU B 237 5.49 -43.97 0.52
C LEU B 237 5.87 -42.96 -0.56
N GLY B 238 4.90 -42.18 -1.03
CA GLY B 238 5.18 -41.20 -2.05
C GLY B 238 4.66 -41.63 -3.41
N GLY B 239 4.80 -40.74 -4.39
CA GLY B 239 4.34 -41.03 -5.75
C GLY B 239 4.54 -39.81 -6.63
N PRO B 240 4.18 -39.91 -7.92
CA PRO B 240 4.35 -38.79 -8.86
C PRO B 240 3.64 -37.49 -8.51
N GLU B 241 2.72 -37.55 -7.54
CA GLU B 241 1.98 -36.33 -7.17
C GLU B 241 2.13 -35.94 -5.71
N GLU B 242 2.95 -36.68 -4.97
CA GLU B 242 3.18 -36.36 -3.58
C GLU B 242 4.65 -36.02 -3.40
N ALA B 243 4.91 -34.80 -2.96
CA ALA B 243 6.26 -34.33 -2.78
C ALA B 243 6.83 -34.56 -1.38
N ILE B 244 7.73 -35.53 -1.27
CA ILE B 244 8.39 -35.80 0.00
C ILE B 244 9.71 -35.05 -0.15
N ALA B 245 9.88 -33.99 0.62
CA ALA B 245 11.08 -33.16 0.54
C ALA B 245 12.21 -33.59 1.47
N GLN B 246 11.86 -34.17 2.61
CA GLN B 246 12.86 -34.60 3.58
C GLN B 246 12.31 -35.75 4.41
N ALA B 247 13.21 -36.62 4.87
CA ALA B 247 12.84 -37.75 5.69
C ALA B 247 13.98 -38.02 6.66
N GLU B 248 13.66 -38.19 7.93
CA GLU B 248 14.68 -38.45 8.94
C GLU B 248 14.18 -39.38 10.04
N TRP B 249 15.13 -40.03 10.71
CA TRP B 249 14.81 -40.95 11.79
C TRP B 249 14.63 -40.28 13.14
N ALA B 250 13.52 -40.57 13.81
CA ALA B 250 13.26 -40.02 15.13
C ALA B 250 14.06 -40.90 16.07
N PRO B 251 14.42 -40.38 17.27
CA PRO B 251 15.19 -41.17 18.23
C PRO B 251 14.54 -42.52 18.53
N ASP B 252 13.21 -42.55 18.53
CA ASP B 252 12.46 -43.76 18.84
C ASP B 252 12.39 -44.78 17.70
N GLY B 253 13.12 -44.53 16.61
CA GLY B 253 13.11 -45.48 15.52
C GLY B 253 12.04 -45.28 14.46
N SER B 254 11.12 -44.35 14.69
CA SER B 254 10.09 -44.07 13.70
C SER B 254 10.65 -43.04 12.73
N LEU B 255 9.89 -42.74 11.69
CA LEU B 255 10.30 -41.76 10.69
C LEU B 255 9.53 -40.46 10.74
N ILE B 256 10.23 -39.36 10.50
CA ILE B 256 9.61 -38.03 10.45
C ILE B 256 9.74 -37.67 8.99
N VAL B 257 8.61 -37.37 8.36
CA VAL B 257 8.61 -37.05 6.94
C VAL B 257 7.92 -35.75 6.60
N ALA B 258 8.56 -34.95 5.74
CA ALA B 258 8.00 -33.68 5.29
C ALA B 258 7.34 -33.97 3.95
N THR B 259 6.01 -34.05 3.94
CA THR B 259 5.25 -34.33 2.73
C THR B 259 4.19 -33.23 2.52
N ASP B 260 3.81 -33.00 1.26
CA ASP B 260 2.83 -31.97 0.95
C ASP B 260 1.45 -32.55 0.59
N ARG B 261 1.15 -33.74 1.09
CA ARG B 261 -0.12 -34.40 0.80
C ARG B 261 -1.35 -33.59 1.21
N THR B 262 -1.21 -32.76 2.24
CA THR B 262 -2.34 -31.96 2.70
C THR B 262 -2.46 -30.64 1.93
N GLY B 263 -1.50 -30.37 1.06
CA GLY B 263 -1.55 -29.13 0.30
C GLY B 263 -0.39 -28.24 0.71
N TRP B 264 0.23 -28.57 1.84
CA TRP B 264 1.37 -27.85 2.36
C TRP B 264 2.36 -28.89 2.87
N TRP B 265 3.64 -28.55 2.87
CA TRP B 265 4.63 -29.47 3.39
C TRP B 265 4.50 -29.42 4.91
N ASN B 266 3.98 -30.49 5.49
CA ASN B 266 3.81 -30.59 6.94
C ASN B 266 4.51 -31.86 7.38
N LEU B 267 4.94 -31.91 8.63
CA LEU B 267 5.65 -33.07 9.15
C LEU B 267 4.70 -34.18 9.60
N HIS B 268 4.99 -35.40 9.18
CA HIS B 268 4.18 -36.56 9.54
C HIS B 268 5.07 -37.66 10.10
N ARG B 269 4.59 -38.33 11.15
CA ARG B 269 5.33 -39.46 11.71
C ARG B 269 4.99 -40.60 10.77
N VAL B 270 5.98 -41.40 10.42
CA VAL B 270 5.73 -42.51 9.51
C VAL B 270 6.22 -43.84 10.07
N ASP B 271 5.37 -44.86 9.95
CA ASP B 271 5.69 -46.20 10.42
C ASP B 271 6.71 -46.74 9.42
N PRO B 272 7.94 -47.00 9.88
CA PRO B 272 9.00 -47.51 9.01
C PRO B 272 8.70 -48.87 8.39
N ALA B 273 7.66 -49.54 8.86
CA ALA B 273 7.30 -50.85 8.34
C ALA B 273 6.14 -50.79 7.34
N THR B 274 5.02 -50.21 7.76
CA THR B 274 3.83 -50.11 6.91
C THR B 274 3.78 -48.84 6.07
N GLY B 275 4.38 -47.77 6.58
CA GLY B 275 4.36 -46.51 5.85
C GLY B 275 3.20 -45.61 6.24
N ALA B 276 2.42 -46.04 7.23
CA ALA B 276 1.28 -45.27 7.70
C ALA B 276 1.79 -43.93 8.25
N ALA B 277 1.23 -42.84 7.76
CA ALA B 277 1.66 -41.52 8.21
C ALA B 277 0.63 -40.90 9.15
N THR B 278 1.09 -40.01 10.01
CA THR B 278 0.22 -39.31 10.94
C THR B 278 0.73 -37.89 11.11
N GLN B 279 -0.16 -36.91 10.92
CA GLN B 279 0.18 -35.50 11.04
C GLN B 279 0.70 -35.13 12.42
N LEU B 280 1.76 -34.33 12.46
CA LEU B 280 2.35 -33.91 13.74
C LEU B 280 2.09 -32.44 14.00
N CYS B 281 1.70 -31.70 12.97
CA CYS B 281 1.47 -30.27 13.13
C CYS B 281 0.82 -29.68 11.89
N ARG B 282 -0.47 -29.96 11.71
CA ARG B 282 -1.24 -29.48 10.57
C ARG B 282 -1.31 -27.96 10.55
N ARG B 283 -0.75 -27.34 9.53
CA ARG B 283 -0.78 -25.89 9.40
C ARG B 283 -0.65 -25.46 7.95
N GLU B 284 -1.18 -24.27 7.64
CA GLU B 284 -1.08 -23.74 6.30
C GLU B 284 0.23 -22.94 6.24
N GLU B 285 1.32 -23.66 6.48
CA GLU B 285 2.68 -23.13 6.47
C GLU B 285 3.56 -24.23 5.88
N GLU B 286 4.67 -23.84 5.25
CA GLU B 286 5.57 -24.81 4.66
C GLU B 286 6.59 -25.24 5.71
N PHE B 287 6.77 -26.55 5.87
CA PHE B 287 7.75 -27.06 6.82
C PHE B 287 8.92 -27.67 6.07
N ALA B 288 8.98 -27.36 4.78
CA ALA B 288 10.04 -27.85 3.89
C ALA B 288 9.99 -26.98 2.64
N GLY B 289 10.72 -27.39 1.60
CA GLY B 289 10.74 -26.61 0.38
C GLY B 289 11.14 -27.42 -0.84
N PRO B 290 11.49 -26.76 -1.95
CA PRO B 290 11.90 -27.44 -3.19
C PRO B 290 13.27 -28.11 -3.02
N LEU B 291 13.32 -29.42 -3.24
CA LEU B 291 14.56 -30.18 -3.10
C LEU B 291 15.45 -30.04 -4.33
N TRP B 292 16.22 -28.96 -4.38
CA TRP B 292 17.10 -28.70 -5.51
C TRP B 292 18.41 -29.48 -5.45
N THR B 293 18.81 -29.88 -4.25
CA THR B 293 20.05 -30.63 -4.09
C THR B 293 19.92 -31.59 -2.91
N PRO B 294 20.58 -32.75 -2.99
CA PRO B 294 20.53 -33.75 -1.93
C PRO B 294 21.14 -33.25 -0.63
N GLY B 295 20.45 -33.52 0.48
CA GLY B 295 20.96 -33.11 1.78
C GLY B 295 20.34 -31.90 2.44
N MET B 296 19.37 -31.28 1.79
CA MET B 296 18.72 -30.11 2.38
C MET B 296 17.93 -30.50 3.63
N ARG B 297 18.02 -29.68 4.67
CA ARG B 297 17.31 -29.94 5.91
C ARG B 297 16.49 -28.75 6.38
N TRP B 298 15.19 -28.96 6.54
CA TRP B 298 14.29 -27.92 7.02
C TRP B 298 13.93 -28.21 8.48
N PHE B 299 14.10 -29.46 8.90
CA PHE B 299 13.82 -29.85 10.29
C PHE B 299 14.89 -30.83 10.76
N ALA B 300 15.06 -30.94 12.07
CA ALA B 300 16.06 -31.83 12.66
C ALA B 300 15.60 -32.33 14.02
N PRO B 301 15.40 -33.65 14.17
CA PRO B 301 14.96 -34.15 15.47
C PRO B 301 16.07 -34.11 16.51
N LEU B 302 15.71 -33.78 17.74
CA LEU B 302 16.68 -33.75 18.82
C LEU B 302 16.59 -35.07 19.57
N ALA B 303 17.63 -35.39 20.33
CA ALA B 303 17.66 -36.63 21.08
C ALA B 303 16.48 -36.73 22.05
N ASN B 304 16.12 -35.61 22.66
CA ASN B 304 15.01 -35.60 23.63
C ASN B 304 13.62 -35.78 23.05
N GLY B 305 13.53 -36.00 21.74
CA GLY B 305 12.21 -36.18 21.14
C GLY B 305 11.60 -34.93 20.54
N LEU B 306 12.18 -33.77 20.82
CA LEU B 306 11.66 -32.53 20.24
C LEU B 306 12.11 -32.47 18.79
N ILE B 307 11.53 -31.55 18.03
CA ILE B 307 11.89 -31.41 16.63
C ILE B 307 12.07 -29.95 16.23
N ALA B 308 13.30 -29.60 15.87
CA ALA B 308 13.62 -28.25 15.43
C ALA B 308 13.06 -28.15 14.01
N VAL B 309 12.29 -27.09 13.75
CA VAL B 309 11.69 -26.93 12.43
C VAL B 309 11.70 -25.49 11.91
N VAL B 310 12.10 -25.35 10.63
CA VAL B 310 12.11 -24.05 9.97
C VAL B 310 10.77 -24.06 9.26
N HIS B 311 9.88 -23.14 9.64
CA HIS B 311 8.54 -23.15 9.07
C HIS B 311 7.93 -21.77 8.84
N GLY B 312 6.93 -21.72 7.97
CA GLY B 312 6.24 -20.47 7.71
C GLY B 312 5.57 -20.36 6.36
N LYS B 313 4.64 -19.39 6.28
CA LYS B 313 3.95 -19.10 5.04
C LYS B 313 4.74 -17.90 4.57
N GLY B 314 5.51 -18.06 3.49
CA GLY B 314 6.34 -16.96 3.04
C GLY B 314 7.61 -17.03 3.84
N ALA B 315 7.91 -16.00 4.63
CA ALA B 315 9.12 -16.03 5.45
C ALA B 315 9.06 -17.24 6.37
N ALA B 316 10.21 -17.83 6.69
CA ALA B 316 10.23 -18.99 7.56
C ALA B 316 11.21 -18.81 8.70
N VAL B 317 10.83 -19.26 9.89
CA VAL B 317 11.69 -19.13 11.05
C VAL B 317 11.84 -20.46 11.78
N LEU B 318 12.87 -20.56 12.62
CA LEU B 318 13.10 -21.77 13.38
C LEU B 318 12.25 -21.82 14.63
N GLY B 319 11.67 -22.99 14.89
CA GLY B 319 10.85 -23.17 16.07
C GLY B 319 11.07 -24.57 16.60
N ILE B 320 10.65 -24.82 17.83
CA ILE B 320 10.80 -26.15 18.40
C ILE B 320 9.43 -26.78 18.55
N LEU B 321 9.24 -27.90 17.85
CA LEU B 321 7.97 -28.62 17.87
C LEU B 321 8.03 -29.83 18.79
N ASP B 322 6.98 -30.03 19.58
CA ASP B 322 6.88 -31.19 20.47
C ASP B 322 5.87 -32.09 19.78
N PRO B 323 6.34 -33.13 19.09
CA PRO B 323 5.46 -34.05 18.37
C PRO B 323 4.33 -34.64 19.20
N GLU B 324 4.52 -34.69 20.52
CA GLU B 324 3.49 -35.25 21.39
C GLU B 324 2.40 -34.24 21.75
N SER B 325 2.78 -32.99 22.03
CA SER B 325 1.80 -31.97 22.40
C SER B 325 1.31 -31.22 21.18
N GLY B 326 2.00 -31.38 20.05
CA GLY B 326 1.61 -30.68 18.85
C GLY B 326 1.89 -29.19 18.95
N GLU B 327 2.50 -28.77 20.05
CA GLU B 327 2.83 -27.38 20.28
C GLU B 327 4.13 -26.99 19.58
N LEU B 328 4.24 -25.73 19.14
CA LEU B 328 5.43 -25.25 18.45
C LEU B 328 5.84 -23.87 18.96
N VAL B 329 7.02 -23.76 19.57
CA VAL B 329 7.50 -22.49 20.08
C VAL B 329 8.67 -21.96 19.24
N ASP B 330 8.47 -20.79 18.65
CA ASP B 330 9.51 -20.18 17.81
C ASP B 330 10.59 -19.45 18.60
N ALA B 331 11.78 -19.38 18.02
CA ALA B 331 12.90 -18.69 18.64
C ALA B 331 12.61 -17.20 18.66
N ALA B 332 13.05 -16.51 19.70
CA ALA B 332 12.83 -15.08 19.80
C ALA B 332 13.73 -14.38 18.80
N GLY B 333 14.66 -13.56 19.31
CA GLY B 333 15.59 -12.87 18.43
C GLY B 333 15.03 -12.01 17.31
N PRO B 334 15.90 -11.22 16.66
CA PRO B 334 15.56 -10.33 15.56
C PRO B 334 15.53 -10.97 14.18
N TRP B 335 15.89 -12.25 14.08
CA TRP B 335 15.94 -12.95 12.81
C TRP B 335 14.54 -13.20 12.26
N THR B 336 14.35 -12.90 10.97
CA THR B 336 13.05 -13.07 10.32
C THR B 336 13.03 -14.20 9.30
N GLU B 337 14.20 -14.60 8.82
CA GLU B 337 14.30 -15.68 7.83
C GLU B 337 15.45 -16.62 8.18
N TRP B 338 15.13 -17.92 8.21
CA TRP B 338 16.12 -18.96 8.50
C TRP B 338 16.31 -19.81 7.25
N ALA B 339 17.56 -20.10 6.90
CA ALA B 339 17.87 -20.91 5.71
C ALA B 339 17.53 -22.38 5.91
N ALA B 340 17.47 -23.12 4.80
CA ALA B 340 17.15 -24.54 4.84
C ALA B 340 18.34 -25.42 5.20
N THR B 341 18.97 -25.13 6.34
CA THR B 341 20.09 -25.91 6.82
C THR B 341 19.97 -25.91 8.33
N LEU B 342 20.05 -27.09 8.94
CA LEU B 342 19.90 -27.20 10.38
C LEU B 342 20.74 -28.36 10.94
N THR B 343 21.22 -28.20 12.17
CA THR B 343 21.98 -29.24 12.84
C THR B 343 21.69 -29.18 14.34
N VAL B 344 21.82 -30.32 15.03
CA VAL B 344 21.56 -30.35 16.46
C VAL B 344 22.71 -30.93 17.27
N SER B 345 22.87 -30.42 18.48
CA SER B 345 23.91 -30.87 19.39
C SER B 345 23.30 -30.89 20.79
N GLY B 346 23.13 -32.09 21.33
CA GLY B 346 22.54 -32.22 22.66
C GLY B 346 21.13 -31.68 22.62
N THR B 347 20.86 -30.67 23.45
CA THR B 347 19.53 -30.07 23.51
C THR B 347 19.51 -28.74 22.76
N ARG B 348 20.54 -28.51 21.94
CA ARG B 348 20.64 -27.27 21.18
C ARG B 348 20.49 -27.47 19.68
N ALA B 349 19.79 -26.54 19.05
CA ALA B 349 19.58 -26.57 17.61
C ALA B 349 20.35 -25.39 17.03
N VAL B 350 21.05 -25.63 15.93
CA VAL B 350 21.83 -24.58 15.28
C VAL B 350 21.40 -24.39 13.84
N GLY B 351 21.17 -23.14 13.46
CA GLY B 351 20.75 -22.82 12.11
C GLY B 351 21.43 -21.58 11.57
N VAL B 352 20.96 -21.10 10.42
CA VAL B 352 21.51 -19.93 9.77
C VAL B 352 20.36 -18.98 9.46
N ALA B 353 20.40 -17.79 10.06
CA ALA B 353 19.31 -16.84 9.89
C ALA B 353 19.78 -15.39 9.74
N ALA B 354 18.90 -14.58 9.17
CA ALA B 354 19.19 -13.18 8.94
C ALA B 354 17.95 -12.33 9.17
N SER B 355 18.12 -11.01 9.10
CA SER B 355 17.02 -10.07 9.26
C SER B 355 17.22 -9.02 8.16
N PRO B 356 16.27 -8.09 8.03
CA PRO B 356 16.45 -7.07 6.98
C PRO B 356 17.70 -6.20 7.17
N ARG B 357 18.22 -6.15 8.39
CA ARG B 357 19.40 -5.33 8.68
C ARG B 357 20.63 -6.10 9.08
N THR B 358 20.57 -7.43 9.04
CA THR B 358 21.73 -8.23 9.42
C THR B 358 21.93 -9.41 8.48
N ALA B 359 23.18 -9.64 8.09
CA ALA B 359 23.53 -10.75 7.20
C ALA B 359 23.27 -12.08 7.90
N TYR B 360 23.29 -13.17 7.13
CA TYR B 360 23.05 -14.49 7.72
C TYR B 360 24.10 -14.85 8.73
N GLU B 361 23.64 -15.24 9.93
CA GLU B 361 24.52 -15.62 11.03
C GLU B 361 24.24 -17.05 11.44
N VAL B 362 25.19 -17.68 12.12
CA VAL B 362 25.00 -19.03 12.60
C VAL B 362 24.39 -18.83 13.98
N VAL B 363 23.15 -19.26 14.15
CA VAL B 363 22.43 -19.07 15.40
C VAL B 363 22.09 -20.35 16.14
N GLU B 364 22.29 -20.32 17.45
CA GLU B 364 22.02 -21.46 18.32
C GLU B 364 20.77 -21.22 19.18
N LEU B 365 19.88 -22.19 19.19
CA LEU B 365 18.65 -22.10 19.98
C LEU B 365 18.65 -23.19 21.05
N ASP B 366 18.74 -22.80 22.31
CA ASP B 366 18.73 -23.77 23.41
C ASP B 366 17.28 -24.15 23.72
N THR B 367 16.91 -25.38 23.42
CA THR B 367 15.55 -25.84 23.65
C THR B 367 15.14 -25.87 25.12
N VAL B 368 16.11 -25.97 26.03
CA VAL B 368 15.75 -26.01 27.45
C VAL B 368 15.38 -24.63 27.99
N THR B 369 16.10 -23.61 27.56
CA THR B 369 15.83 -22.25 28.02
C THR B 369 15.01 -21.46 27.02
N GLY B 370 14.98 -21.94 25.77
CA GLY B 370 14.23 -21.25 24.74
C GLY B 370 14.92 -20.01 24.19
N ARG B 371 16.14 -19.77 24.62
CA ARG B 371 16.88 -18.60 24.16
C ARG B 371 17.72 -18.90 22.91
N ALA B 372 17.90 -17.89 22.06
CA ALA B 372 18.68 -18.03 20.84
C ALA B 372 19.82 -17.02 20.86
N ARG B 373 21.01 -17.46 20.44
CA ARG B 373 22.18 -16.58 20.42
C ARG B 373 23.07 -16.89 19.21
N THR B 374 23.78 -15.87 18.73
CA THR B 374 24.67 -16.02 17.59
C THR B 374 25.94 -16.72 18.06
N ILE B 375 26.34 -17.78 17.37
CA ILE B 375 27.56 -18.49 17.75
C ILE B 375 28.62 -18.47 16.65
N GLY B 376 28.21 -18.07 15.44
CA GLY B 376 29.16 -18.02 14.33
C GLY B 376 28.78 -17.01 13.27
N ALA B 377 29.78 -16.56 12.51
CA ALA B 377 29.56 -15.59 11.45
C ALA B 377 28.75 -14.40 11.95
N ARG B 378 29.15 -13.82 13.07
CA ARG B 378 28.43 -12.70 13.63
C ARG B 378 28.42 -11.54 12.63
N HIS B 379 27.27 -10.88 12.51
CA HIS B 379 27.12 -9.76 11.59
C HIS B 379 27.91 -8.52 11.97
N THR B 380 28.48 -7.85 10.97
CA THR B 380 29.20 -6.61 11.17
C THR B 380 28.75 -5.69 10.04
N ASP B 381 28.71 -4.39 10.30
CA ASP B 381 28.30 -3.43 9.29
C ASP B 381 29.50 -2.82 8.59
N PRO B 382 29.64 -3.07 7.27
CA PRO B 382 30.77 -2.53 6.51
C PRO B 382 30.55 -1.02 6.34
N VAL B 383 29.30 -0.60 6.45
CA VAL B 383 28.95 0.81 6.35
C VAL B 383 27.85 1.06 7.37
N ASP B 384 27.48 2.32 7.52
CA ASP B 384 26.41 2.69 8.45
C ASP B 384 25.16 1.93 8.02
N PRO B 385 24.57 1.14 8.92
CA PRO B 385 23.36 0.39 8.55
C PRO B 385 22.24 1.31 8.06
N ALA B 386 22.43 2.61 8.22
CA ALA B 386 21.45 3.58 7.77
C ALA B 386 21.34 3.53 6.24
N TYR B 387 22.32 2.91 5.60
CA TYR B 387 22.30 2.81 4.14
C TYR B 387 21.49 1.61 3.64
N TYR B 388 21.11 0.72 4.54
CA TYR B 388 20.33 -0.46 4.15
C TYR B 388 18.86 -0.11 3.91
N PRO B 389 18.24 -0.70 2.88
CA PRO B 389 16.83 -0.40 2.61
C PRO B 389 15.95 -1.18 3.61
N GLU B 390 14.68 -0.83 3.70
CA GLU B 390 13.76 -1.52 4.59
C GLU B 390 12.65 -2.12 3.72
N PRO B 391 12.62 -3.45 3.61
CA PRO B 391 11.61 -4.11 2.79
C PRO B 391 10.19 -3.97 3.33
N GLN B 392 9.23 -3.89 2.43
CA GLN B 392 7.83 -3.82 2.80
C GLN B 392 7.24 -5.09 2.19
N ILE B 393 6.80 -6.00 3.04
CA ILE B 393 6.23 -7.26 2.61
C ILE B 393 4.80 -7.00 2.16
N ARG B 394 4.61 -6.90 0.85
CA ARG B 394 3.29 -6.61 0.30
C ARG B 394 2.72 -7.68 -0.60
N THR B 395 1.41 -7.60 -0.82
CA THR B 395 0.73 -8.51 -1.71
C THR B 395 0.05 -7.66 -2.77
N PHE B 396 -0.06 -8.20 -3.98
CA PHE B 396 -0.69 -7.49 -5.08
C PHE B 396 -1.69 -8.45 -5.70
N THR B 397 -2.50 -7.95 -6.62
CA THR B 397 -3.50 -8.80 -7.26
C THR B 397 -3.25 -8.93 -8.75
N ALA B 398 -3.17 -10.18 -9.22
CA ALA B 398 -2.96 -10.45 -10.63
C ALA B 398 -4.23 -10.04 -11.38
N PRO B 399 -4.12 -9.73 -12.67
CA PRO B 399 -5.30 -9.34 -13.43
C PRO B 399 -6.45 -10.33 -13.34
N ASP B 400 -6.14 -11.58 -12.98
CA ASP B 400 -7.19 -12.59 -12.88
C ASP B 400 -7.77 -12.67 -11.46
N GLY B 401 -7.25 -11.84 -10.57
CA GLY B 401 -7.75 -11.83 -9.19
C GLY B 401 -6.90 -12.55 -8.16
N ARG B 402 -6.02 -13.45 -8.60
CA ARG B 402 -5.18 -14.19 -7.65
C ARG B 402 -4.13 -13.28 -7.03
N GLU B 403 -3.76 -13.55 -5.77
CA GLU B 403 -2.78 -12.72 -5.07
C GLU B 403 -1.32 -13.04 -5.40
N ILE B 404 -0.51 -11.99 -5.45
CA ILE B 404 0.92 -12.08 -5.77
C ILE B 404 1.69 -11.53 -4.58
N HIS B 405 2.79 -12.18 -4.23
CA HIS B 405 3.61 -11.72 -3.11
C HIS B 405 4.84 -11.00 -3.67
N ALA B 406 5.23 -9.92 -3.02
CA ALA B 406 6.40 -9.17 -3.46
C ALA B 406 7.01 -8.40 -2.32
N HIS B 407 8.33 -8.23 -2.36
CA HIS B 407 9.05 -7.47 -1.35
C HIS B 407 9.41 -6.15 -2.01
N ILE B 408 8.93 -5.04 -1.44
CA ILE B 408 9.18 -3.73 -2.00
C ILE B 408 10.19 -2.90 -1.20
N TYR B 409 11.30 -2.56 -1.85
CA TYR B 409 12.38 -1.80 -1.23
C TYR B 409 12.44 -0.38 -1.81
N PRO B 410 11.91 0.60 -1.07
CA PRO B 410 11.98 1.96 -1.62
C PRO B 410 13.39 2.56 -1.59
N PRO B 411 13.62 3.59 -2.42
CA PRO B 411 14.96 4.19 -2.40
C PRO B 411 15.22 4.67 -0.98
N HIS B 412 16.48 4.68 -0.57
CA HIS B 412 16.80 5.10 0.79
C HIS B 412 18.27 5.38 1.00
N SER B 413 18.53 6.48 1.68
CA SER B 413 19.89 6.90 1.99
C SER B 413 19.78 7.98 3.06
N PRO B 414 20.70 7.96 4.04
CA PRO B 414 20.64 8.98 5.09
C PRO B 414 21.20 10.31 4.58
N ASP B 415 21.71 10.32 3.35
CA ASP B 415 22.30 11.54 2.79
C ASP B 415 21.49 12.21 1.70
N PHE B 416 20.54 11.49 1.11
CA PHE B 416 19.75 12.06 0.02
C PHE B 416 18.29 11.66 0.00
N THR B 417 17.51 12.52 -0.67
CA THR B 417 16.09 12.31 -0.91
C THR B 417 15.93 12.83 -2.34
N GLY B 418 14.93 12.35 -3.06
CA GLY B 418 14.75 12.76 -4.45
C GLY B 418 14.11 14.11 -4.68
N PRO B 419 14.08 14.57 -5.94
CA PRO B 419 13.49 15.87 -6.26
C PRO B 419 11.98 15.79 -5.99
N ALA B 420 11.43 16.83 -5.39
CA ALA B 420 10.02 16.88 -5.02
C ALA B 420 9.04 16.41 -6.10
N ASP B 421 9.20 16.89 -7.32
CA ASP B 421 8.28 16.50 -8.39
C ASP B 421 8.75 15.42 -9.36
N GLU B 422 9.57 14.51 -8.87
CA GLU B 422 10.05 13.42 -9.68
C GLU B 422 9.76 12.12 -8.97
N LEU B 423 9.68 11.03 -9.72
CA LEU B 423 9.42 9.72 -9.12
C LEU B 423 10.62 8.83 -9.37
N PRO B 424 10.96 7.97 -8.39
CA PRO B 424 12.11 7.08 -8.55
C PRO B 424 11.93 5.91 -9.49
N PRO B 425 13.00 5.52 -10.18
CA PRO B 425 12.94 4.39 -11.12
C PRO B 425 12.89 3.16 -10.21
N TYR B 426 12.44 2.03 -10.73
CA TYR B 426 12.40 0.81 -9.95
C TYR B 426 12.88 -0.36 -10.78
N VAL B 427 13.59 -1.28 -10.13
CA VAL B 427 14.09 -2.47 -10.78
C VAL B 427 13.25 -3.64 -10.28
N VAL B 428 12.48 -4.22 -11.18
CA VAL B 428 11.62 -5.35 -10.84
C VAL B 428 12.42 -6.63 -11.04
N MET B 429 12.61 -7.37 -9.95
CA MET B 429 13.40 -8.60 -10.00
C MET B 429 12.60 -9.88 -9.97
N ALA B 430 12.98 -10.80 -10.85
CA ALA B 430 12.33 -12.12 -10.94
C ALA B 430 13.38 -13.15 -10.51
N HIS B 431 13.11 -13.83 -9.40
CA HIS B 431 14.06 -14.82 -8.88
C HIS B 431 14.18 -16.04 -9.79
N GLY B 432 15.27 -16.78 -9.60
CA GLY B 432 15.51 -17.98 -10.39
C GLY B 432 14.65 -19.14 -9.93
N GLY B 433 14.88 -20.31 -10.53
CA GLY B 433 14.11 -21.47 -10.18
C GLY B 433 13.45 -22.06 -11.41
N PRO B 434 12.19 -21.69 -11.71
CA PRO B 434 11.34 -20.74 -10.97
C PRO B 434 10.74 -21.25 -9.67
N THR B 435 10.80 -22.56 -9.45
CA THR B 435 10.24 -23.15 -8.24
C THR B 435 11.15 -22.86 -7.05
N SER B 436 11.01 -21.64 -6.52
CA SER B 436 11.82 -21.20 -5.40
C SER B 436 11.19 -19.93 -4.82
N ARG B 437 11.82 -19.38 -3.79
CA ARG B 437 11.32 -18.16 -3.16
C ARG B 437 12.47 -17.30 -2.66
N VAL B 438 12.30 -15.97 -2.73
CA VAL B 438 13.33 -15.05 -2.26
C VAL B 438 12.90 -14.49 -0.91
N PRO B 439 13.84 -14.41 0.05
CA PRO B 439 13.53 -13.87 1.37
C PRO B 439 13.71 -12.36 1.42
N ALA B 440 13.28 -11.75 2.52
CA ALA B 440 13.42 -10.32 2.71
C ALA B 440 14.48 -10.07 3.78
N VAL B 441 15.74 -10.27 3.38
CA VAL B 441 16.86 -10.10 4.28
C VAL B 441 17.91 -9.18 3.68
N LEU B 442 18.80 -8.66 4.53
CA LEU B 442 19.85 -7.77 4.07
C LEU B 442 20.57 -8.38 2.88
N ASP B 443 20.62 -7.64 1.79
CA ASP B 443 21.27 -8.09 0.58
C ASP B 443 21.89 -6.86 -0.08
N LEU B 444 23.21 -6.72 0.02
CA LEU B 444 23.87 -5.56 -0.56
C LEU B 444 23.63 -5.41 -2.07
N ASP B 445 23.21 -6.48 -2.74
CA ASP B 445 22.91 -6.39 -4.16
C ASP B 445 21.70 -5.48 -4.35
N VAL B 446 20.80 -5.53 -3.38
CA VAL B 446 19.60 -4.71 -3.41
C VAL B 446 19.93 -3.29 -2.93
N ALA B 447 20.66 -3.21 -1.82
CA ALA B 447 21.05 -1.92 -1.24
C ALA B 447 21.92 -1.12 -2.22
N TYR B 448 22.59 -1.83 -3.12
CA TYR B 448 23.46 -1.19 -4.11
C TYR B 448 22.63 -0.20 -4.93
N PHE B 449 21.39 -0.58 -5.21
CA PHE B 449 20.50 0.26 -5.99
C PHE B 449 19.70 1.22 -5.12
N THR B 450 19.14 0.72 -4.03
CA THR B 450 18.33 1.57 -3.18
C THR B 450 19.09 2.74 -2.56
N SER B 451 20.34 2.50 -2.17
CA SER B 451 21.15 3.55 -1.57
C SER B 451 21.54 4.61 -2.59
N ARG B 452 21.27 4.33 -3.87
CA ARG B 452 21.59 5.30 -4.93
C ARG B 452 20.32 6.01 -5.42
N GLY B 453 19.17 5.63 -4.88
CA GLY B 453 17.93 6.26 -5.28
C GLY B 453 17.07 5.46 -6.23
N ILE B 454 17.36 4.17 -6.37
CA ILE B 454 16.59 3.31 -7.25
C ILE B 454 15.89 2.24 -6.41
N GLY B 455 14.57 2.17 -6.56
CA GLY B 455 13.81 1.19 -5.82
C GLY B 455 13.89 -0.22 -6.38
N VAL B 456 13.56 -1.19 -5.54
CA VAL B 456 13.60 -2.58 -5.94
C VAL B 456 12.30 -3.30 -5.58
N ALA B 457 11.78 -4.06 -6.52
CA ALA B 457 10.56 -4.83 -6.30
C ALA B 457 10.94 -6.28 -6.59
N ASP B 458 11.14 -7.06 -5.53
CA ASP B 458 11.51 -8.47 -5.65
C ASP B 458 10.21 -9.28 -5.61
N VAL B 459 9.81 -9.81 -6.76
CA VAL B 459 8.55 -10.54 -6.87
C VAL B 459 8.58 -12.05 -6.70
N ASN B 460 7.74 -12.55 -5.81
CA ASN B 460 7.62 -13.99 -5.61
C ASN B 460 6.37 -14.39 -6.39
N TYR B 461 6.52 -14.34 -7.71
CA TYR B 461 5.46 -14.64 -8.66
C TYR B 461 4.86 -16.04 -8.54
N GLY B 462 3.69 -16.24 -9.15
CA GLY B 462 3.03 -17.53 -9.12
C GLY B 462 4.01 -18.60 -9.53
N GLY B 463 4.10 -19.67 -8.74
CA GLY B 463 5.03 -20.73 -9.03
C GLY B 463 6.09 -20.76 -7.95
N SER B 464 6.20 -19.67 -7.21
CA SER B 464 7.17 -19.59 -6.13
C SER B 464 6.78 -20.58 -5.03
N THR B 465 7.76 -20.94 -4.20
CA THR B 465 7.51 -21.86 -3.10
C THR B 465 7.27 -21.05 -1.84
N GLY B 466 7.02 -21.74 -0.73
CA GLY B 466 6.76 -21.07 0.52
C GLY B 466 5.29 -20.70 0.71
N TYR B 467 4.46 -20.99 -0.28
CA TYR B 467 3.04 -20.65 -0.19
C TYR B 467 2.03 -21.77 -0.45
N GLY B 468 2.46 -23.02 -0.31
CA GLY B 468 1.54 -24.14 -0.53
C GLY B 468 1.64 -24.70 -1.92
N ARG B 469 1.31 -25.97 -2.08
CA ARG B 469 1.39 -26.61 -3.37
C ARG B 469 0.59 -25.88 -4.45
N ALA B 470 -0.60 -25.40 -4.10
CA ALA B 470 -1.45 -24.70 -5.05
C ALA B 470 -0.76 -23.51 -5.71
N TYR B 471 -0.13 -22.66 -4.91
CA TYR B 471 0.57 -21.48 -5.42
C TYR B 471 1.72 -21.91 -6.31
N ARG B 472 2.41 -22.97 -5.90
CA ARG B 472 3.55 -23.51 -6.65
C ARG B 472 3.08 -24.06 -7.99
N GLU B 473 1.90 -24.69 -7.99
CA GLU B 473 1.31 -25.28 -9.19
C GLU B 473 0.75 -24.27 -10.20
N ARG B 474 0.60 -23.02 -9.79
CA ARG B 474 0.08 -21.99 -10.68
C ARG B 474 0.89 -21.87 -11.95
N LEU B 475 2.16 -22.21 -11.85
CA LEU B 475 3.07 -22.11 -12.98
C LEU B 475 3.09 -23.33 -13.91
N ARG B 476 2.55 -24.46 -13.45
CA ARG B 476 2.53 -25.65 -14.27
C ARG B 476 1.91 -25.34 -15.63
N GLY B 477 2.70 -25.50 -16.70
CA GLY B 477 2.21 -25.25 -18.04
C GLY B 477 2.02 -23.79 -18.37
N ARG B 478 2.33 -22.91 -17.43
CA ARG B 478 2.16 -21.48 -17.63
C ARG B 478 3.43 -20.64 -17.65
N TRP B 479 4.59 -21.29 -17.74
CA TRP B 479 5.85 -20.56 -17.77
C TRP B 479 5.86 -19.63 -18.97
N GLY B 480 6.26 -18.38 -18.73
CA GLY B 480 6.29 -17.40 -19.80
C GLY B 480 5.03 -16.55 -19.78
N VAL B 481 4.05 -16.96 -18.98
CA VAL B 481 2.78 -16.24 -18.86
C VAL B 481 2.57 -15.76 -17.44
N VAL B 482 2.39 -16.69 -16.51
CA VAL B 482 2.17 -16.35 -15.12
C VAL B 482 3.34 -15.57 -14.50
N ASP B 483 4.56 -16.04 -14.72
CA ASP B 483 5.72 -15.36 -14.17
C ASP B 483 5.85 -13.94 -14.75
N VAL B 484 5.64 -13.82 -16.06
CA VAL B 484 5.71 -12.53 -16.71
C VAL B 484 4.57 -11.60 -16.29
N GLU B 485 3.35 -12.12 -16.24
CA GLU B 485 2.20 -11.30 -15.86
C GLU B 485 2.22 -10.85 -14.41
N ASP B 486 2.74 -11.68 -13.51
CA ASP B 486 2.81 -11.33 -12.10
C ASP B 486 3.82 -10.22 -11.84
N CYS B 487 4.98 -10.29 -12.49
CA CYS B 487 5.99 -9.26 -12.31
C CYS B 487 5.47 -7.95 -12.91
N ALA B 488 4.83 -8.05 -14.08
CA ALA B 488 4.29 -6.87 -14.75
C ALA B 488 3.17 -6.25 -13.90
N ALA B 489 2.39 -7.09 -13.23
CA ALA B 489 1.30 -6.58 -12.40
C ALA B 489 1.84 -5.78 -11.23
N VAL B 490 2.93 -6.25 -10.62
CA VAL B 490 3.52 -5.53 -9.50
C VAL B 490 4.14 -4.24 -10.02
N ALA B 491 4.81 -4.32 -11.16
CA ALA B 491 5.44 -3.14 -11.76
C ALA B 491 4.42 -2.05 -12.07
N THR B 492 3.34 -2.42 -12.76
CA THR B 492 2.32 -1.44 -13.12
C THR B 492 1.54 -0.95 -11.89
N ALA B 493 1.39 -1.80 -10.89
CA ALA B 493 0.69 -1.38 -9.68
C ALA B 493 1.52 -0.31 -8.99
N LEU B 494 2.84 -0.48 -8.98
CA LEU B 494 3.71 0.51 -8.34
C LEU B 494 3.60 1.83 -9.09
N ALA B 495 3.43 1.75 -10.40
CA ALA B 495 3.30 2.94 -11.23
C ALA B 495 1.96 3.64 -10.98
N GLU B 496 0.88 2.89 -11.03
CA GLU B 496 -0.45 3.46 -10.84
C GLU B 496 -0.68 4.06 -9.45
N GLU B 497 -0.09 3.45 -8.42
CA GLU B 497 -0.26 3.96 -7.06
C GLU B 497 0.64 5.15 -6.77
N GLY B 498 1.50 5.50 -7.73
CA GLY B 498 2.39 6.63 -7.56
C GLY B 498 3.71 6.36 -6.86
N THR B 499 4.02 5.09 -6.61
CA THR B 499 5.27 4.73 -5.94
C THR B 499 6.49 4.79 -6.87
N ALA B 500 6.35 4.26 -8.07
CA ALA B 500 7.44 4.22 -9.05
C ALA B 500 7.18 5.02 -10.33
N ASP B 501 8.26 5.41 -11.00
CA ASP B 501 8.18 6.16 -12.25
C ASP B 501 7.80 5.17 -13.35
N ARG B 502 6.59 5.30 -13.88
CA ARG B 502 6.10 4.40 -14.92
C ARG B 502 7.01 4.33 -16.15
N ALA B 503 7.73 5.41 -16.43
CA ALA B 503 8.60 5.46 -17.59
C ALA B 503 10.02 4.98 -17.30
N ARG B 504 10.29 4.64 -16.05
CA ARG B 504 11.62 4.18 -15.69
C ARG B 504 11.62 2.93 -14.83
N LEU B 505 11.05 1.87 -15.40
CA LEU B 505 10.99 0.58 -14.71
C LEU B 505 11.92 -0.36 -15.46
N ALA B 506 12.70 -1.13 -14.72
CA ALA B 506 13.60 -2.09 -15.34
C ALA B 506 13.19 -3.48 -14.87
N VAL B 507 13.48 -4.49 -15.67
CA VAL B 507 13.17 -5.86 -15.29
C VAL B 507 14.51 -6.61 -15.31
N ARG B 508 14.74 -7.50 -14.33
CA ARG B 508 15.98 -8.25 -14.30
C ARG B 508 15.84 -9.57 -13.57
N GLY B 509 16.71 -10.50 -13.93
CA GLY B 509 16.68 -11.81 -13.30
C GLY B 509 17.71 -12.72 -13.92
N GLY B 510 18.10 -13.75 -13.20
CA GLY B 510 19.07 -14.70 -13.70
C GLY B 510 18.45 -16.08 -13.82
N ALA B 511 18.98 -16.88 -14.73
CA ALA B 511 18.48 -18.23 -14.94
C ALA B 511 17.00 -18.15 -15.29
N ALA B 512 16.15 -18.79 -14.50
CA ALA B 512 14.72 -18.75 -14.77
C ALA B 512 14.28 -17.28 -14.80
N GLY B 513 14.91 -16.48 -13.93
CA GLY B 513 14.60 -15.06 -13.87
C GLY B 513 15.03 -14.35 -15.13
N GLY B 514 16.07 -14.86 -15.79
CA GLY B 514 16.55 -14.26 -17.03
C GLY B 514 15.52 -14.53 -18.10
N TRP B 515 14.93 -15.73 -18.06
CA TRP B 515 13.89 -16.09 -19.00
C TRP B 515 12.70 -15.14 -18.80
N THR B 516 12.36 -14.87 -17.54
CA THR B 516 11.23 -13.99 -17.24
C THR B 516 11.52 -12.56 -17.72
N ALA B 517 12.74 -12.10 -17.46
CA ALA B 517 13.16 -10.77 -17.85
C ALA B 517 13.12 -10.62 -19.38
N ALA B 518 13.72 -11.56 -20.08
CA ALA B 518 13.72 -11.52 -21.54
C ALA B 518 12.30 -11.66 -22.07
N SER B 519 11.54 -12.62 -21.51
CA SER B 519 10.16 -12.82 -21.94
C SER B 519 9.37 -11.52 -21.79
N SER B 520 9.64 -10.82 -20.70
CA SER B 520 8.97 -9.55 -20.39
C SER B 520 9.31 -8.48 -21.42
N LEU B 521 10.57 -8.44 -21.84
CA LEU B 521 11.01 -7.46 -22.84
C LEU B 521 10.41 -7.79 -24.20
N VAL B 522 10.18 -9.08 -24.45
CA VAL B 522 9.63 -9.52 -25.73
C VAL B 522 8.10 -9.50 -25.82
N SER B 523 7.42 -9.84 -24.73
CA SER B 523 5.97 -9.88 -24.77
C SER B 523 5.21 -8.73 -24.10
N THR B 524 5.92 -7.74 -23.57
CA THR B 524 5.24 -6.60 -22.92
C THR B 524 5.98 -5.31 -23.28
N ASP B 525 5.37 -4.18 -22.94
CA ASP B 525 5.99 -2.89 -23.21
C ASP B 525 6.01 -2.09 -21.90
N VAL B 526 6.09 -2.81 -20.80
CA VAL B 526 6.10 -2.20 -19.48
C VAL B 526 7.46 -1.64 -19.05
N TYR B 527 8.53 -2.33 -19.44
CA TYR B 527 9.87 -1.92 -19.02
C TYR B 527 10.68 -1.08 -19.99
N ALA B 528 11.45 -0.15 -19.42
CA ALA B 528 12.29 0.74 -20.20
C ALA B 528 13.61 0.07 -20.57
N CYS B 529 13.90 -1.06 -19.93
CA CYS B 529 15.13 -1.81 -20.21
C CYS B 529 15.18 -3.05 -19.35
N GLY B 530 16.19 -3.89 -19.56
CA GLY B 530 16.30 -5.10 -18.78
C GLY B 530 17.67 -5.71 -18.74
N THR B 531 17.94 -6.45 -17.67
CA THR B 531 19.21 -7.13 -17.51
C THR B 531 18.90 -8.61 -17.42
N VAL B 532 19.50 -9.38 -18.31
CA VAL B 532 19.26 -10.82 -18.37
C VAL B 532 20.54 -11.61 -18.08
N LEU B 533 20.52 -12.39 -17.00
CA LEU B 533 21.69 -13.20 -16.63
C LEU B 533 21.49 -14.70 -16.89
N TYR B 534 22.46 -15.29 -17.58
CA TYR B 534 22.44 -16.72 -17.91
C TYR B 534 21.03 -17.29 -17.92
N PRO B 535 20.24 -16.89 -18.94
CA PRO B 535 18.84 -17.29 -19.13
C PRO B 535 18.57 -18.47 -20.04
N VAL B 536 17.29 -18.83 -20.10
CA VAL B 536 16.79 -19.86 -20.99
C VAL B 536 16.06 -19.01 -22.03
N LEU B 537 16.55 -19.05 -23.28
CA LEU B 537 15.94 -18.26 -24.34
C LEU B 537 15.48 -19.12 -25.50
N ASP B 538 16.18 -20.23 -25.70
CA ASP B 538 15.91 -21.17 -26.79
C ASP B 538 15.35 -22.47 -26.20
N LEU B 539 14.04 -22.64 -26.25
CA LEU B 539 13.38 -23.81 -25.71
C LEU B 539 13.64 -25.10 -26.49
N LEU B 540 13.57 -25.03 -27.82
CA LEU B 540 13.82 -26.22 -28.63
C LEU B 540 15.23 -26.74 -28.39
N GLY B 541 16.20 -25.83 -28.31
CA GLY B 541 17.58 -26.23 -28.08
C GLY B 541 17.75 -26.77 -26.67
N TRP B 542 17.07 -26.16 -25.71
CA TRP B 542 17.16 -26.57 -24.31
C TRP B 542 16.57 -27.96 -24.13
N ALA B 543 15.45 -28.22 -24.78
CA ALA B 543 14.78 -29.51 -24.69
C ALA B 543 15.54 -30.60 -25.45
N ASP B 544 16.35 -30.17 -26.42
CA ASP B 544 17.13 -31.09 -27.24
C ASP B 544 18.56 -31.28 -26.72
N GLY B 545 18.67 -31.90 -25.54
CA GLY B 545 19.98 -32.14 -24.94
C GLY B 545 20.71 -30.85 -24.61
N GLY B 546 19.95 -29.75 -24.50
CA GLY B 546 20.54 -28.45 -24.21
C GLY B 546 20.74 -28.04 -22.76
N THR B 547 20.57 -28.97 -21.82
CA THR B 547 20.76 -28.64 -20.42
C THR B 547 21.16 -29.88 -19.63
N HIS B 548 21.51 -29.71 -18.36
CA HIS B 548 21.91 -30.84 -17.54
C HIS B 548 20.74 -31.76 -17.27
N ASP B 549 21.05 -32.98 -16.86
CA ASP B 549 20.07 -34.02 -16.60
C ASP B 549 18.93 -33.64 -15.65
N PHE B 550 19.28 -33.11 -14.49
CA PHE B 550 18.31 -32.73 -13.47
C PHE B 550 17.14 -31.87 -13.98
N GLU B 551 17.40 -31.01 -14.97
CA GLU B 551 16.35 -30.16 -15.50
C GLU B 551 16.07 -30.43 -16.97
N SER B 552 16.51 -31.58 -17.47
CA SER B 552 16.31 -31.91 -18.88
C SER B 552 14.86 -32.17 -19.28
N ARG B 553 13.97 -32.29 -18.29
CA ARG B 553 12.55 -32.52 -18.55
C ARG B 553 11.69 -31.56 -17.71
N TYR B 554 12.34 -30.54 -17.17
CA TYR B 554 11.67 -29.53 -16.35
C TYR B 554 10.62 -28.79 -17.17
N LEU B 555 10.85 -28.68 -18.48
CA LEU B 555 9.90 -28.00 -19.35
C LEU B 555 8.56 -28.72 -19.39
N ASP B 556 8.57 -30.02 -19.07
CA ASP B 556 7.32 -30.78 -19.08
C ASP B 556 6.39 -30.11 -18.06
N PHE B 557 6.95 -29.73 -16.93
CA PHE B 557 6.17 -29.06 -15.89
C PHE B 557 5.89 -27.61 -16.27
N LEU B 558 6.94 -26.91 -16.68
CA LEU B 558 6.84 -25.50 -17.05
C LEU B 558 5.93 -25.14 -18.22
N ILE B 559 6.05 -25.83 -19.34
CA ILE B 559 5.19 -25.50 -20.48
C ILE B 559 4.40 -26.69 -21.02
N GLY B 560 4.57 -27.86 -20.41
CA GLY B 560 3.86 -29.04 -20.87
C GLY B 560 4.76 -29.88 -21.75
N SER B 561 4.47 -31.19 -21.83
CA SER B 561 5.28 -32.10 -22.64
C SER B 561 5.35 -31.69 -24.10
N PHE B 562 6.45 -32.04 -24.75
CA PHE B 562 6.66 -31.73 -26.15
C PHE B 562 5.66 -32.48 -27.02
N GLU B 563 5.26 -33.65 -26.54
CA GLU B 563 4.31 -34.49 -27.27
C GLU B 563 2.94 -33.81 -27.37
N GLU B 564 2.47 -33.27 -26.24
CA GLU B 564 1.16 -32.63 -26.21
C GLU B 564 1.13 -31.17 -26.66
N PHE B 565 2.15 -30.38 -26.32
CA PHE B 565 2.17 -28.97 -26.72
C PHE B 565 3.46 -28.59 -27.42
N PRO B 566 3.78 -29.26 -28.53
CA PRO B 566 5.02 -28.93 -29.25
C PRO B 566 5.09 -27.48 -29.70
N GLU B 567 3.94 -26.91 -30.06
CA GLU B 567 3.90 -25.53 -30.53
C GLU B 567 4.40 -24.52 -29.50
N ARG B 568 4.24 -24.84 -28.22
CA ARG B 568 4.68 -23.93 -27.17
C ARG B 568 6.21 -23.81 -27.09
N TYR B 569 6.91 -24.90 -27.38
CA TYR B 569 8.37 -24.88 -27.34
C TYR B 569 8.92 -23.84 -28.30
N ARG B 570 8.11 -23.46 -29.27
CA ARG B 570 8.53 -22.46 -30.24
C ARG B 570 7.91 -21.11 -29.93
N ASP B 571 6.59 -21.09 -29.75
CA ASP B 571 5.87 -19.84 -29.48
C ASP B 571 6.29 -19.10 -28.22
N ARG B 572 6.67 -19.83 -27.17
CA ARG B 572 7.06 -19.18 -25.92
C ARG B 572 8.53 -18.84 -25.79
N ALA B 573 9.37 -19.43 -26.64
CA ALA B 573 10.81 -19.17 -26.57
C ALA B 573 11.09 -17.71 -26.92
N PRO B 574 11.76 -16.99 -26.02
CA PRO B 574 12.10 -15.57 -26.25
C PRO B 574 12.86 -15.38 -27.57
N LEU B 575 13.63 -16.39 -27.95
CA LEU B 575 14.40 -16.35 -29.19
C LEU B 575 13.50 -16.16 -30.40
N THR B 576 12.33 -16.80 -30.37
CA THR B 576 11.38 -16.73 -31.47
C THR B 576 10.93 -15.30 -31.78
N ARG B 577 10.76 -14.49 -30.75
CA ARG B 577 10.32 -13.12 -30.93
C ARG B 577 11.35 -12.12 -30.45
N ALA B 578 12.63 -12.48 -30.60
CA ALA B 578 13.73 -11.64 -30.18
C ALA B 578 13.67 -10.28 -30.88
N ASP B 579 13.11 -10.26 -32.09
CA ASP B 579 13.00 -9.05 -32.87
C ASP B 579 11.97 -8.09 -32.29
N ARG B 580 11.23 -8.56 -31.29
CA ARG B 580 10.21 -7.72 -30.68
C ARG B 580 10.72 -6.89 -29.51
N VAL B 581 11.96 -7.14 -29.09
CA VAL B 581 12.54 -6.37 -28.00
C VAL B 581 12.72 -4.96 -28.54
N ARG B 582 12.19 -3.96 -27.84
CA ARG B 582 12.28 -2.59 -28.31
C ARG B 582 13.02 -1.63 -27.40
N VAL B 583 13.57 -2.14 -26.30
CA VAL B 583 14.31 -1.30 -25.36
C VAL B 583 15.71 -1.86 -25.09
N PRO B 584 16.61 -1.04 -24.53
CA PRO B 584 17.96 -1.50 -24.24
C PRO B 584 18.00 -2.66 -23.24
N PHE B 585 19.00 -3.52 -23.37
CA PHE B 585 19.16 -4.65 -22.46
C PHE B 585 20.61 -5.10 -22.34
N LEU B 586 20.90 -5.74 -21.21
CA LEU B 586 22.25 -6.26 -20.95
C LEU B 586 22.17 -7.77 -20.72
N LEU B 587 23.03 -8.51 -21.41
CA LEU B 587 23.09 -9.96 -21.30
C LEU B 587 24.38 -10.33 -20.57
N LEU B 588 24.27 -11.12 -19.51
CA LEU B 588 25.44 -11.55 -18.74
C LEU B 588 25.47 -13.07 -18.74
N GLN B 589 26.64 -13.66 -18.95
CA GLN B 589 26.74 -15.10 -19.05
C GLN B 589 28.09 -15.72 -18.63
N GLY B 590 28.02 -16.89 -18.00
CA GLY B 590 29.22 -17.61 -17.60
C GLY B 590 29.53 -18.58 -18.74
N LEU B 591 30.76 -18.57 -19.23
CA LEU B 591 31.14 -19.44 -20.34
C LEU B 591 31.21 -20.94 -20.03
N GLU B 592 31.27 -21.30 -18.74
CA GLU B 592 31.34 -22.71 -18.38
C GLU B 592 29.99 -23.22 -17.86
N ASP B 593 28.93 -22.46 -18.08
CA ASP B 593 27.60 -22.81 -17.59
C ASP B 593 26.95 -24.06 -18.21
N PRO B 594 26.78 -25.13 -17.41
CA PRO B 594 26.17 -26.40 -17.85
C PRO B 594 24.64 -26.46 -17.78
N VAL B 595 24.05 -25.50 -17.07
CA VAL B 595 22.58 -25.44 -16.94
C VAL B 595 21.99 -24.63 -18.09
N CYS B 596 22.58 -23.47 -18.34
CA CYS B 596 22.14 -22.59 -19.42
C CYS B 596 23.38 -22.27 -20.24
N PRO B 597 23.69 -23.13 -21.24
CA PRO B 597 24.85 -22.97 -22.13
C PRO B 597 24.89 -21.62 -22.82
N PRO B 598 26.10 -21.03 -22.94
CA PRO B 598 26.25 -19.72 -23.57
C PRO B 598 25.68 -19.65 -24.99
N GLU B 599 25.48 -20.81 -25.63
CA GLU B 599 24.92 -20.82 -26.98
C GLU B 599 23.55 -20.13 -26.98
N GLN B 600 22.84 -20.24 -25.86
CA GLN B 600 21.53 -19.61 -25.71
C GLN B 600 21.67 -18.12 -26.05
N CYS B 601 22.63 -17.46 -25.40
CA CYS B 601 22.88 -16.04 -25.61
C CYS B 601 23.38 -15.72 -27.01
N ASP B 602 24.23 -16.58 -27.55
CA ASP B 602 24.76 -16.35 -28.90
C ASP B 602 23.62 -16.28 -29.92
N ARG B 603 22.74 -17.27 -29.88
CA ARG B 603 21.62 -17.31 -30.81
C ARG B 603 20.66 -16.13 -30.66
N PHE B 604 20.44 -15.68 -29.42
CA PHE B 604 19.54 -14.55 -29.18
C PHE B 604 20.17 -13.28 -29.75
N LEU B 605 21.45 -13.10 -29.49
CA LEU B 605 22.18 -11.92 -29.98
C LEU B 605 22.13 -11.87 -31.51
N GLU B 606 22.29 -13.03 -32.15
CA GLU B 606 22.23 -13.12 -33.60
C GLU B 606 20.86 -12.66 -34.07
N ALA B 607 19.82 -13.25 -33.49
CA ALA B 607 18.45 -12.93 -33.85
C ALA B 607 18.09 -11.45 -33.77
N VAL B 608 18.71 -10.72 -32.84
CA VAL B 608 18.41 -9.30 -32.70
C VAL B 608 19.37 -8.40 -33.47
N ALA B 609 20.47 -8.98 -33.93
CA ALA B 609 21.46 -8.23 -34.69
C ALA B 609 20.78 -7.50 -35.83
N GLY B 610 21.02 -6.19 -35.93
CA GLY B 610 20.43 -5.40 -37.00
C GLY B 610 19.03 -4.85 -36.72
N CYS B 611 18.61 -4.88 -35.46
CA CYS B 611 17.29 -4.37 -35.12
C CYS B 611 17.35 -2.94 -34.56
N GLY B 612 18.57 -2.41 -34.43
CA GLY B 612 18.74 -1.06 -33.93
C GLY B 612 18.53 -0.86 -32.45
N VAL B 613 18.42 -1.96 -31.69
CA VAL B 613 18.22 -1.88 -30.26
C VAL B 613 19.55 -1.85 -29.52
N PRO B 614 19.81 -0.78 -28.75
CA PRO B 614 21.06 -0.68 -28.01
C PRO B 614 21.16 -1.82 -26.99
N HIS B 615 22.27 -2.53 -27.00
CA HIS B 615 22.45 -3.63 -26.07
C HIS B 615 23.91 -4.00 -25.90
N ALA B 616 24.19 -4.81 -24.88
CA ALA B 616 25.55 -5.25 -24.61
C ALA B 616 25.53 -6.68 -24.11
N TYR B 617 26.65 -7.37 -24.30
CA TYR B 617 26.78 -8.75 -23.87
C TYR B 617 28.13 -8.94 -23.20
N LEU B 618 28.12 -9.44 -21.97
CA LEU B 618 29.37 -9.69 -21.28
C LEU B 618 29.41 -11.14 -20.83
N SER B 619 30.43 -11.86 -21.28
CA SER B 619 30.60 -13.26 -20.92
C SER B 619 31.85 -13.38 -20.07
N PHE B 620 31.91 -14.38 -19.20
CA PHE B 620 33.06 -14.56 -18.33
C PHE B 620 33.54 -15.99 -18.31
N GLU B 621 34.79 -16.20 -18.69
CA GLU B 621 35.33 -17.55 -18.65
C GLU B 621 35.69 -17.82 -17.20
N GLY B 622 35.59 -19.08 -16.79
CA GLY B 622 35.91 -19.41 -15.42
C GLY B 622 34.69 -19.34 -14.51
N GLU B 623 33.53 -19.04 -15.09
CA GLU B 623 32.29 -18.98 -14.32
C GLU B 623 31.28 -19.96 -14.88
N GLY B 624 30.60 -20.68 -13.99
CA GLY B 624 29.60 -21.63 -14.41
C GLY B 624 28.23 -20.99 -14.38
N HIS B 625 27.25 -21.69 -13.81
CA HIS B 625 25.90 -21.16 -13.70
C HIS B 625 25.89 -20.32 -12.43
N GLY B 626 25.91 -19.01 -12.60
CA GLY B 626 25.94 -18.12 -11.44
C GLY B 626 27.38 -17.62 -11.32
N PHE B 627 27.57 -16.40 -10.86
CA PHE B 627 28.91 -15.83 -10.72
C PHE B 627 29.45 -15.97 -9.30
N ARG B 628 30.63 -16.56 -9.17
CA ARG B 628 31.24 -16.77 -7.85
C ARG B 628 32.53 -15.98 -7.60
N ARG B 629 33.24 -15.60 -8.65
CA ARG B 629 34.48 -14.85 -8.46
C ARG B 629 34.16 -13.36 -8.20
N LYS B 630 34.84 -12.79 -7.22
CA LYS B 630 34.63 -11.39 -6.85
C LYS B 630 34.73 -10.43 -8.05
N GLU B 631 35.79 -10.57 -8.84
CA GLU B 631 36.00 -9.70 -10.00
C GLU B 631 34.86 -9.79 -11.02
N THR B 632 34.25 -10.97 -11.14
CA THR B 632 33.14 -11.15 -12.08
C THR B 632 31.92 -10.40 -11.56
N MET B 633 31.65 -10.55 -10.26
CA MET B 633 30.51 -9.89 -9.66
C MET B 633 30.60 -8.38 -9.80
N VAL B 634 31.79 -7.84 -9.57
CA VAL B 634 32.01 -6.41 -9.68
C VAL B 634 31.67 -5.90 -11.09
N ARG B 635 32.17 -6.58 -12.11
CA ARG B 635 31.89 -6.16 -13.49
C ARG B 635 30.40 -6.30 -13.82
N ALA B 636 29.83 -7.43 -13.44
CA ALA B 636 28.42 -7.69 -13.72
C ALA B 636 27.53 -6.62 -13.11
N LEU B 637 27.77 -6.29 -11.84
CA LEU B 637 26.97 -5.31 -11.13
C LEU B 637 27.11 -3.89 -11.67
N GLU B 638 28.34 -3.46 -11.90
CA GLU B 638 28.58 -2.11 -12.40
C GLU B 638 28.03 -1.95 -13.81
N ALA B 639 28.12 -3.01 -14.60
CA ALA B 639 27.60 -2.96 -15.97
C ALA B 639 26.08 -2.75 -15.89
N GLU B 640 25.42 -3.51 -15.02
CA GLU B 640 23.98 -3.38 -14.87
C GLU B 640 23.58 -1.97 -14.44
N LEU B 641 24.27 -1.42 -13.44
CA LEU B 641 23.94 -0.07 -12.99
C LEU B 641 24.16 0.94 -14.12
N SER B 642 25.19 0.72 -14.93
CA SER B 642 25.49 1.62 -16.04
C SER B 642 24.35 1.64 -17.04
N LEU B 643 23.78 0.47 -17.34
CA LEU B 643 22.66 0.39 -18.26
C LEU B 643 21.51 1.24 -17.72
N TYR B 644 21.20 1.07 -16.45
CA TYR B 644 20.12 1.81 -15.80
C TYR B 644 20.40 3.32 -15.80
N ALA B 645 21.65 3.69 -15.53
CA ALA B 645 22.03 5.10 -15.49
C ALA B 645 21.78 5.74 -16.85
N GLN B 646 22.24 5.07 -17.90
CA GLN B 646 22.07 5.57 -19.24
C GLN B 646 20.61 5.64 -19.67
N VAL B 647 19.85 4.60 -19.36
CA VAL B 647 18.44 4.59 -19.76
C VAL B 647 17.59 5.53 -18.91
N PHE B 648 17.82 5.56 -17.60
CA PHE B 648 17.04 6.43 -16.73
C PHE B 648 17.52 7.87 -16.76
N GLY B 649 18.64 8.10 -17.43
CA GLY B 649 19.16 9.44 -17.55
C GLY B 649 19.83 10.05 -16.34
N VAL B 650 20.70 9.29 -15.68
CA VAL B 650 21.43 9.80 -14.52
C VAL B 650 22.90 9.45 -14.62
N GLU B 651 23.74 10.27 -13.99
CA GLU B 651 25.16 10.01 -13.97
C GLU B 651 25.49 9.28 -12.69
N VAL B 652 26.09 8.10 -12.82
CA VAL B 652 26.46 7.31 -11.66
C VAL B 652 27.96 7.34 -11.47
N ALA B 653 28.39 7.88 -10.33
CA ALA B 653 29.82 7.97 -10.02
C ALA B 653 30.39 6.62 -9.65
N GLY B 654 31.66 6.41 -10.00
CA GLY B 654 32.34 5.18 -9.67
C GLY B 654 32.17 3.96 -10.54
N VAL B 655 31.37 4.06 -11.60
CA VAL B 655 31.18 2.90 -12.46
C VAL B 655 31.53 3.19 -13.91
N PRO B 656 32.23 2.27 -14.57
CA PRO B 656 32.61 2.46 -15.97
C PRO B 656 31.38 2.48 -16.87
N LEU B 657 31.48 3.20 -17.98
CA LEU B 657 30.38 3.32 -18.91
C LEU B 657 30.22 2.06 -19.76
N LEU B 658 29.05 1.41 -19.65
CA LEU B 658 28.77 0.21 -20.42
C LEU B 658 28.51 0.61 -21.86
N LYS B 659 29.28 0.05 -22.79
CA LYS B 659 29.11 0.37 -24.19
C LYS B 659 27.91 -0.35 -24.78
N LEU B 660 26.88 0.42 -25.09
CA LEU B 660 25.67 -0.13 -25.67
C LEU B 660 25.81 0.02 -27.19
N GLY B 661 25.42 -1.02 -27.93
CA GLY B 661 25.53 -0.97 -29.38
C GLY B 661 24.35 -1.67 -30.00
N GLU B 662 23.93 -1.19 -31.17
CA GLU B 662 22.79 -1.77 -31.87
C GLU B 662 23.19 -2.91 -32.80
S SO4 C . -39.43 6.93 6.05
O1 SO4 C . -39.12 6.88 4.60
O2 SO4 C . -39.62 8.32 6.47
O3 SO4 C . -38.30 6.33 6.80
O4 SO4 C . -40.66 6.16 6.30
S SO4 D . -16.13 -4.98 18.69
O1 SO4 D . -15.33 -6.22 18.69
O2 SO4 D . -15.69 -4.10 17.59
O3 SO4 D . -15.96 -4.29 19.98
O4 SO4 D . -17.55 -5.32 18.49
S SO4 E . -19.54 -16.27 -7.73
O1 SO4 E . -19.70 -16.27 -9.21
O2 SO4 E . -18.62 -15.18 -7.34
O3 SO4 E . -18.96 -17.56 -7.31
O4 SO4 E . -20.86 -16.08 -7.09
S SO4 F . 14.46 -41.55 -18.97
O1 SO4 F . 14.36 -42.18 -20.29
O2 SO4 F . 14.71 -40.11 -19.15
O3 SO4 F . 15.55 -42.16 -18.20
O4 SO4 F . 13.19 -41.73 -18.23
S SO4 G . 21.42 -60.30 7.86
O1 SO4 G . 21.15 -60.37 6.41
O2 SO4 G . 21.38 -58.89 8.31
O3 SO4 G . 22.75 -60.86 8.13
O4 SO4 G . 20.39 -61.06 8.59
#